data_8FM5
#
_entry.id   8FM5
#
_cell.length_a   71.520
_cell.length_b   121.660
_cell.length_c   195.230
_cell.angle_alpha   90.000
_cell.angle_beta   90.000
_cell.angle_gamma   90.000
#
_symmetry.space_group_name_H-M   'P 21 21 21'
#
loop_
_entity.id
_entity.type
_entity.pdbx_description
1 polymer 'Envelope glycoprotein gp120'
2 non-polymer 2-acetamido-2-deoxy-beta-D-glucopyranose
3 non-polymer '3,3,3-trifluoropropyl (2R,3S)-2-(carbamimidamidomethyl)-3-[2-(4-chloro-3-fluoroanilino)(oxo)acetamido]-6-[(methylamino)methyl]-2,3-dihydro-1H-indole-1-carboxylate'
4 water water
#
_entity_poly.entity_id   1
_entity_poly.type   'polypeptide(L)'
_entity_poly.pdbx_seq_one_letter_code
;VWKEAKTTLFCASDAKAYEKEVHNVWATHACVPTDPNPQEMVLANVTENFNMWKNDMVEQMHEDIISLWDESLKPCVKLT
GGSAITQACPKVSFDPIPLHYCAPAGFAILKCNNKTFNGTGPCRNVSTVQCTHGIKPVVSTQLLLNGSLAEEEIIIRSEN
LTNNAKTIIVHLNESVNIVCTRPNNGGSGSGGNIRQAHCNINESKWNNTLQKVGEELAKHFPSKTIKFEPSSGGDLEITT
HSFNCRGEFFYCNTSDLFNGTYRNGTYNHTGRSSNGTITLQCKIKQIINMWQEVGRAIYAPPIEGEITCNSNITGLLLLR
DGGQSNETNDTETFRPGGGDMRDNWRSELYKYKVVEIK
;
_entity_poly.pdbx_strand_id   D,A,C,B
#
loop_
_chem_comp.id
_chem_comp.type
_chem_comp.name
_chem_comp.formula
NAG D-saccharide, beta linking 2-acetamido-2-deoxy-beta-D-glucopyranose 'C8 H15 N O6'
Y2E non-polymer '3,3,3-trifluoropropyl (2R,3S)-2-(carbamimidamidomethyl)-3-[2-(4-chloro-3-fluoroanilino)(oxo)acetamido]-6-[(methylamino)methyl]-2,3-dihydro-1H-indole-1-carboxylate' 'C24 H26 Cl F4 N7 O4'
#
# COMPACT_ATOMS: atom_id res chain seq x y z
N LYS A 6 33.77 33.12 2.28
CA LYS A 6 34.71 33.67 1.30
C LYS A 6 34.37 35.14 1.05
N THR A 7 33.11 35.48 1.32
CA THR A 7 32.56 36.82 1.10
C THR A 7 31.50 37.08 2.17
N THR A 8 30.94 38.29 2.15
CA THR A 8 29.90 38.66 3.10
C THR A 8 28.53 38.44 2.46
N LEU A 9 27.78 37.55 3.07
CA LEU A 9 26.41 37.15 2.78
C LEU A 9 25.40 38.15 3.31
N PHE A 10 24.17 38.02 2.82
CA PHE A 10 23.11 38.91 3.25
C PHE A 10 21.92 38.04 3.65
N CYS A 11 21.02 38.57 4.46
CA CYS A 11 19.91 37.74 4.94
C CYS A 11 18.62 38.16 4.27
N ALA A 12 17.76 37.17 4.05
CA ALA A 12 16.41 37.33 3.53
C ALA A 12 15.42 36.75 4.53
N SER A 13 14.23 37.35 4.65
CA SER A 13 13.25 36.89 5.61
C SER A 13 11.85 37.33 5.21
N ASP A 14 10.84 36.61 5.70
CA ASP A 14 9.46 37.04 5.88
C ASP A 14 9.20 38.02 6.99
N ALA A 15 10.19 38.75 7.48
CA ALA A 15 9.74 39.57 8.60
C ALA A 15 8.74 40.62 8.13
N LYS A 16 8.22 41.34 9.11
CA LYS A 16 7.02 42.12 8.96
C LYS A 16 7.28 43.46 9.60
N ALA A 17 7.24 44.52 8.81
CA ALA A 17 7.58 45.77 9.44
C ALA A 17 6.58 46.09 10.54
N TYR A 18 5.35 45.56 10.43
CA TYR A 18 4.33 45.64 11.48
C TYR A 18 4.44 44.69 12.65
N GLU A 19 5.09 43.54 12.54
CA GLU A 19 5.24 42.78 13.77
C GLU A 19 6.17 43.59 14.66
N LYS A 20 5.73 43.78 15.89
CA LYS A 20 6.60 44.25 16.95
C LYS A 20 7.32 43.08 17.62
N GLU A 21 7.23 41.87 17.09
CA GLU A 21 8.07 40.81 17.60
C GLU A 21 9.50 41.11 17.18
N VAL A 22 10.44 40.92 18.11
CA VAL A 22 11.74 41.56 17.91
C VAL A 22 12.55 40.91 16.80
N HIS A 23 12.41 39.61 16.57
CA HIS A 23 13.05 39.03 15.38
C HIS A 23 12.55 39.71 14.11
N ASN A 24 11.23 39.95 14.03
CA ASN A 24 10.66 40.65 12.88
C ASN A 24 11.24 42.05 12.73
N VAL A 25 11.28 42.82 13.82
CA VAL A 25 11.85 44.16 13.75
C VAL A 25 13.28 44.12 13.24
N TRP A 26 14.11 43.26 13.85
CA TRP A 26 15.51 43.23 13.44
C TRP A 26 15.62 42.88 11.98
N ALA A 27 14.87 41.88 11.53
CA ALA A 27 14.99 41.43 10.15
C ALA A 27 14.49 42.47 9.16
N THR A 28 13.51 43.30 9.55
CA THR A 28 13.05 44.33 8.64
C THR A 28 14.17 45.34 8.39
N HIS A 29 14.90 45.67 9.46
CA HIS A 29 16.08 46.54 9.35
C HIS A 29 17.22 45.87 8.60
N ALA A 30 17.41 44.56 8.79
CA ALA A 30 18.69 43.95 8.43
C ALA A 30 18.63 43.03 7.24
N CYS A 31 17.45 42.54 6.86
CA CYS A 31 17.31 41.54 5.83
C CYS A 31 16.49 42.10 4.67
N VAL A 32 16.59 41.43 3.52
CA VAL A 32 15.79 41.82 2.36
C VAL A 32 14.67 40.81 2.23
N PRO A 33 13.61 41.08 1.49
CA PRO A 33 12.55 40.09 1.37
C PRO A 33 13.03 38.87 0.59
N THR A 34 12.39 37.74 0.90
CA THR A 34 12.73 36.48 0.27
C THR A 34 12.10 36.37 -1.12
N ASP A 35 12.81 35.69 -2.00
CA ASP A 35 12.38 35.59 -3.37
C ASP A 35 11.37 34.46 -3.50
N PRO A 36 10.18 34.75 -4.06
CA PRO A 36 9.00 33.86 -3.88
C PRO A 36 9.16 32.50 -4.54
N ASN A 37 9.82 32.41 -5.70
CA ASN A 37 10.31 31.13 -6.21
C ASN A 37 11.81 31.22 -6.42
N PRO A 38 12.60 30.44 -5.69
CA PRO A 38 14.04 30.48 -5.87
C PRO A 38 14.54 29.43 -6.85
N GLN A 39 15.66 29.73 -7.49
CA GLN A 39 16.29 28.82 -8.44
C GLN A 39 17.21 27.86 -7.68
N GLU A 40 17.02 26.55 -7.88
CA GLU A 40 18.02 25.60 -7.40
C GLU A 40 18.72 25.13 -8.67
N MET A 41 20.01 24.89 -8.77
CA MET A 41 20.30 23.87 -9.79
C MET A 41 20.85 22.60 -9.24
N VAL A 42 20.64 21.53 -9.96
CA VAL A 42 21.21 20.26 -9.56
C VAL A 42 22.47 19.95 -10.37
N LEU A 43 23.36 19.16 -9.76
CA LEU A 43 24.65 18.79 -10.34
C LEU A 43 25.23 17.49 -9.77
N ALA A 44 24.61 16.34 -10.06
CA ALA A 44 24.97 15.09 -9.40
C ALA A 44 26.32 14.54 -9.86
N ASN A 45 26.84 15.01 -11.00
CA ASN A 45 28.14 14.55 -11.43
C ASN A 45 29.26 15.18 -10.62
N VAL A 46 29.00 16.33 -9.99
CA VAL A 46 30.08 17.23 -9.59
C VAL A 46 30.91 16.67 -8.45
N THR A 47 30.25 16.18 -7.39
CA THR A 47 30.88 15.85 -6.11
C THR A 47 31.82 16.95 -5.61
N GLU A 48 31.50 17.65 -4.52
CA GLU A 48 32.55 18.53 -4.00
C GLU A 48 32.76 18.22 -2.52
N ASN A 49 33.70 18.93 -1.91
CA ASN A 49 33.99 18.72 -0.50
C ASN A 49 33.37 19.79 0.38
N PHE A 50 33.12 19.40 1.63
CA PHE A 50 32.41 20.24 2.58
C PHE A 50 33.00 20.02 3.95
N ASN A 51 32.95 21.05 4.80
CA ASN A 51 33.34 20.82 6.19
C ASN A 51 32.54 21.73 7.11
N MET A 52 31.50 21.15 7.74
CA MET A 52 30.60 21.92 8.58
C MET A 52 31.30 22.56 9.76
N TRP A 53 32.47 22.04 10.15
CA TRP A 53 33.16 22.53 11.34
C TRP A 53 34.04 23.72 11.04
N LYS A 54 34.20 24.08 9.78
CA LYS A 54 34.96 25.25 9.36
C LYS A 54 34.22 25.86 8.17
N ASN A 55 33.23 26.70 8.50
CA ASN A 55 32.27 27.27 7.57
C ASN A 55 32.05 28.74 7.95
N ASP A 56 32.55 29.65 7.11
CA ASP A 56 32.33 31.08 7.28
C ASP A 56 30.87 31.44 7.46
N MET A 57 29.95 30.68 6.86
CA MET A 57 28.53 31.01 7.06
C MET A 57 28.18 30.95 8.54
N VAL A 58 28.80 30.04 9.28
CA VAL A 58 28.49 29.92 10.70
C VAL A 58 28.90 31.19 11.44
N GLU A 59 30.10 31.71 11.15
CA GLU A 59 30.54 32.96 11.79
C GLU A 59 29.63 34.13 11.43
N GLN A 60 29.29 34.26 10.15
CA GLN A 60 28.44 35.37 9.75
C GLN A 60 27.09 35.32 10.45
N MET A 61 26.47 34.13 10.50
CA MET A 61 25.22 33.99 11.26
C MET A 61 25.40 34.31 12.73
N HIS A 62 26.46 33.78 13.34
CA HIS A 62 26.70 34.02 14.75
C HIS A 62 26.67 35.51 15.04
N GLU A 63 27.46 36.25 14.26
CA GLU A 63 27.48 37.71 14.31
C GLU A 63 26.09 38.30 14.17
N ASP A 64 25.30 37.84 13.19
CA ASP A 64 23.96 38.39 13.06
C ASP A 64 23.14 38.17 14.33
N ILE A 65 23.16 36.95 14.86
CA ILE A 65 22.28 36.64 16.00
C ILE A 65 22.72 37.41 17.24
N ILE A 66 24.04 37.55 17.41
CA ILE A 66 24.53 38.43 18.48
C ILE A 66 23.94 39.83 18.34
N SER A 67 24.00 40.37 17.12
CA SER A 67 23.46 41.70 16.90
C SER A 67 21.96 41.73 17.21
N LEU A 68 21.24 40.70 16.77
CA LEU A 68 19.79 40.64 16.98
C LEU A 68 19.48 40.61 18.47
N TRP A 69 20.30 39.91 19.26
CA TRP A 69 20.06 39.87 20.70
C TRP A 69 20.42 41.20 21.41
N ASP A 70 21.50 41.92 21.02
CA ASP A 70 21.59 43.37 21.39
C ASP A 70 20.37 44.19 21.08
N GLU A 71 20.03 44.34 19.80
CA GLU A 71 18.75 45.00 19.52
C GLU A 71 17.62 44.55 20.44
N SER A 72 17.47 43.26 20.65
CA SER A 72 16.15 42.76 21.05
C SER A 72 16.00 42.43 22.52
N LEU A 73 16.94 41.71 23.13
CA LEU A 73 16.86 41.35 24.54
C LEU A 73 17.94 42.10 25.30
N LYS A 74 17.71 43.38 25.50
CA LYS A 74 18.60 44.18 26.29
C LYS A 74 18.52 43.76 27.76
N PRO A 75 19.65 43.43 28.40
CA PRO A 75 19.67 43.22 29.85
C PRO A 75 19.59 44.53 30.59
N CYS A 76 18.99 44.47 31.78
CA CYS A 76 19.03 45.61 32.66
C CYS A 76 20.46 45.92 33.04
N VAL A 77 21.27 44.88 33.28
CA VAL A 77 22.68 45.10 33.59
C VAL A 77 23.48 44.07 32.81
N LYS A 78 24.61 44.49 32.23
CA LYS A 78 25.55 43.55 31.63
C LYS A 78 26.90 43.75 32.31
N LEU A 79 27.47 42.69 32.89
CA LEU A 79 28.84 42.72 33.38
C LEU A 79 29.78 41.93 32.49
N THR A 80 30.78 42.62 31.95
CA THR A 80 31.89 42.02 31.23
C THR A 80 33.19 42.64 31.72
N GLY A 81 34.15 41.78 32.06
CA GLY A 81 35.40 42.27 32.59
C GLY A 81 35.14 43.11 33.82
N GLY A 82 35.73 44.30 33.86
CA GLY A 82 35.48 45.19 34.97
C GLY A 82 34.14 45.88 34.88
N SER A 83 33.65 46.10 33.67
CA SER A 83 32.56 47.04 33.45
C SER A 83 31.20 46.43 33.73
N ALA A 84 30.30 47.26 34.25
CA ALA A 84 28.86 47.03 34.23
C ALA A 84 28.19 48.09 33.36
N ILE A 85 27.23 47.66 32.58
CA ILE A 85 26.58 48.45 31.53
C ILE A 85 25.12 48.37 31.92
N THR A 86 24.49 49.49 32.15
CA THR A 86 23.06 49.46 32.45
C THR A 86 22.20 50.14 31.40
N GLN A 87 21.02 49.58 31.13
CA GLN A 87 20.15 50.14 30.10
C GLN A 87 18.75 49.60 30.28
N ALA A 88 17.79 50.24 29.61
CA ALA A 88 16.41 49.83 29.79
C ALA A 88 16.23 48.39 29.31
N CYS A 89 15.43 47.62 30.04
CA CYS A 89 15.23 46.20 29.73
C CYS A 89 13.75 45.87 29.67
N PRO A 90 13.01 46.47 28.72
CA PRO A 90 11.57 46.21 28.64
C PRO A 90 11.31 44.75 28.32
N LYS A 91 10.14 44.27 28.72
CA LYS A 91 9.66 42.98 28.24
C LYS A 91 9.22 43.09 26.78
N VAL A 92 9.51 42.07 25.97
CA VAL A 92 9.25 42.16 24.54
C VAL A 92 8.51 40.93 24.06
N SER A 93 7.96 40.99 22.84
CA SER A 93 7.45 39.78 22.24
C SER A 93 8.59 39.15 21.46
N PHE A 94 8.77 37.86 21.67
CA PHE A 94 9.96 37.13 21.28
C PHE A 94 9.58 35.74 20.83
N ASP A 95 9.74 35.50 19.54
CA ASP A 95 9.45 34.25 18.85
C ASP A 95 10.30 34.14 17.59
N PRO A 96 11.31 33.28 17.56
CA PRO A 96 12.25 33.28 16.43
C PRO A 96 11.55 33.03 15.09
N ILE A 97 12.03 33.72 14.07
CA ILE A 97 11.52 33.57 12.71
C ILE A 97 12.66 33.02 11.86
N PRO A 98 12.35 32.35 10.76
CA PRO A 98 13.42 31.78 9.92
C PRO A 98 14.16 32.87 9.16
N LEU A 99 15.47 32.66 9.01
CA LEU A 99 16.34 33.59 8.31
C LEU A 99 17.04 32.81 7.20
N HIS A 100 17.13 33.40 6.01
CA HIS A 100 17.84 32.76 4.90
C HIS A 100 19.14 33.52 4.67
N TYR A 101 20.23 32.77 4.49
CA TYR A 101 21.51 33.38 4.16
C TYR A 101 21.77 33.24 2.68
N CYS A 102 22.12 34.36 2.03
CA CYS A 102 22.15 34.50 0.59
C CYS A 102 23.52 34.97 0.13
N ALA A 103 23.97 34.36 -0.97
CA ALA A 103 25.25 34.70 -1.60
C ALA A 103 25.09 35.96 -2.45
N PRO A 104 26.00 36.91 -2.34
CA PRO A 104 25.86 38.16 -3.10
C PRO A 104 26.14 37.94 -4.58
N ALA A 105 26.05 38.98 -5.40
CA ALA A 105 26.27 38.82 -6.84
C ALA A 105 27.70 38.35 -7.11
N GLY A 106 27.83 37.33 -7.98
CA GLY A 106 29.12 36.73 -8.32
C GLY A 106 29.47 35.53 -7.47
N PHE A 107 28.63 35.20 -6.52
CA PHE A 107 28.85 34.19 -5.51
C PHE A 107 27.66 33.26 -5.52
N ALA A 108 27.90 32.01 -5.21
CA ALA A 108 26.77 31.09 -5.10
C ALA A 108 26.88 30.30 -3.80
N ILE A 109 25.83 29.57 -3.47
CA ILE A 109 25.87 28.69 -2.32
C ILE A 109 25.63 27.29 -2.85
N LEU A 110 26.60 26.39 -2.63
CA LEU A 110 26.36 24.99 -2.95
C LEU A 110 25.73 24.27 -1.78
N LYS A 111 24.72 23.45 -2.10
CA LYS A 111 24.05 22.61 -1.13
C LYS A 111 24.37 21.15 -1.41
N CYS A 112 24.74 20.42 -0.36
CA CYS A 112 24.94 18.98 -0.46
C CYS A 112 23.60 18.28 -0.38
N ASN A 113 23.24 17.53 -1.43
CA ASN A 113 21.95 16.86 -1.52
C ASN A 113 21.98 15.43 -0.99
N ASN A 114 23.14 14.90 -0.61
CA ASN A 114 23.19 13.53 -0.09
C ASN A 114 22.51 13.51 1.27
N LYS A 115 21.48 12.67 1.40
CA LYS A 115 20.57 12.76 2.53
C LYS A 115 21.25 12.33 3.83
N THR A 116 22.33 11.56 3.72
CA THR A 116 23.05 10.97 4.84
C THR A 116 24.41 11.62 5.07
N PHE A 117 24.70 12.70 4.37
CA PHE A 117 25.95 13.43 4.60
C PHE A 117 26.15 13.83 6.04
N ASN A 118 27.34 13.53 6.55
CA ASN A 118 27.63 13.73 7.96
C ASN A 118 28.23 15.10 8.27
N GLY A 119 28.38 15.96 7.26
CA GLY A 119 28.92 17.30 7.43
C GLY A 119 30.35 17.47 6.99
N THR A 120 31.03 16.37 6.69
CA THR A 120 32.45 16.31 6.38
C THR A 120 32.73 15.49 5.13
N GLY A 121 33.63 16.01 4.31
CA GLY A 121 34.19 15.23 3.23
C GLY A 121 33.49 15.47 1.91
N PRO A 122 33.53 14.48 1.02
CA PRO A 122 32.94 14.63 -0.31
C PRO A 122 31.48 14.25 -0.37
N CYS A 123 30.75 15.00 -1.20
CA CYS A 123 29.30 14.88 -1.42
C CYS A 123 29.06 14.75 -2.92
N ARG A 124 28.36 13.70 -3.34
CA ARG A 124 28.26 13.44 -4.77
C ARG A 124 27.24 14.33 -5.44
N ASN A 125 26.01 14.37 -4.92
CA ASN A 125 24.94 15.16 -5.53
C ASN A 125 25.00 16.56 -4.92
N VAL A 126 25.18 17.59 -5.75
CA VAL A 126 25.36 18.96 -5.28
C VAL A 126 24.45 19.87 -6.10
N SER A 127 23.98 20.94 -5.45
CA SER A 127 23.15 21.96 -6.06
C SER A 127 23.80 23.34 -5.90
N THR A 128 23.38 24.30 -6.72
CA THR A 128 23.68 25.71 -6.50
C THR A 128 22.38 26.45 -6.17
N VAL A 129 22.46 27.38 -5.22
CA VAL A 129 21.30 28.14 -4.79
C VAL A 129 21.71 29.57 -4.45
N GLN A 130 20.74 30.48 -4.59
CA GLN A 130 20.80 31.82 -4.00
C GLN A 130 21.08 31.78 -2.51
N CYS A 131 20.22 31.07 -1.79
CA CYS A 131 20.05 31.23 -0.36
C CYS A 131 19.84 29.88 0.28
N THR A 132 20.21 29.77 1.54
CA THR A 132 19.89 28.62 2.35
C THR A 132 18.40 28.53 2.58
N HIS A 133 17.98 27.39 3.11
CA HIS A 133 16.62 27.32 3.61
C HIS A 133 16.47 28.26 4.79
N GLY A 134 15.23 28.34 5.29
CA GLY A 134 14.96 29.25 6.38
C GLY A 134 15.38 28.63 7.69
N ILE A 135 16.28 29.29 8.43
CA ILE A 135 16.82 28.75 9.67
C ILE A 135 16.34 29.62 10.81
N LYS A 136 15.59 29.03 11.78
CA LYS A 136 15.26 29.83 12.97
C LYS A 136 16.47 29.86 13.90
N PRO A 137 16.90 31.04 14.31
CA PRO A 137 18.08 31.15 15.19
C PRO A 137 17.76 30.87 16.66
N VAL A 138 17.57 29.60 16.98
CA VAL A 138 17.10 29.20 18.32
C VAL A 138 18.30 28.96 19.22
N VAL A 139 18.41 29.74 20.28
CA VAL A 139 19.51 29.64 21.24
C VAL A 139 19.10 28.64 22.33
N SER A 140 19.91 27.59 22.53
CA SER A 140 19.67 26.59 23.56
C SER A 140 20.93 25.75 23.80
N THR A 141 20.93 25.00 24.92
CA THR A 141 21.95 23.99 25.19
C THR A 141 21.26 22.63 25.28
N GLN A 142 22.06 21.53 25.24
CA GLN A 142 21.53 20.16 25.35
C GLN A 142 20.60 19.74 24.24
N LEU A 143 19.46 20.38 24.06
CA LEU A 143 18.56 19.99 22.99
C LEU A 143 18.54 21.05 21.90
N LEU A 144 18.60 20.61 20.65
CA LEU A 144 18.37 21.52 19.52
C LEU A 144 16.87 21.53 19.23
N LEU A 145 16.28 22.72 19.18
CA LEU A 145 14.84 22.90 19.14
C LEU A 145 14.45 23.50 17.80
N ASN A 146 13.34 23.02 17.24
CA ASN A 146 12.72 23.68 16.10
C ASN A 146 13.64 23.69 14.88
N GLY A 147 14.58 22.76 14.78
CA GLY A 147 15.41 22.67 13.60
C GLY A 147 14.70 21.89 12.50
N SER A 148 15.46 21.52 11.49
CA SER A 148 14.94 20.70 10.41
C SER A 148 15.47 19.28 10.57
N LEU A 149 14.58 18.30 10.39
CA LEU A 149 14.94 16.91 10.66
C LEU A 149 15.74 16.32 9.48
N ALA A 150 16.59 15.35 9.80
CA ALA A 150 17.28 14.59 8.75
C ALA A 150 16.27 13.75 7.98
N GLU A 151 16.44 13.60 6.66
CA GLU A 151 15.32 13.08 5.88
C GLU A 151 15.27 11.55 5.89
N GLU A 152 16.42 10.90 6.07
CA GLU A 152 16.54 9.45 6.16
C GLU A 152 17.01 8.94 7.51
N GLU A 153 18.28 8.74 7.78
CA GLU A 153 18.53 8.20 9.11
C GLU A 153 19.00 9.29 10.09
N ILE A 154 19.00 8.95 11.37
CA ILE A 154 19.67 9.79 12.37
C ILE A 154 21.12 9.92 11.97
N ILE A 155 21.64 11.16 11.94
CA ILE A 155 23.02 11.41 11.54
C ILE A 155 23.83 11.80 12.77
N ILE A 156 25.06 11.30 12.85
CA ILE A 156 25.99 11.65 13.92
C ILE A 156 27.06 12.53 13.30
N ARG A 157 27.20 13.77 13.79
CA ARG A 157 28.21 14.69 13.29
C ARG A 157 29.19 15.05 14.38
N SER A 158 30.47 15.10 14.02
CA SER A 158 31.49 15.52 14.96
C SER A 158 32.70 15.94 14.16
N GLU A 159 33.42 16.95 14.65
CA GLU A 159 34.65 17.34 14.00
C GLU A 159 35.63 16.18 14.02
N ASN A 160 35.56 15.35 15.08
CA ASN A 160 36.48 14.26 15.37
C ASN A 160 35.92 13.35 16.46
N LEU A 161 35.25 12.26 16.11
CA LEU A 161 34.62 11.42 17.11
C LEU A 161 35.62 10.81 18.08
N THR A 162 36.87 10.66 17.68
CA THR A 162 37.85 10.05 18.58
C THR A 162 38.25 11.01 19.68
N ASN A 163 38.10 12.31 19.41
CA ASN A 163 38.42 13.36 20.38
C ASN A 163 37.20 13.65 21.26
N ASN A 164 37.26 13.21 22.51
CA ASN A 164 36.08 13.32 23.37
C ASN A 164 35.71 14.75 23.71
N ALA A 165 36.64 15.69 23.56
CA ALA A 165 36.42 17.12 23.73
C ALA A 165 35.64 17.77 22.61
N LYS A 166 35.45 17.10 21.47
CA LYS A 166 34.69 17.69 20.36
C LYS A 166 33.21 17.37 20.49
N THR A 167 32.39 18.40 20.40
CA THR A 167 30.95 18.26 20.52
C THR A 167 30.40 17.33 19.45
N ILE A 168 29.45 16.47 19.83
CA ILE A 168 28.72 15.62 18.89
C ILE A 168 27.35 16.23 18.65
N ILE A 169 26.95 16.35 17.39
CA ILE A 169 25.60 16.77 17.04
C ILE A 169 24.86 15.54 16.55
N VAL A 170 23.76 15.21 17.19
CA VAL A 170 22.86 14.17 16.72
C VAL A 170 21.73 14.86 15.97
N HIS A 171 21.58 14.52 14.69
CA HIS A 171 20.50 15.02 13.84
C HIS A 171 19.42 13.95 13.75
N LEU A 172 18.28 14.26 14.31
CA LEU A 172 17.18 13.33 14.45
C LEU A 172 16.34 13.32 13.18
N ASN A 173 15.79 12.13 12.84
CA ASN A 173 14.88 12.06 11.67
C ASN A 173 13.42 12.15 12.09
N GLU A 174 13.16 12.05 13.37
CA GLU A 174 11.85 12.21 13.96
C GLU A 174 11.92 13.07 15.20
N SER A 175 11.09 14.11 15.22
CA SER A 175 11.09 15.11 16.29
C SER A 175 10.41 14.57 17.52
N VAL A 176 10.79 15.11 18.67
CA VAL A 176 10.24 14.74 19.96
C VAL A 176 9.65 15.99 20.58
N ASN A 177 8.36 15.98 20.85
CA ASN A 177 7.71 17.16 21.39
C ASN A 177 8.21 17.42 22.81
N ILE A 178 8.44 18.69 23.14
CA ILE A 178 8.71 19.09 24.51
C ILE A 178 7.85 20.31 24.80
N VAL A 179 7.03 20.23 25.84
CA VAL A 179 6.15 21.34 26.19
C VAL A 179 6.61 21.90 27.52
N CYS A 180 7.03 23.17 27.52
CA CYS A 180 7.54 23.80 28.73
C CYS A 180 6.62 24.94 29.09
N THR A 181 6.31 25.04 30.39
CA THR A 181 5.33 26.03 30.82
C THR A 181 5.66 26.46 32.24
N ARG A 182 5.52 27.76 32.48
CA ARG A 182 5.43 28.33 33.80
C ARG A 182 3.95 28.66 33.96
N PRO A 183 3.24 28.02 34.87
CA PRO A 183 1.79 28.19 34.92
C PRO A 183 1.37 29.51 35.55
N ASN A 184 0.28 30.04 35.01
CA ASN A 184 -0.53 30.98 35.74
C ASN A 184 -1.60 30.16 36.41
N ASN A 193 5.70 29.64 43.64
CA ASN A 193 6.88 30.37 43.20
C ASN A 193 6.84 30.53 41.69
N ILE A 194 7.26 31.69 41.20
CA ILE A 194 6.72 32.14 39.94
C ILE A 194 7.84 32.12 38.89
N ARG A 195 9.08 31.84 39.34
CA ARG A 195 10.20 31.16 38.69
C ARG A 195 9.98 29.67 38.37
N GLN A 196 9.05 28.99 39.05
CA GLN A 196 8.92 27.54 38.88
C GLN A 196 8.29 27.19 37.54
N ALA A 197 8.83 26.18 36.85
CA ALA A 197 8.20 25.74 35.61
C ALA A 197 8.49 24.27 35.39
N HIS A 198 7.96 23.74 34.29
CA HIS A 198 8.23 22.32 34.05
C HIS A 198 8.05 22.04 32.57
N CYS A 199 8.70 20.97 32.10
CA CYS A 199 8.56 20.51 30.73
C CYS A 199 8.07 19.07 30.73
N ASN A 200 7.20 18.74 29.78
CA ASN A 200 6.74 17.37 29.61
C ASN A 200 7.20 16.84 28.26
N ILE A 201 7.74 15.61 28.31
CA ILE A 201 8.12 14.84 27.13
C ILE A 201 7.48 13.47 27.23
N ASN A 202 6.89 12.99 26.15
CA ASN A 202 6.29 11.66 26.14
C ASN A 202 7.40 10.58 26.24
N GLU A 203 7.36 9.78 27.30
CA GLU A 203 8.43 8.78 27.48
C GLU A 203 8.52 7.77 26.34
N SER A 204 7.42 7.43 25.67
CA SER A 204 7.50 6.49 24.55
C SER A 204 8.45 6.99 23.47
N LYS A 205 8.15 8.16 22.87
CA LYS A 205 9.14 8.78 22.00
C LYS A 205 10.52 8.95 22.57
N TRP A 206 10.66 9.52 23.75
CA TRP A 206 12.04 9.71 24.16
C TRP A 206 12.76 8.38 24.13
N ASN A 207 12.01 7.33 24.42
CA ASN A 207 12.52 5.99 24.64
C ASN A 207 12.97 5.39 23.31
N ASN A 208 12.06 5.42 22.32
CA ASN A 208 12.40 5.11 20.94
C ASN A 208 13.66 5.84 20.50
N THR A 209 13.61 7.18 20.54
CA THR A 209 14.68 7.94 19.90
C THR A 209 16.03 7.62 20.53
N LEU A 210 16.09 7.46 21.86
CA LEU A 210 17.41 7.08 22.37
C LEU A 210 17.82 5.66 22.00
N GLN A 211 16.86 4.75 21.82
CA GLN A 211 17.23 3.45 21.26
C GLN A 211 17.87 3.62 19.87
N LYS A 212 17.36 4.55 19.10
CA LYS A 212 17.79 4.66 17.70
C LYS A 212 19.12 5.43 17.62
N VAL A 213 19.25 6.46 18.48
CA VAL A 213 20.50 7.17 18.66
C VAL A 213 21.57 6.22 19.18
N GLY A 214 21.23 5.40 20.16
CA GLY A 214 22.18 4.42 20.67
C GLY A 214 22.62 3.44 19.60
N GLU A 215 21.73 3.06 18.69
CA GLU A 215 22.12 2.15 17.62
C GLU A 215 23.20 2.80 16.75
N GLU A 216 22.94 4.04 16.29
CA GLU A 216 23.94 4.76 15.47
C GLU A 216 25.26 4.97 16.22
N LEU A 217 25.17 5.39 17.48
CA LEU A 217 26.37 5.59 18.26
C LEU A 217 27.12 4.27 18.42
N ALA A 218 26.39 3.15 18.42
CA ALA A 218 27.05 1.85 18.52
C ALA A 218 27.78 1.53 17.23
N LYS A 219 27.17 1.85 16.09
CA LYS A 219 27.89 1.73 14.82
C LYS A 219 29.24 2.42 14.90
N HIS A 220 29.33 3.58 15.58
CA HIS A 220 30.65 4.22 15.64
C HIS A 220 31.53 3.76 16.79
N PHE A 221 30.96 3.13 17.83
CA PHE A 221 31.72 2.55 18.93
C PHE A 221 31.17 1.16 19.20
N PRO A 222 31.63 0.14 18.49
CA PRO A 222 30.87 -1.12 18.45
C PRO A 222 31.04 -2.04 19.64
N SER A 223 32.26 -2.18 20.18
CA SER A 223 32.43 -3.10 21.31
C SER A 223 31.66 -2.61 22.53
N LYS A 224 31.60 -1.30 22.71
CA LYS A 224 31.20 -0.71 23.98
C LYS A 224 29.68 -0.74 24.21
N THR A 225 29.31 -0.78 25.48
CA THR A 225 27.95 -0.47 25.91
C THR A 225 27.75 1.04 25.85
N ILE A 226 26.56 1.51 25.44
CA ILE A 226 26.34 2.96 25.22
C ILE A 226 25.47 3.50 26.35
N LYS A 227 26.01 4.32 27.26
CA LYS A 227 25.11 4.97 28.20
C LYS A 227 24.97 6.47 28.03
N PHE A 228 23.79 6.94 28.45
CA PHE A 228 23.39 8.34 28.51
C PHE A 228 23.25 8.74 29.98
N GLU A 229 23.96 9.79 30.39
CA GLU A 229 23.96 10.23 31.77
C GLU A 229 23.89 11.76 31.79
N PRO A 230 23.44 12.35 32.89
CA PRO A 230 23.30 13.82 32.93
C PRO A 230 24.62 14.54 32.87
N SER A 231 24.55 15.83 32.57
CA SER A 231 25.72 16.67 32.56
C SER A 231 26.39 16.68 33.92
N SER A 232 27.70 16.41 33.92
CA SER A 232 28.45 16.30 35.16
C SER A 232 28.52 17.63 35.88
N GLY A 233 29.06 18.65 35.22
CA GLY A 233 29.27 19.93 35.89
C GLY A 233 29.44 21.06 34.91
N GLY A 234 29.57 22.26 35.48
CA GLY A 234 29.70 23.46 34.69
C GLY A 234 28.67 24.48 35.12
N ASP A 235 28.58 25.57 34.36
CA ASP A 235 27.55 26.54 34.65
C ASP A 235 26.17 25.95 34.38
N LEU A 236 25.19 26.56 35.02
CA LEU A 236 23.84 26.03 34.99
C LEU A 236 23.28 26.05 33.56
N GLU A 237 23.74 26.99 32.73
CA GLU A 237 23.28 27.04 31.35
C GLU A 237 23.60 25.77 30.57
N ILE A 238 24.66 25.05 30.92
CA ILE A 238 25.01 23.83 30.20
C ILE A 238 24.74 22.57 30.99
N THR A 239 24.56 22.65 32.31
CA THR A 239 24.16 21.46 33.04
C THR A 239 22.67 21.24 33.05
N THR A 240 21.90 22.21 32.56
CA THR A 240 20.48 22.07 32.31
C THR A 240 20.22 22.42 30.85
N HIS A 241 19.03 22.04 30.40
CA HIS A 241 18.55 22.42 29.08
C HIS A 241 18.06 23.84 29.24
N SER A 242 18.82 24.80 28.74
CA SER A 242 18.50 26.21 28.90
C SER A 242 18.10 26.78 27.55
N PHE A 243 17.12 27.69 27.57
CA PHE A 243 16.58 28.24 26.33
C PHE A 243 15.75 29.46 26.70
N ASN A 244 15.35 30.21 25.68
CA ASN A 244 14.53 31.43 25.93
C ASN A 244 13.11 31.17 25.45
N CYS A 245 12.13 31.25 26.35
CA CYS A 245 10.73 31.13 25.91
C CYS A 245 10.02 32.47 26.08
N ARG A 246 9.57 33.07 24.98
CA ARG A 246 8.78 34.33 25.07
C ARG A 246 9.54 35.37 25.92
N GLY A 247 10.85 35.50 25.70
CA GLY A 247 11.66 36.45 26.48
C GLY A 247 12.26 35.94 27.79
N GLU A 248 11.66 34.91 28.41
CA GLU A 248 12.15 34.47 29.71
C GLU A 248 13.17 33.34 29.56
N PHE A 249 14.20 33.32 30.41
CA PHE A 249 15.24 32.31 30.33
C PHE A 249 14.90 31.11 31.22
N PHE A 250 14.59 29.97 30.58
CA PHE A 250 14.28 28.72 31.26
C PHE A 250 15.52 27.87 31.40
N TYR A 251 15.69 27.27 32.57
CA TYR A 251 16.73 26.30 32.92
C TYR A 251 16.04 25.03 33.40
N CYS A 252 16.14 23.94 32.61
CA CYS A 252 15.33 22.75 32.83
C CYS A 252 16.20 21.53 33.11
N ASN A 253 16.01 20.93 34.28
CA ASN A 253 16.80 19.77 34.69
C ASN A 253 16.53 18.58 33.78
N THR A 254 17.61 17.98 33.26
CA THR A 254 17.48 16.84 32.34
C THR A 254 18.00 15.54 32.95
N SER A 255 18.11 15.47 34.28
CA SER A 255 18.57 14.24 34.93
C SER A 255 17.71 13.04 34.58
N ASP A 256 16.42 13.24 34.35
CA ASP A 256 15.55 12.14 33.99
C ASP A 256 15.51 11.89 32.50
N LEU A 257 16.16 12.75 31.72
CA LEU A 257 16.16 12.62 30.27
C LEU A 257 17.40 11.88 29.76
N PHE A 258 18.59 12.32 30.16
CA PHE A 258 19.82 11.67 29.77
C PHE A 258 20.22 10.72 30.89
N ASN A 259 19.59 9.54 30.84
CA ASN A 259 19.56 8.59 31.96
C ASN A 259 19.08 7.26 31.37
N GLY A 260 20.03 6.47 30.89
CA GLY A 260 19.62 5.25 30.22
C GLY A 260 20.84 4.49 29.74
N THR A 261 20.59 3.21 29.43
CA THR A 261 21.64 2.33 28.92
C THR A 261 21.18 1.60 27.67
N TYR A 262 22.04 1.55 26.67
CA TYR A 262 21.80 0.81 25.43
C TYR A 262 22.83 -0.31 25.50
N ARG A 263 22.37 -1.52 25.86
CA ARG A 263 23.29 -2.62 26.16
C ARG A 263 23.58 -3.46 24.93
N ASN A 264 22.55 -4.09 24.40
CA ASN A 264 22.81 -5.27 23.61
C ASN A 264 21.69 -5.28 22.58
N GLY A 265 21.75 -4.32 21.67
CA GLY A 265 20.66 -4.04 20.74
C GLY A 265 19.43 -3.41 21.35
N THR A 266 19.41 -3.16 22.67
CA THR A 266 18.22 -2.68 23.35
C THR A 266 18.53 -1.50 24.27
N TYR A 267 17.63 -0.52 24.31
CA TYR A 267 17.73 0.61 25.22
C TYR A 267 16.80 0.44 26.41
N ASN A 268 17.36 0.60 27.61
CA ASN A 268 16.65 0.69 28.89
C ASN A 268 16.66 2.14 29.37
N HIS A 269 15.49 2.69 29.71
CA HIS A 269 15.50 4.04 30.24
C HIS A 269 15.58 3.99 31.77
N THR A 270 16.70 4.49 32.31
CA THR A 270 16.96 4.60 33.75
C THR A 270 16.28 5.81 34.39
N GLY A 271 15.92 6.84 33.62
CA GLY A 271 15.30 8.00 34.21
C GLY A 271 13.89 7.71 34.69
N ARG A 272 13.41 8.50 35.65
CA ARG A 272 12.15 8.17 36.25
C ARG A 272 11.05 8.92 35.53
N SER A 273 9.90 8.25 35.34
CA SER A 273 8.76 8.84 34.67
C SER A 273 7.48 8.44 35.41
N SER A 274 6.39 9.16 35.12
CA SER A 274 5.09 8.82 35.69
C SER A 274 4.01 9.14 34.67
N ASN A 275 3.08 8.19 34.56
CA ASN A 275 2.02 8.15 33.54
C ASN A 275 2.62 8.18 32.14
N GLY A 276 3.83 7.64 32.00
CA GLY A 276 4.47 7.60 30.69
C GLY A 276 4.84 8.97 30.18
N THR A 277 5.22 9.86 31.08
CA THR A 277 5.58 11.24 30.76
C THR A 277 6.79 11.57 31.62
N ILE A 278 7.86 12.05 31.00
CA ILE A 278 9.01 12.56 31.73
C ILE A 278 8.74 14.02 31.97
N THR A 279 8.89 14.46 33.21
CA THR A 279 8.68 15.85 33.57
C THR A 279 9.96 16.45 34.11
N LEU A 280 10.35 17.58 33.53
CA LEU A 280 11.58 18.28 33.84
C LEU A 280 11.23 19.47 34.72
N GLN A 281 11.86 19.58 35.86
CA GLN A 281 11.71 20.75 36.70
C GLN A 281 12.60 21.89 36.20
N CYS A 282 11.98 23.04 35.95
CA CYS A 282 12.64 24.22 35.39
C CYS A 282 12.57 25.37 36.36
N LYS A 283 13.52 26.30 36.20
CA LYS A 283 13.48 27.56 36.92
C LYS A 283 13.64 28.65 35.85
N ILE A 284 12.94 29.77 36.01
CA ILE A 284 13.19 30.94 35.19
C ILE A 284 14.19 31.81 35.92
N LYS A 285 15.29 32.17 35.26
CA LYS A 285 16.35 32.87 35.97
C LYS A 285 16.53 34.29 35.47
N GLN A 286 17.17 35.13 36.30
CA GLN A 286 17.38 36.50 35.87
C GLN A 286 18.85 36.81 35.67
N ILE A 287 19.76 36.11 36.36
CA ILE A 287 21.19 36.25 36.13
C ILE A 287 21.63 35.17 35.15
N ILE A 288 22.09 35.59 33.97
CA ILE A 288 22.37 34.74 32.83
C ILE A 288 23.85 34.82 32.53
N ASN A 289 24.51 33.66 32.43
CA ASN A 289 25.82 33.60 31.80
C ASN A 289 25.63 33.66 30.29
N MET A 290 26.30 34.62 29.65
CA MET A 290 25.97 34.96 28.27
C MET A 290 26.58 33.96 27.30
N TRP A 291 25.86 33.67 26.22
CA TRP A 291 26.44 32.86 25.17
C TRP A 291 27.22 33.69 24.16
N GLN A 292 26.98 35.01 24.10
CA GLN A 292 27.64 35.88 23.14
C GLN A 292 29.09 36.17 23.50
N GLU A 293 29.39 36.36 24.79
CA GLU A 293 30.75 36.68 25.22
C GLU A 293 30.87 36.15 26.64
N VAL A 294 32.08 36.18 27.17
CA VAL A 294 32.24 35.80 28.57
C VAL A 294 31.69 36.96 29.41
N GLY A 295 30.57 36.73 30.08
CA GLY A 295 29.96 37.81 30.85
C GLY A 295 28.63 37.37 31.42
N ARG A 296 28.13 38.19 32.33
CA ARG A 296 26.80 38.06 32.94
C ARG A 296 25.83 39.15 32.52
N ALA A 297 24.57 38.75 32.34
CA ALA A 297 23.48 39.66 32.01
C ALA A 297 22.37 39.47 33.03
N ILE A 298 21.75 40.56 33.46
CA ILE A 298 20.70 40.54 34.47
C ILE A 298 19.45 41.16 33.84
N TYR A 299 18.34 40.42 33.92
CA TYR A 299 17.06 40.73 33.31
C TYR A 299 16.02 40.93 34.42
N ALA A 300 14.88 41.52 34.06
CA ALA A 300 13.83 41.77 35.03
C ALA A 300 13.05 40.50 35.34
N PRO A 301 12.25 40.50 36.41
CA PRO A 301 11.52 39.28 36.81
C PRO A 301 10.48 38.88 35.76
N PRO A 302 9.86 37.71 35.90
CA PRO A 302 9.06 37.19 34.78
C PRO A 302 7.79 37.98 34.57
N ILE A 303 7.42 38.12 33.30
CA ILE A 303 6.07 38.56 32.93
C ILE A 303 5.02 37.66 33.56
N GLU A 304 3.81 38.18 33.65
CA GLU A 304 2.79 37.48 34.40
C GLU A 304 1.96 36.54 33.52
N GLY A 305 1.24 35.65 34.17
CA GLY A 305 0.45 34.73 33.38
C GLY A 305 1.23 33.48 33.01
N GLU A 306 0.68 32.74 32.05
CA GLU A 306 1.26 31.47 31.63
C GLU A 306 2.31 31.70 30.55
N ILE A 307 3.53 31.24 30.79
CA ILE A 307 4.54 31.27 29.75
C ILE A 307 4.70 29.85 29.25
N THR A 308 4.34 29.61 27.98
CA THR A 308 4.44 28.26 27.44
C THR A 308 5.07 28.26 26.08
N CYS A 309 5.99 27.30 25.86
CA CYS A 309 6.58 27.06 24.55
C CYS A 309 6.37 25.59 24.22
N ASN A 310 5.85 25.32 23.02
CA ASN A 310 5.62 23.97 22.53
C ASN A 310 6.65 23.75 21.44
N SER A 311 7.66 22.92 21.69
CA SER A 311 8.78 22.88 20.77
C SER A 311 9.00 21.46 20.27
N ASN A 312 9.67 21.35 19.12
CA ASN A 312 10.14 20.04 18.66
C ASN A 312 11.64 19.92 18.93
N ILE A 313 12.03 18.92 19.74
CA ILE A 313 13.42 18.49 19.73
C ILE A 313 13.72 17.87 18.38
N THR A 314 14.68 18.47 17.66
CA THR A 314 15.13 17.94 16.38
C THR A 314 16.59 17.51 16.40
N GLY A 315 17.32 17.70 17.50
CA GLY A 315 18.70 17.26 17.52
C GLY A 315 19.21 17.30 18.94
N LEU A 316 20.37 16.68 19.16
CA LEU A 316 20.97 16.68 20.49
C LEU A 316 22.41 17.16 20.39
N LEU A 317 22.90 17.75 21.48
CA LEU A 317 24.32 18.07 21.62
C LEU A 317 24.88 17.19 22.72
N LEU A 318 25.90 16.37 22.39
CA LEU A 318 26.42 15.38 23.31
C LEU A 318 27.94 15.51 23.43
N LEU A 319 28.46 15.03 24.55
CA LEU A 319 29.89 14.96 24.81
C LEU A 319 30.21 13.58 25.37
N ARG A 320 31.23 12.93 24.80
CA ARG A 320 31.71 11.64 25.27
C ARG A 320 32.72 11.80 26.40
N ASP A 321 32.59 10.93 27.39
CA ASP A 321 33.62 10.80 28.44
C ASP A 321 34.90 10.14 27.91
N ASP A 330 34.20 -2.60 27.07
CA ASP A 330 34.10 -1.56 28.08
C ASP A 330 32.89 -0.67 27.75
N THR A 331 32.85 0.57 28.23
CA THR A 331 31.66 1.40 28.09
C THR A 331 32.02 2.79 27.58
N GLU A 332 31.22 3.33 26.66
CA GLU A 332 31.27 4.72 26.27
C GLU A 332 30.03 5.42 26.78
N THR A 333 30.21 6.60 27.35
CA THR A 333 29.11 7.19 28.10
C THR A 333 28.93 8.63 27.62
N PHE A 334 27.70 9.01 27.26
CA PHE A 334 27.42 10.29 26.62
C PHE A 334 26.57 11.20 27.50
N ARG A 335 27.01 12.45 27.64
CA ARG A 335 26.30 13.43 28.43
C ARG A 335 25.90 14.63 27.58
N PRO A 336 24.83 15.31 27.91
CA PRO A 336 24.43 16.46 27.09
C PRO A 336 25.43 17.59 27.19
N GLY A 337 25.64 18.27 26.06
CA GLY A 337 26.54 19.40 26.02
C GLY A 337 25.91 20.69 25.56
N GLY A 338 26.72 21.57 24.98
CA GLY A 338 26.27 22.86 24.53
C GLY A 338 27.09 23.96 25.16
N GLY A 339 26.77 25.19 24.74
CA GLY A 339 27.42 26.35 25.33
C GLY A 339 27.96 27.27 24.27
N ASP A 340 28.37 26.69 23.14
CA ASP A 340 28.87 27.43 21.99
C ASP A 340 27.78 27.45 20.95
N MET A 341 27.11 28.60 20.78
CA MET A 341 25.92 28.65 19.95
C MET A 341 26.24 28.44 18.48
N ARG A 342 27.51 28.57 18.08
CA ARG A 342 27.84 28.27 16.70
C ARG A 342 27.53 26.82 16.33
N ASP A 343 27.64 25.89 17.28
CA ASP A 343 27.23 24.52 16.99
C ASP A 343 25.75 24.48 16.61
N ASN A 344 24.90 25.25 17.28
CA ASN A 344 23.51 25.29 16.84
C ASN A 344 23.40 25.74 15.40
N TRP A 345 24.16 26.78 15.01
CA TRP A 345 24.07 27.21 13.61
C TRP A 345 24.65 26.13 12.70
N ARG A 346 25.79 25.52 13.08
CA ARG A 346 26.29 24.38 12.32
C ARG A 346 25.23 23.35 12.02
N SER A 347 24.35 23.07 12.99
CA SER A 347 23.49 21.92 12.81
C SER A 347 22.53 22.15 11.66
N GLU A 348 22.38 23.40 11.26
CA GLU A 348 21.52 23.76 10.14
C GLU A 348 22.32 24.09 8.90
N LEU A 349 23.53 24.62 9.07
CA LEU A 349 24.31 25.10 7.93
C LEU A 349 25.25 24.04 7.38
N TYR A 350 25.23 22.82 7.93
CA TYR A 350 26.24 21.82 7.59
C TYR A 350 26.26 21.51 6.10
N LYS A 351 25.14 21.67 5.40
CA LYS A 351 25.05 21.21 4.01
C LYS A 351 25.44 22.30 3.01
N TYR A 352 25.85 23.48 3.48
CA TYR A 352 26.02 24.63 2.60
C TYR A 352 27.46 25.09 2.60
N LYS A 353 27.89 25.64 1.46
CA LYS A 353 29.20 26.26 1.32
C LYS A 353 29.09 27.42 0.34
N VAL A 354 29.89 28.46 0.55
CA VAL A 354 29.89 29.61 -0.36
C VAL A 354 31.02 29.44 -1.37
N VAL A 355 30.76 29.79 -2.62
CA VAL A 355 31.72 29.44 -3.66
C VAL A 355 31.79 30.57 -4.68
N GLU A 356 33.00 30.75 -5.23
CA GLU A 356 33.31 31.54 -6.42
C GLU A 356 33.37 33.03 -6.16
N LYS B 6 12.87 -55.64 -7.69
CA LYS B 6 13.15 -56.77 -8.56
C LYS B 6 13.65 -57.95 -7.72
N THR B 7 14.20 -57.63 -6.56
CA THR B 7 14.79 -58.60 -5.64
C THR B 7 14.58 -58.09 -4.22
N THR B 8 15.00 -58.89 -3.24
CA THR B 8 14.86 -58.52 -1.84
C THR B 8 16.17 -57.89 -1.37
N LEU B 9 16.07 -56.62 -0.98
CA LEU B 9 17.09 -55.76 -0.41
C LEU B 9 17.32 -56.04 1.07
N PHE B 10 18.43 -55.51 1.57
CA PHE B 10 18.78 -55.70 2.97
C PHE B 10 19.10 -54.33 3.54
N CYS B 11 19.01 -54.18 4.86
CA CYS B 11 19.22 -52.86 5.45
C CYS B 11 20.55 -52.82 6.18
N ALA B 12 21.18 -51.64 6.14
CA ALA B 12 22.40 -51.32 6.85
C ALA B 12 22.14 -50.13 7.77
N SER B 13 22.79 -50.10 8.93
CA SER B 13 22.56 -49.01 9.89
C SER B 13 23.75 -48.89 10.85
N ASP B 14 23.89 -47.70 11.42
CA ASP B 14 24.60 -47.42 12.67
C ASP B 14 23.92 -47.87 13.93
N ALA B 15 22.99 -48.80 13.90
CA ALA B 15 22.41 -49.04 15.21
C ALA B 15 23.44 -49.62 16.17
N LYS B 16 23.01 -49.77 17.42
CA LYS B 16 23.90 -49.95 18.54
C LYS B 16 23.31 -51.05 19.38
N ALA B 17 24.03 -52.15 19.50
CA ALA B 17 23.41 -53.21 20.25
C ALA B 17 23.13 -52.76 21.68
N TYR B 18 23.92 -51.80 22.19
CA TYR B 18 23.69 -51.15 23.48
C TYR B 18 22.61 -50.09 23.55
N GLU B 19 22.24 -49.41 22.49
CA GLU B 19 21.12 -48.51 22.66
C GLU B 19 19.91 -49.39 22.92
N LYS B 20 19.19 -49.05 23.98
CA LYS B 20 17.86 -49.57 24.18
C LYS B 20 16.81 -48.72 23.47
N GLU B 21 17.22 -47.77 22.63
CA GLU B 21 16.24 -47.08 21.80
C GLU B 21 15.75 -48.08 20.76
N VAL B 22 14.43 -48.09 20.52
CA VAL B 22 13.86 -49.27 19.87
C VAL B 22 14.24 -49.35 18.39
N HIS B 23 14.43 -48.22 17.71
CA HIS B 23 14.97 -48.30 16.35
C HIS B 23 16.33 -49.00 16.35
N ASN B 24 17.19 -48.63 17.32
CA ASN B 24 18.49 -49.28 17.43
C ASN B 24 18.36 -50.78 17.67
N VAL B 25 17.52 -51.18 18.62
CA VAL B 25 17.32 -52.61 18.88
C VAL B 25 16.89 -53.34 17.60
N TRP B 26 15.85 -52.81 16.94
CA TRP B 26 15.35 -53.49 15.76
C TRP B 26 16.43 -53.62 14.72
N ALA B 27 17.16 -52.53 14.49
CA ALA B 27 18.18 -52.56 13.43
C ALA B 27 19.34 -53.49 13.77
N THR B 28 19.65 -53.67 15.05
CA THR B 28 20.73 -54.58 15.39
C THR B 28 20.34 -56.01 15.00
N HIS B 29 19.06 -56.34 15.26
CA HIS B 29 18.51 -57.63 14.85
C HIS B 29 18.41 -57.75 13.32
N ALA B 30 18.04 -56.66 12.64
CA ALA B 30 17.53 -56.79 11.27
C ALA B 30 18.48 -56.28 10.21
N CYS B 31 19.44 -55.43 10.57
CA CYS B 31 20.29 -54.76 9.60
C CYS B 31 21.75 -55.17 9.81
N VAL B 32 22.57 -54.94 8.79
CA VAL B 32 24.00 -55.22 8.90
C VAL B 32 24.70 -53.89 9.09
N PRO B 33 25.95 -53.84 9.54
CA PRO B 33 26.59 -52.54 9.69
C PRO B 33 26.86 -51.90 8.34
N THR B 34 26.92 -50.57 8.37
CA THR B 34 27.16 -49.81 7.16
C THR B 34 28.62 -49.79 6.79
N ASP B 35 28.87 -49.72 5.48
CA ASP B 35 30.22 -49.80 5.00
C ASP B 35 30.85 -48.41 5.04
N PRO B 36 32.02 -48.29 5.69
CA PRO B 36 32.51 -46.96 6.13
C PRO B 36 32.87 -46.03 4.99
N ASN B 37 33.40 -46.53 3.87
CA ASN B 37 33.43 -45.77 2.63
C ASN B 37 32.72 -46.56 1.54
N PRO B 38 31.62 -46.05 1.01
CA PRO B 38 30.92 -46.76 -0.05
C PRO B 38 31.34 -46.33 -1.44
N GLN B 39 31.22 -47.25 -2.39
CA GLN B 39 31.54 -46.97 -3.78
C GLN B 39 30.34 -46.35 -4.48
N GLU B 40 30.51 -45.19 -5.11
CA GLU B 40 29.48 -44.70 -6.02
C GLU B 40 30.06 -44.92 -7.42
N MET B 41 29.36 -45.31 -8.46
CA MET B 41 29.95 -44.82 -9.71
C MET B 41 29.10 -43.82 -10.43
N VAL B 42 29.74 -43.00 -11.21
CA VAL B 42 28.99 -42.04 -12.02
C VAL B 42 28.88 -42.53 -13.47
N LEU B 43 27.82 -42.09 -14.14
CA LEU B 43 27.49 -42.49 -15.52
C LEU B 43 26.60 -41.48 -16.25
N ALA B 44 27.13 -40.29 -16.56
CA ALA B 44 26.30 -39.21 -17.09
C ALA B 44 25.85 -39.44 -18.53
N ASN B 45 26.49 -40.36 -19.25
CA ASN B 45 26.04 -40.65 -20.60
C ASN B 45 24.76 -41.47 -20.60
N VAL B 46 24.47 -42.19 -19.50
CA VAL B 46 23.58 -43.35 -19.57
C VAL B 46 22.14 -42.93 -19.80
N THR B 47 21.64 -41.96 -19.03
CA THR B 47 20.22 -41.62 -18.94
C THR B 47 19.33 -42.86 -18.74
N GLU B 48 18.69 -43.05 -17.59
CA GLU B 48 17.71 -44.14 -17.58
C GLU B 48 16.38 -43.58 -17.09
N ASN B 49 15.38 -44.45 -17.03
CA ASN B 49 14.06 -44.04 -16.57
C ASN B 49 13.78 -44.47 -15.14
N PHE B 50 12.90 -43.71 -14.50
CA PHE B 50 12.62 -43.88 -13.08
C PHE B 50 11.13 -43.60 -12.86
N ASN B 51 10.55 -44.25 -11.85
CA ASN B 51 9.19 -43.87 -11.49
C ASN B 51 8.98 -44.07 -9.99
N MET B 52 9.07 -42.96 -9.24
CA MET B 52 8.97 -43.01 -7.79
C MET B 52 7.64 -43.57 -7.32
N TRP B 53 6.61 -43.53 -8.15
CA TRP B 53 5.28 -43.96 -7.74
C TRP B 53 5.07 -45.44 -7.89
N LYS B 54 6.01 -46.13 -8.50
CA LYS B 54 5.98 -47.60 -8.65
C LYS B 54 7.40 -48.10 -8.48
N ASN B 55 7.79 -48.30 -7.21
CA ASN B 55 9.13 -48.61 -6.76
C ASN B 55 9.05 -49.67 -5.69
N ASP B 56 9.50 -50.89 -6.02
CA ASP B 56 9.57 -51.99 -5.05
C ASP B 56 10.32 -51.61 -3.78
N MET B 57 11.29 -50.71 -3.86
CA MET B 57 11.98 -50.31 -2.64
C MET B 57 11.00 -49.74 -1.63
N VAL B 58 9.99 -49.03 -2.11
CA VAL B 58 9.02 -48.43 -1.20
C VAL B 58 8.27 -49.52 -0.44
N GLU B 59 7.82 -50.57 -1.14
CA GLU B 59 7.13 -51.67 -0.46
C GLU B 59 8.03 -52.38 0.53
N GLN B 60 9.27 -52.66 0.15
CA GLN B 60 10.17 -53.36 1.07
C GLN B 60 10.39 -52.54 2.33
N MET B 61 10.65 -51.22 2.18
CA MET B 61 10.77 -50.35 3.36
C MET B 61 9.49 -50.34 4.19
N HIS B 62 8.35 -50.20 3.54
CA HIS B 62 7.09 -50.15 4.26
C HIS B 62 6.96 -51.35 5.18
N GLU B 63 7.17 -52.53 4.59
CA GLU B 63 7.22 -53.78 5.34
C GLU B 63 8.19 -53.72 6.52
N ASP B 64 9.41 -53.23 6.29
CA ASP B 64 10.34 -53.13 7.40
C ASP B 64 9.79 -52.27 8.53
N ILE B 65 9.28 -51.08 8.19
CA ILE B 65 8.86 -50.14 9.24
C ILE B 65 7.66 -50.68 9.99
N ILE B 66 6.74 -51.35 9.27
CA ILE B 66 5.65 -52.05 9.94
C ILE B 66 6.20 -53.03 10.96
N SER B 67 7.18 -53.83 10.55
CA SER B 67 7.78 -54.80 11.47
C SER B 67 8.41 -54.09 12.66
N LEU B 68 9.11 -52.99 12.39
CA LEU B 68 9.80 -52.25 13.46
C LEU B 68 8.78 -51.71 14.46
N TRP B 69 7.62 -51.27 13.97
CA TRP B 69 6.61 -50.76 14.89
C TRP B 69 5.91 -51.89 15.70
N ASP B 70 5.62 -53.09 15.11
CA ASP B 70 5.37 -54.27 15.99
C ASP B 70 6.39 -54.52 17.06
N GLU B 71 7.63 -54.82 16.68
CA GLU B 71 8.65 -54.91 17.72
C GLU B 71 8.56 -53.78 18.75
N SER B 72 8.39 -52.55 18.32
CA SER B 72 8.82 -51.45 19.18
C SER B 72 7.70 -50.72 19.91
N LEU B 73 6.61 -50.35 19.24
CA LEU B 73 5.49 -49.66 19.87
C LEU B 73 4.30 -50.58 19.92
N LYS B 74 4.36 -51.54 20.83
CA LYS B 74 3.24 -52.42 21.05
C LYS B 74 2.08 -51.65 21.68
N PRO B 75 0.88 -51.70 21.09
CA PRO B 75 -0.30 -51.15 21.76
C PRO B 75 -0.78 -52.06 22.87
N CYS B 76 -1.38 -51.44 23.88
CA CYS B 76 -2.04 -52.22 24.90
C CYS B 76 -3.17 -53.02 24.29
N VAL B 77 -3.90 -52.42 23.35
CA VAL B 77 -4.98 -53.15 22.68
C VAL B 77 -4.89 -52.82 21.20
N LYS B 78 -5.06 -53.82 20.33
CA LYS B 78 -5.19 -53.57 18.91
C LYS B 78 -6.53 -54.16 18.45
N LEU B 79 -7.40 -53.37 17.84
CA LEU B 79 -8.60 -53.86 17.19
C LEU B 79 -8.49 -53.82 15.68
N THR B 80 -8.61 -55.00 15.08
CA THR B 80 -8.71 -55.14 13.62
C THR B 80 -9.84 -56.12 13.32
N GLY B 81 -10.74 -55.72 12.43
CA GLY B 81 -11.87 -56.57 12.11
C GLY B 81 -12.65 -56.85 13.37
N GLY B 82 -12.96 -58.13 13.58
CA GLY B 82 -13.64 -58.51 14.80
C GLY B 82 -12.74 -58.54 16.01
N SER B 83 -11.45 -58.81 15.79
CA SER B 83 -10.57 -59.21 16.89
C SER B 83 -10.04 -58.00 17.65
N ALA B 84 -9.87 -58.19 18.96
CA ALA B 84 -9.02 -57.38 19.81
C ALA B 84 -7.86 -58.21 20.33
N ILE B 85 -6.68 -57.61 20.35
CA ILE B 85 -5.41 -58.28 20.61
C ILE B 85 -4.86 -57.48 21.77
N THR B 86 -4.60 -58.09 22.88
CA THR B 86 -4.00 -57.37 23.99
C THR B 86 -2.60 -57.84 24.36
N GLN B 87 -1.73 -56.90 24.74
CA GLN B 87 -0.35 -57.27 25.06
C GLN B 87 0.30 -56.15 25.83
N ALA B 88 1.45 -56.44 26.42
CA ALA B 88 2.09 -55.43 27.26
C ALA B 88 2.49 -54.24 26.40
N CYS B 89 2.32 -53.03 26.94
CA CYS B 89 2.60 -51.80 26.20
C CYS B 89 3.51 -50.87 27.00
N PRO B 90 4.74 -51.31 27.30
CA PRO B 90 5.64 -50.47 28.09
C PRO B 90 5.96 -49.19 27.35
N LYS B 91 6.30 -48.16 28.13
CA LYS B 91 6.88 -46.96 27.53
C LYS B 91 8.31 -47.23 27.11
N VAL B 92 8.73 -46.67 25.97
CA VAL B 92 10.04 -47.01 25.42
C VAL B 92 10.78 -45.74 25.04
N SER B 93 12.09 -45.86 24.79
CA SER B 93 12.80 -44.74 24.19
C SER B 93 12.73 -44.90 22.68
N PHE B 94 12.36 -43.82 22.03
CA PHE B 94 11.93 -43.81 20.65
C PHE B 94 12.42 -42.56 19.97
N ASP B 95 13.35 -42.75 19.04
CA ASP B 95 13.99 -41.72 18.25
C ASP B 95 14.50 -42.33 16.94
N PRO B 96 13.87 -42.04 15.81
CA PRO B 96 14.22 -42.73 14.56
C PRO B 96 15.69 -42.54 14.18
N ILE B 97 16.28 -43.61 13.66
CA ILE B 97 17.66 -43.61 13.19
C ILE B 97 17.64 -43.84 11.70
N PRO B 98 18.67 -43.41 10.97
CA PRO B 98 18.67 -43.61 9.53
C PRO B 98 18.90 -45.07 9.16
N LEU B 99 18.25 -45.50 8.09
CA LEU B 99 18.36 -46.86 7.57
C LEU B 99 18.79 -46.77 6.12
N HIS B 100 19.73 -47.62 5.72
CA HIS B 100 20.16 -47.67 4.32
C HIS B 100 19.62 -48.94 3.70
N TYR B 101 19.08 -48.83 2.49
CA TYR B 101 18.62 -50.00 1.76
C TYR B 101 19.65 -50.37 0.71
N CYS B 102 20.04 -51.66 0.69
CA CYS B 102 21.19 -52.16 -0.03
C CYS B 102 20.79 -53.28 -0.97
N ALA B 103 21.36 -53.23 -2.18
CA ALA B 103 21.14 -54.25 -3.22
C ALA B 103 21.99 -55.48 -2.92
N PRO B 104 21.43 -56.68 -3.01
CA PRO B 104 22.21 -57.88 -2.69
C PRO B 104 23.22 -58.18 -3.78
N ALA B 105 24.00 -59.25 -3.63
CA ALA B 105 25.01 -59.57 -4.65
C ALA B 105 24.37 -59.86 -6.00
N GLY B 106 24.92 -59.27 -7.06
CA GLY B 106 24.39 -59.40 -8.41
C GLY B 106 23.42 -58.31 -8.81
N PHE B 107 23.14 -57.42 -7.89
CA PHE B 107 22.12 -56.39 -8.01
C PHE B 107 22.77 -55.07 -7.67
N ALA B 108 22.31 -54.00 -8.30
CA ALA B 108 22.82 -52.69 -7.93
C ALA B 108 21.66 -51.73 -7.72
N ILE B 109 21.97 -50.55 -7.19
CA ILE B 109 20.96 -49.52 -7.04
C ILE B 109 21.44 -48.35 -7.88
N LEU B 110 20.64 -47.94 -8.85
CA LEU B 110 20.95 -46.71 -9.57
C LEU B 110 20.33 -45.51 -8.87
N LYS B 111 21.12 -44.44 -8.79
CA LYS B 111 20.69 -43.18 -8.23
C LYS B 111 20.63 -42.14 -9.34
N CYS B 112 19.52 -41.41 -9.40
CA CYS B 112 19.38 -40.28 -10.31
C CYS B 112 20.07 -39.06 -9.70
N ASN B 113 21.07 -38.52 -10.41
CA ASN B 113 21.87 -37.40 -9.92
C ASN B 113 21.34 -36.05 -10.38
N ASN B 114 20.30 -36.01 -11.22
CA ASN B 114 19.77 -34.72 -11.66
C ASN B 114 19.08 -34.06 -10.48
N LYS B 115 19.53 -32.84 -10.14
CA LYS B 115 19.16 -32.23 -8.87
C LYS B 115 17.69 -31.83 -8.85
N THR B 116 17.08 -31.68 -10.03
CA THR B 116 15.72 -31.20 -10.21
C THR B 116 14.79 -32.29 -10.68
N PHE B 117 15.23 -33.53 -10.71
CA PHE B 117 14.37 -34.66 -11.06
C PHE B 117 13.11 -34.71 -10.23
N ASN B 118 11.98 -34.85 -10.91
CA ASN B 118 10.68 -34.79 -10.23
C ASN B 118 10.17 -36.17 -9.79
N GLY B 119 10.95 -37.23 -10.00
CA GLY B 119 10.58 -38.57 -9.60
C GLY B 119 10.11 -39.47 -10.72
N THR B 120 9.87 -38.89 -11.89
CA THR B 120 9.28 -39.54 -13.05
C THR B 120 10.07 -39.27 -14.32
N GLY B 121 10.22 -40.32 -15.12
CA GLY B 121 10.71 -40.17 -16.47
C GLY B 121 12.20 -40.41 -16.59
N PRO B 122 12.82 -39.80 -17.59
CA PRO B 122 14.26 -40.01 -17.83
C PRO B 122 15.15 -39.05 -17.06
N CYS B 123 16.29 -39.58 -16.63
CA CYS B 123 17.31 -38.90 -15.84
C CYS B 123 18.65 -39.07 -16.54
N ARG B 124 19.33 -37.96 -16.83
CA ARG B 124 20.54 -38.05 -17.66
C ARG B 124 21.73 -38.54 -16.87
N ASN B 125 22.04 -37.91 -15.74
CA ASN B 125 23.21 -38.27 -14.95
C ASN B 125 22.78 -39.35 -13.95
N VAL B 126 23.41 -40.52 -14.02
CA VAL B 126 23.02 -41.65 -13.19
C VAL B 126 24.26 -42.25 -12.55
N SER B 127 24.09 -42.80 -11.35
CA SER B 127 25.14 -43.47 -10.60
C SER B 127 24.71 -44.90 -10.27
N THR B 128 25.68 -45.76 -9.94
CA THR B 128 25.43 -47.04 -9.30
C THR B 128 25.97 -47.03 -7.88
N VAL B 129 25.23 -47.64 -6.95
CA VAL B 129 25.62 -47.66 -5.54
C VAL B 129 25.19 -48.99 -4.93
N GLN B 130 25.93 -49.38 -3.88
CA GLN B 130 25.51 -50.41 -2.95
C GLN B 130 24.14 -50.13 -2.36
N CYS B 131 24.02 -48.95 -1.73
CA CYS B 131 22.99 -48.65 -0.77
C CYS B 131 22.51 -47.23 -0.98
N THR B 132 21.27 -46.99 -0.59
CA THR B 132 20.73 -45.65 -0.53
C THR B 132 21.42 -44.85 0.56
N HIS B 133 21.18 -43.55 0.56
CA HIS B 133 21.56 -42.77 1.71
C HIS B 133 20.77 -43.21 2.93
N GLY B 134 21.10 -42.61 4.07
CA GLY B 134 20.45 -43.00 5.30
C GLY B 134 19.10 -42.33 5.39
N ILE B 135 18.02 -43.09 5.53
CA ILE B 135 16.66 -42.55 5.56
C ILE B 135 16.07 -42.81 6.93
N LYS B 136 15.72 -41.71 7.66
CA LYS B 136 15.01 -41.96 8.91
C LYS B 136 13.55 -42.29 8.62
N PRO B 137 13.02 -43.38 9.14
CA PRO B 137 11.63 -43.78 8.87
C PRO B 137 10.62 -43.02 9.75
N VAL B 138 10.39 -41.76 9.41
CA VAL B 138 9.57 -40.88 10.23
C VAL B 138 8.13 -40.96 9.78
N VAL B 139 7.26 -41.42 10.68
CA VAL B 139 5.83 -41.57 10.40
C VAL B 139 5.13 -40.25 10.75
N SER B 140 4.42 -39.66 9.79
CA SER B 140 3.67 -38.42 10.00
C SER B 140 2.68 -38.20 8.86
N THR B 141 1.74 -37.26 9.07
CA THR B 141 0.84 -36.77 8.03
C THR B 141 1.09 -35.28 7.85
N GLN B 142 0.58 -34.68 6.75
CA GLN B 142 0.72 -33.25 6.47
C GLN B 142 2.14 -32.76 6.29
N LEU B 143 2.99 -32.86 7.29
CA LEU B 143 4.36 -32.39 7.11
C LEU B 143 5.31 -33.57 7.09
N LEU B 144 6.26 -33.55 6.15
CA LEU B 144 7.36 -34.51 6.15
C LEU B 144 8.47 -33.93 7.02
N LEU B 145 8.94 -34.72 7.99
CA LEU B 145 9.84 -34.25 9.04
C LEU B 145 11.19 -34.92 8.88
N ASN B 146 12.26 -34.17 9.09
CA ASN B 146 13.59 -34.75 9.22
C ASN B 146 14.03 -35.49 7.96
N GLY B 147 13.49 -35.12 6.81
CA GLY B 147 13.94 -35.70 5.56
C GLY B 147 15.19 -34.99 5.06
N SER B 148 15.53 -35.26 3.81
CA SER B 148 16.66 -34.60 3.17
C SER B 148 16.12 -33.57 2.19
N LEU B 149 16.73 -32.38 2.19
CA LEU B 149 16.21 -31.27 1.39
C LEU B 149 16.65 -31.41 -0.07
N ALA B 150 15.83 -30.87 -0.97
CA ALA B 150 16.22 -30.79 -2.38
C ALA B 150 17.37 -29.81 -2.52
N GLU B 151 18.32 -30.09 -3.44
CA GLU B 151 19.59 -29.36 -3.35
C GLU B 151 19.52 -28.01 -4.09
N GLU B 152 18.64 -27.91 -5.09
CA GLU B 152 18.40 -26.69 -5.87
C GLU B 152 17.00 -26.12 -5.71
N GLU B 153 16.02 -26.43 -6.52
CA GLU B 153 14.77 -25.74 -6.25
C GLU B 153 13.80 -26.64 -5.49
N ILE B 154 12.73 -26.02 -4.97
CA ILE B 154 11.59 -26.78 -4.47
C ILE B 154 11.05 -27.64 -5.60
N ILE B 155 10.86 -28.94 -5.35
CA ILE B 155 10.38 -29.87 -6.38
C ILE B 155 8.93 -30.25 -6.06
N ILE B 156 8.11 -30.33 -7.10
CA ILE B 156 6.72 -30.78 -6.98
C ILE B 156 6.65 -32.16 -7.59
N ARG B 157 6.25 -33.16 -6.80
CA ARG B 157 6.11 -34.53 -7.29
C ARG B 157 4.68 -35.01 -7.18
N SER B 158 4.21 -35.70 -8.21
CA SER B 158 2.88 -36.27 -8.19
C SER B 158 2.85 -37.37 -9.23
N GLU B 159 2.09 -38.42 -8.94
CA GLU B 159 1.92 -39.47 -9.94
C GLU B 159 1.24 -38.89 -11.17
N ASN B 160 0.38 -37.88 -10.96
CA ASN B 160 -0.47 -37.26 -11.98
C ASN B 160 -1.08 -35.96 -11.47
N LEU B 161 -0.46 -34.82 -11.76
CA LEU B 161 -0.95 -33.56 -11.21
C LEU B 161 -2.36 -33.23 -11.67
N THR B 162 -2.79 -33.76 -12.82
CA THR B 162 -4.13 -33.43 -13.30
C THR B 162 -5.19 -34.16 -12.50
N ASN B 163 -4.82 -35.28 -11.89
CA ASN B 163 -5.71 -36.08 -11.05
C ASN B 163 -5.67 -35.56 -9.62
N ASN B 164 -6.74 -34.90 -9.19
CA ASN B 164 -6.74 -34.25 -7.89
C ASN B 164 -6.68 -35.23 -6.73
N ALA B 165 -7.05 -36.50 -6.97
CA ALA B 165 -6.98 -37.58 -6.00
C ALA B 165 -5.56 -38.09 -5.76
N LYS B 166 -4.58 -37.72 -6.57
CA LYS B 166 -3.21 -38.17 -6.37
C LYS B 166 -2.45 -37.20 -5.45
N THR B 167 -1.84 -37.76 -4.42
CA THR B 167 -1.09 -36.98 -3.46
C THR B 167 0.04 -36.21 -4.14
N ILE B 168 0.23 -34.95 -3.72
CA ILE B 168 1.38 -34.14 -4.16
C ILE B 168 2.41 -34.12 -3.04
N ILE B 169 3.67 -34.37 -3.39
CA ILE B 169 4.77 -34.22 -2.47
C ILE B 169 5.53 -32.97 -2.84
N VAL B 170 5.63 -32.04 -1.91
CA VAL B 170 6.48 -30.86 -2.09
C VAL B 170 7.80 -31.15 -1.38
N HIS B 171 8.89 -31.11 -2.14
CA HIS B 171 10.25 -31.29 -1.62
C HIS B 171 10.88 -29.92 -1.46
N LEU B 172 11.13 -29.53 -0.24
CA LEU B 172 11.61 -28.21 0.12
C LEU B 172 13.13 -28.15 -0.01
N ASN B 173 13.65 -26.98 -0.41
CA ASN B 173 15.11 -26.81 -0.46
C ASN B 173 15.65 -26.15 0.79
N GLU B 174 14.77 -25.61 1.61
CA GLU B 174 15.08 -25.02 2.89
C GLU B 174 14.09 -25.49 3.94
N SER B 175 14.63 -26.02 5.05
CA SER B 175 13.85 -26.61 6.11
C SER B 175 13.21 -25.52 6.97
N VAL B 176 12.10 -25.88 7.60
CA VAL B 176 11.37 -24.98 8.48
C VAL B 176 11.30 -25.64 9.84
N ASN B 177 11.85 -24.99 10.86
CA ASN B 177 11.87 -25.59 12.18
C ASN B 177 10.46 -25.67 12.74
N ILE B 178 10.13 -26.79 13.40
CA ILE B 178 8.89 -26.90 14.15
C ILE B 178 9.25 -27.51 15.50
N VAL B 179 8.89 -26.81 16.57
CA VAL B 179 9.19 -27.29 17.92
C VAL B 179 7.90 -27.64 18.61
N CYS B 180 7.73 -28.92 18.96
CA CYS B 180 6.49 -29.37 19.58
C CYS B 180 6.82 -29.87 20.98
N THR B 181 5.97 -29.48 21.94
CA THR B 181 6.26 -29.79 23.32
C THR B 181 4.95 -29.94 24.09
N ARG B 182 4.93 -30.95 24.96
CA ARG B 182 3.96 -31.06 26.02
C ARG B 182 4.72 -30.66 27.27
N PRO B 183 4.38 -29.56 27.92
CA PRO B 183 5.20 -29.06 29.00
C PRO B 183 5.02 -29.85 30.29
N ASN B 184 6.13 -29.97 31.00
CA ASN B 184 6.09 -30.23 32.42
C ASN B 184 6.13 -28.88 33.10
N ASN B 193 -4.05 -29.81 31.78
CA ASN B 193 -4.34 -31.08 31.11
C ASN B 193 -3.07 -31.58 30.41
N ILE B 194 -2.86 -32.89 30.44
CA ILE B 194 -1.50 -33.36 30.35
C ILE B 194 -1.31 -34.10 29.03
N ARG B 195 -2.43 -34.28 28.29
CA ARG B 195 -2.61 -34.36 26.83
C ARG B 195 -2.32 -33.06 26.07
N GLN B 196 -2.35 -31.89 26.72
CA GLN B 196 -2.24 -30.63 25.99
C GLN B 196 -0.81 -30.38 25.51
N ALA B 197 -0.65 -29.93 24.27
CA ALA B 197 0.70 -29.60 23.81
C ALA B 197 0.61 -28.51 22.76
N HIS B 198 1.77 -28.09 22.25
CA HIS B 198 1.71 -27.06 21.23
C HIS B 198 2.99 -27.12 20.42
N CYS B 199 2.91 -26.59 19.19
CA CYS B 199 4.06 -26.48 18.30
C CYS B 199 4.27 -25.03 17.92
N ASN B 200 5.52 -24.60 17.82
CA ASN B 200 5.85 -23.26 17.36
C ASN B 200 6.62 -23.34 16.05
N ILE B 201 6.18 -22.52 15.10
CA ILE B 201 6.85 -22.32 13.82
C ILE B 201 7.07 -20.82 13.62
N ASN B 202 8.25 -20.43 13.19
CA ASN B 202 8.52 -19.02 12.92
C ASN B 202 7.73 -18.56 11.69
N GLU B 203 6.84 -17.57 11.87
CA GLU B 203 6.00 -17.14 10.75
C GLU B 203 6.80 -16.60 9.56
N SER B 204 7.97 -15.99 9.78
CA SER B 204 8.76 -15.50 8.64
C SER B 204 9.09 -16.63 7.68
N LYS B 205 9.84 -17.65 8.14
CA LYS B 205 10.00 -18.86 7.32
C LYS B 205 8.73 -19.45 6.78
N TRP B 206 7.72 -19.70 7.60
CA TRP B 206 6.59 -20.37 6.98
C TRP B 206 6.11 -19.55 5.82
N ASN B 207 6.26 -18.25 5.93
CA ASN B 207 5.68 -17.26 5.05
C ASN B 207 6.46 -17.27 3.73
N ASN B 208 7.79 -17.15 3.82
CA ASN B 208 8.68 -17.39 2.70
C ASN B 208 8.34 -18.68 1.97
N THR B 209 8.42 -19.81 2.70
CA THR B 209 8.35 -21.09 2.02
C THR B 209 7.03 -21.26 1.29
N LEU B 210 5.91 -20.79 1.87
CA LEU B 210 4.70 -20.93 1.07
C LEU B 210 4.67 -19.97 -0.12
N GLN B 211 5.32 -18.82 -0.02
CA GLN B 211 5.46 -18.01 -1.23
C GLN B 211 6.20 -18.78 -2.33
N LYS B 212 7.20 -19.56 -1.93
CA LYS B 212 8.07 -20.19 -2.91
C LYS B 212 7.40 -21.45 -3.47
N VAL B 213 6.71 -22.18 -2.58
CA VAL B 213 5.86 -23.30 -2.97
C VAL B 213 4.75 -22.83 -3.90
N GLY B 214 4.10 -21.72 -3.55
CA GLY B 214 3.08 -21.17 -4.41
C GLY B 214 3.61 -20.78 -5.78
N GLU B 215 4.86 -20.30 -5.85
CA GLU B 215 5.41 -19.95 -7.15
C GLU B 215 5.53 -21.20 -8.03
N GLU B 216 6.13 -22.28 -7.48
CA GLU B 216 6.24 -23.55 -8.22
C GLU B 216 4.86 -24.12 -8.61
N LEU B 217 3.94 -24.12 -7.65
CA LEU B 217 2.61 -24.62 -7.95
C LEU B 217 1.95 -23.78 -9.03
N ALA B 218 2.31 -22.49 -9.11
CA ALA B 218 1.77 -21.63 -10.15
C ALA B 218 2.35 -22.00 -11.51
N LYS B 219 3.65 -22.30 -11.55
CA LYS B 219 4.23 -22.84 -12.77
C LYS B 219 3.42 -24.01 -13.30
N HIS B 220 2.90 -24.87 -12.40
CA HIS B 220 2.12 -25.99 -12.95
C HIS B 220 0.63 -25.68 -13.15
N PHE B 221 0.10 -24.63 -12.53
CA PHE B 221 -1.28 -24.19 -12.74
C PHE B 221 -1.26 -22.67 -12.92
N PRO B 222 -1.03 -22.18 -14.13
CA PRO B 222 -0.63 -20.77 -14.27
C PRO B 222 -1.76 -19.74 -14.22
N SER B 223 -2.91 -20.03 -14.81
CA SER B 223 -3.98 -19.03 -14.78
C SER B 223 -4.49 -18.80 -13.37
N LYS B 224 -4.50 -19.84 -12.57
CA LYS B 224 -5.25 -19.86 -11.32
C LYS B 224 -4.53 -19.11 -10.19
N THR B 225 -5.34 -18.60 -9.27
CA THR B 225 -4.86 -18.15 -7.97
C THR B 225 -4.59 -19.39 -7.09
N ILE B 226 -3.54 -19.37 -6.27
CA ILE B 226 -3.13 -20.58 -5.52
C ILE B 226 -3.50 -20.37 -4.05
N LYS B 227 -4.49 -21.09 -3.51
CA LYS B 227 -4.67 -21.01 -2.07
C LYS B 227 -4.36 -22.28 -1.30
N PHE B 228 -3.97 -22.07 -0.05
CA PHE B 228 -3.69 -23.09 0.97
C PHE B 228 -4.76 -23.00 2.03
N GLU B 229 -5.44 -24.11 2.31
CA GLU B 229 -6.52 -24.14 3.27
C GLU B 229 -6.40 -25.41 4.10
N PRO B 230 -6.99 -25.44 5.30
CA PRO B 230 -6.84 -26.64 6.16
C PRO B 230 -7.53 -27.86 5.58
N SER B 231 -7.15 -29.01 6.13
CA SER B 231 -7.79 -30.25 5.74
C SER B 231 -9.27 -30.22 6.03
N SER B 232 -10.06 -30.56 5.00
CA SER B 232 -11.52 -30.47 5.12
C SER B 232 -12.05 -31.48 6.12
N GLY B 233 -11.77 -32.76 5.92
CA GLY B 233 -12.34 -33.77 6.79
C GLY B 233 -11.59 -35.08 6.71
N GLY B 234 -12.04 -36.02 7.53
CA GLY B 234 -11.41 -37.32 7.62
C GLY B 234 -11.08 -37.63 9.06
N ASP B 235 -10.34 -38.72 9.26
CA ASP B 235 -9.91 -39.04 10.61
C ASP B 235 -8.91 -37.99 11.10
N LEU B 236 -8.82 -37.91 12.42
CA LEU B 236 -8.02 -36.88 13.05
C LEU B 236 -6.55 -37.01 12.67
N GLU B 237 -6.09 -38.22 12.38
CA GLU B 237 -4.69 -38.43 11.97
C GLU B 237 -4.34 -37.67 10.70
N ILE B 238 -5.30 -37.42 9.81
CA ILE B 238 -5.00 -36.71 8.57
C ILE B 238 -5.56 -35.30 8.54
N THR B 239 -6.50 -34.96 9.41
CA THR B 239 -6.95 -33.57 9.48
C THR B 239 -6.08 -32.73 10.38
N THR B 240 -5.18 -33.35 11.12
CA THR B 240 -4.14 -32.67 11.88
C THR B 240 -2.79 -33.22 11.45
N HIS B 241 -1.75 -32.48 11.82
CA HIS B 241 -0.38 -32.93 11.63
C HIS B 241 -0.12 -33.91 12.76
N SER B 242 -0.11 -35.20 12.46
CA SER B 242 0.04 -36.23 13.47
C SER B 242 1.40 -36.89 13.31
N PHE B 243 2.02 -37.23 14.44
CA PHE B 243 3.37 -37.78 14.40
C PHE B 243 3.64 -38.38 15.78
N ASN B 244 4.75 -39.11 15.88
CA ASN B 244 5.11 -39.73 17.19
C ASN B 244 6.32 -39.02 17.77
N CYS B 245 6.17 -38.42 18.94
CA CYS B 245 7.35 -37.81 19.60
C CYS B 245 7.72 -38.62 20.85
N ARG B 246 8.91 -39.21 20.86
CA ARG B 246 9.39 -39.92 22.09
C ARG B 246 8.32 -40.93 22.54
N GLY B 247 7.73 -41.67 21.60
CA GLY B 247 6.69 -42.65 21.95
C GLY B 247 5.26 -42.15 21.99
N GLU B 248 5.04 -40.86 22.21
CA GLU B 248 3.68 -40.35 22.36
C GLU B 248 3.12 -39.86 21.01
N PHE B 249 1.83 -40.07 20.78
CA PHE B 249 1.21 -39.68 19.51
C PHE B 249 0.62 -38.28 19.62
N PHE B 250 1.25 -37.33 18.92
CA PHE B 250 0.80 -35.94 18.86
C PHE B 250 -0.10 -35.72 17.66
N TYR B 251 -1.18 -34.97 17.88
CA TYR B 251 -2.14 -34.51 16.87
C TYR B 251 -2.19 -32.99 16.96
N CYS B 252 -1.70 -32.30 15.93
CA CYS B 252 -1.47 -30.86 15.99
C CYS B 252 -2.29 -30.12 14.93
N ASN B 253 -3.16 -29.22 15.39
CA ASN B 253 -4.02 -28.46 14.50
C ASN B 253 -3.22 -27.55 13.58
N THR B 254 -3.46 -27.64 12.27
CA THR B 254 -2.73 -26.84 11.30
C THR B 254 -3.62 -25.79 10.62
N SER B 255 -4.75 -25.44 11.22
CA SER B 255 -5.63 -24.42 10.64
C SER B 255 -4.91 -23.09 10.43
N ASP B 256 -3.96 -22.76 11.27
CA ASP B 256 -3.22 -21.52 11.12
C ASP B 256 -2.02 -21.67 10.22
N LEU B 257 -1.72 -22.89 9.79
CA LEU B 257 -0.56 -23.14 8.94
C LEU B 257 -0.93 -23.18 7.47
N PHE B 258 -1.93 -23.98 7.10
CA PHE B 258 -2.38 -24.06 5.72
C PHE B 258 -3.57 -23.13 5.58
N ASN B 259 -3.24 -21.85 5.39
CA ASN B 259 -4.19 -20.74 5.53
C ASN B 259 -3.51 -19.53 4.86
N GLY B 260 -3.74 -19.38 3.57
CA GLY B 260 -3.04 -18.34 2.86
C GLY B 260 -3.42 -18.32 1.41
N THR B 261 -3.11 -17.20 0.76
CA THR B 261 -3.38 -17.04 -0.67
C THR B 261 -2.15 -16.52 -1.39
N TYR B 262 -1.85 -17.10 -2.54
CA TYR B 262 -0.77 -16.67 -3.41
C TYR B 262 -1.50 -16.14 -4.64
N ARG B 263 -1.60 -14.82 -4.74
CA ARG B 263 -2.45 -14.19 -5.76
C ARG B 263 -1.69 -13.91 -7.03
N ASN B 264 -0.69 -13.05 -6.95
CA ASN B 264 -0.29 -12.34 -8.14
C ASN B 264 1.20 -12.10 -7.93
N GLY B 265 1.96 -13.18 -7.98
CA GLY B 265 3.37 -13.18 -7.61
C GLY B 265 3.64 -13.04 -6.12
N THR B 266 2.61 -12.91 -5.28
CA THR B 266 2.80 -12.62 -3.86
C THR B 266 1.95 -13.54 -2.99
N TYR B 267 2.52 -13.97 -1.86
CA TYR B 267 1.79 -14.77 -0.88
C TYR B 267 1.37 -13.90 0.30
N ASN B 268 0.09 -13.99 0.66
CA ASN B 268 -0.51 -13.42 1.87
C ASN B 268 -0.81 -14.55 2.85
N HIS B 269 -0.36 -14.43 4.10
CA HIS B 269 -0.70 -15.47 5.06
C HIS B 269 -1.98 -15.07 5.80
N THR B 270 -3.05 -15.86 5.59
CA THR B 270 -4.35 -15.71 6.23
C THR B 270 -4.39 -16.29 7.65
N GLY B 271 -3.49 -17.20 8.00
CA GLY B 271 -3.53 -17.78 9.32
C GLY B 271 -3.08 -16.80 10.38
N ARG B 272 -3.53 -17.02 11.62
CA ARG B 272 -3.30 -16.02 12.64
C ARG B 272 -2.01 -16.37 13.38
N SER B 273 -1.22 -15.34 13.71
CA SER B 273 0.04 -15.51 14.42
C SER B 273 0.17 -14.43 15.48
N SER B 274 1.08 -14.64 16.43
CA SER B 274 1.37 -13.63 17.43
C SER B 274 2.85 -13.68 17.79
N ASN B 275 3.44 -12.48 17.87
CA ASN B 275 4.88 -12.25 18.02
C ASN B 275 5.65 -12.89 16.88
N GLY B 276 5.02 -13.00 15.72
CA GLY B 276 5.68 -13.56 14.55
C GLY B 276 5.95 -15.04 14.71
N THR B 277 5.07 -15.75 15.39
CA THR B 277 5.20 -17.17 15.67
C THR B 277 3.82 -17.78 15.50
N ILE B 278 3.73 -18.82 14.67
CA ILE B 278 2.49 -19.57 14.54
C ILE B 278 2.56 -20.66 15.59
N THR B 279 1.49 -20.79 16.37
CA THR B 279 1.41 -21.80 17.41
C THR B 279 0.26 -22.74 17.13
N LEU B 280 0.57 -24.04 17.12
CA LEU B 280 -0.37 -25.10 16.82
C LEU B 280 -0.78 -25.75 18.13
N GLN B 281 -2.07 -25.83 18.37
CA GLN B 281 -2.57 -26.56 19.52
C GLN B 281 -2.63 -28.06 19.21
N CYS B 282 -1.98 -28.85 20.08
CA CYS B 282 -1.84 -30.29 19.91
C CYS B 282 -2.52 -31.01 21.07
N LYS B 283 -2.88 -32.26 20.81
CA LYS B 283 -3.35 -33.15 21.85
C LYS B 283 -2.53 -34.43 21.73
N ILE B 284 -2.17 -35.04 22.84
CA ILE B 284 -1.57 -36.37 22.82
C ILE B 284 -2.69 -37.38 22.98
N LYS B 285 -2.79 -38.34 22.07
CA LYS B 285 -3.95 -39.22 22.08
C LYS B 285 -3.56 -40.66 22.40
N GLN B 286 -4.55 -41.45 22.85
CA GLN B 286 -4.24 -42.84 23.15
C GLN B 286 -4.93 -43.80 22.20
N ILE B 287 -6.06 -43.41 21.61
CA ILE B 287 -6.71 -44.23 20.59
C ILE B 287 -6.24 -43.74 19.23
N ILE B 288 -5.55 -44.60 18.49
CA ILE B 288 -4.86 -44.28 17.27
C ILE B 288 -5.48 -45.08 16.14
N ASN B 289 -5.86 -44.40 15.05
CA ASN B 289 -6.14 -45.08 13.79
C ASN B 289 -4.81 -45.43 13.14
N MET B 290 -4.62 -46.71 12.82
CA MET B 290 -3.30 -47.21 12.49
C MET B 290 -2.95 -46.87 11.05
N TRP B 291 -1.67 -46.57 10.82
CA TRP B 291 -1.22 -46.40 9.44
C TRP B 291 -0.81 -47.71 8.79
N GLN B 292 -0.54 -48.75 9.59
CA GLN B 292 -0.09 -50.04 9.05
C GLN B 292 -1.23 -50.83 8.41
N GLU B 293 -2.41 -50.80 9.00
CA GLU B 293 -3.55 -51.56 8.48
C GLU B 293 -4.81 -50.80 8.89
N VAL B 294 -5.94 -51.24 8.37
CA VAL B 294 -7.18 -50.61 8.83
C VAL B 294 -7.46 -51.16 10.23
N GLY B 295 -7.36 -50.30 11.24
CA GLY B 295 -7.54 -50.77 12.60
C GLY B 295 -7.24 -49.66 13.59
N ARG B 296 -7.63 -49.92 14.84
CA ARG B 296 -7.34 -49.07 16.00
C ARG B 296 -6.36 -49.69 16.97
N ALA B 297 -5.50 -48.83 17.52
CA ALA B 297 -4.53 -49.21 18.55
C ALA B 297 -4.71 -48.31 19.74
N ILE B 298 -4.62 -48.87 20.95
CA ILE B 298 -4.79 -48.13 22.19
C ILE B 298 -3.53 -48.28 23.01
N TYR B 299 -2.98 -47.13 23.44
CA TYR B 299 -1.71 -46.99 24.14
C TYR B 299 -1.98 -46.42 25.52
N ALA B 300 -0.98 -46.52 26.39
CA ALA B 300 -1.12 -46.03 27.76
C ALA B 300 -1.00 -44.51 27.82
N PRO B 301 -1.39 -43.89 28.92
CA PRO B 301 -1.35 -42.41 29.03
C PRO B 301 0.08 -41.88 28.96
N PRO B 302 0.26 -40.57 28.87
CA PRO B 302 1.60 -40.04 28.55
C PRO B 302 2.58 -40.21 29.69
N ILE B 303 3.82 -40.50 29.34
CA ILE B 303 4.93 -40.38 30.26
C ILE B 303 5.00 -38.99 30.86
N GLU B 304 5.67 -38.88 31.99
CA GLU B 304 5.62 -37.65 32.74
C GLU B 304 6.76 -36.68 32.35
N GLY B 305 6.62 -35.44 32.73
CA GLY B 305 7.65 -34.48 32.38
C GLY B 305 7.42 -33.86 31.02
N GLU B 306 8.45 -33.22 30.50
CA GLU B 306 8.37 -32.49 29.25
C GLU B 306 8.63 -33.42 28.07
N ILE B 307 7.69 -33.51 27.15
CA ILE B 307 7.92 -34.23 25.92
C ILE B 307 8.16 -33.20 24.83
N THR B 308 9.36 -33.17 24.27
CA THR B 308 9.64 -32.17 23.24
C THR B 308 10.38 -32.79 22.07
N CYS B 309 9.95 -32.43 20.85
CA CYS B 309 10.63 -32.82 19.62
C CYS B 309 10.93 -31.55 18.85
N ASN B 310 12.19 -31.39 18.42
CA ASN B 310 12.63 -30.25 17.64
C ASN B 310 12.88 -30.79 16.23
N SER B 311 12.04 -30.45 15.27
CA SER B 311 12.11 -31.14 14.01
C SER B 311 12.29 -30.15 12.87
N ASN B 312 12.81 -30.63 11.74
CA ASN B 312 12.81 -29.84 10.52
C ASN B 312 11.70 -30.31 9.59
N ILE B 313 10.77 -29.43 9.26
CA ILE B 313 9.91 -29.66 8.09
C ILE B 313 10.78 -29.61 6.86
N THR B 314 10.84 -30.73 6.12
CA THR B 314 11.56 -30.80 4.87
C THR B 314 10.66 -31.07 3.66
N GLY B 315 9.36 -31.27 3.86
CA GLY B 315 8.49 -31.49 2.72
C GLY B 315 7.05 -31.39 3.16
N LEU B 316 6.16 -31.31 2.19
CA LEU B 316 4.73 -31.23 2.48
C LEU B 316 4.00 -32.31 1.70
N LEU B 317 2.86 -32.76 2.24
CA LEU B 317 1.93 -33.62 1.52
C LEU B 317 0.66 -32.83 1.29
N LEU B 318 0.26 -32.65 0.02
CA LEU B 318 -0.85 -31.79 -0.35
C LEU B 318 -1.83 -32.55 -1.24
N LEU B 319 -3.07 -32.07 -1.23
CA LEU B 319 -4.12 -32.59 -2.10
C LEU B 319 -4.86 -31.39 -2.71
N ARG B 320 -5.04 -31.43 -4.02
CA ARG B 320 -5.78 -30.41 -4.75
C ARG B 320 -7.27 -30.70 -4.73
N ASP B 321 -8.07 -29.65 -4.57
CA ASP B 321 -9.51 -29.72 -4.77
C ASP B 321 -9.89 -29.85 -6.25
N ASP B 330 -9.62 -18.77 -12.64
CA ASP B 330 -10.31 -19.37 -11.50
C ASP B 330 -9.27 -19.69 -10.42
N THR B 331 -9.56 -20.61 -9.50
CA THR B 331 -8.68 -20.84 -8.36
C THR B 331 -8.41 -22.33 -8.18
N GLU B 332 -7.15 -22.67 -7.86
CA GLU B 332 -6.78 -24.00 -7.40
C GLU B 332 -6.41 -23.92 -5.93
N THR B 333 -6.89 -24.88 -5.14
CA THR B 333 -6.82 -24.71 -3.71
C THR B 333 -6.23 -26.00 -3.13
N PHE B 334 -5.19 -25.87 -2.30
CA PHE B 334 -4.42 -27.01 -1.80
C PHE B 334 -4.56 -27.20 -0.30
N ARG B 335 -4.86 -28.43 0.11
CA ARG B 335 -5.02 -28.77 1.51
C ARG B 335 -4.02 -29.84 1.92
N PRO B 336 -3.60 -29.88 3.17
CA PRO B 336 -2.64 -30.90 3.58
C PRO B 336 -3.23 -32.28 3.53
N GLY B 337 -2.41 -33.24 3.11
CA GLY B 337 -2.83 -34.63 3.05
C GLY B 337 -2.01 -35.59 3.89
N GLY B 338 -1.96 -36.83 3.47
CA GLY B 338 -1.24 -37.87 4.18
C GLY B 338 -2.16 -39.02 4.52
N GLY B 339 -1.57 -40.04 5.13
CA GLY B 339 -2.35 -41.18 5.57
C GLY B 339 -1.75 -42.48 5.13
N ASP B 340 -1.12 -42.44 3.94
CA ASP B 340 -0.44 -43.59 3.36
C ASP B 340 1.05 -43.39 3.55
N MET B 341 1.63 -44.14 4.49
CA MET B 341 3.02 -43.86 4.87
C MET B 341 4.00 -44.20 3.76
N ARG B 342 3.57 -44.96 2.75
CA ARG B 342 4.47 -45.20 1.62
C ARG B 342 4.86 -43.91 0.92
N ASP B 343 3.97 -42.92 0.88
CA ASP B 343 4.36 -41.63 0.32
C ASP B 343 5.54 -41.03 1.08
N ASN B 344 5.54 -41.16 2.41
CA ASN B 344 6.72 -40.69 3.14
C ASN B 344 7.98 -41.40 2.67
N TRP B 345 7.91 -42.73 2.46
CA TRP B 345 9.12 -43.41 1.98
C TRP B 345 9.44 -42.97 0.56
N ARG B 346 8.42 -42.85 -0.30
CA ARG B 346 8.66 -42.28 -1.64
C ARG B 346 9.46 -41.01 -1.59
N SER B 347 9.17 -40.13 -0.61
CA SER B 347 9.76 -38.80 -0.71
C SER B 347 11.27 -38.88 -0.56
N GLU B 348 11.76 -39.98 -0.04
CA GLU B 348 13.19 -40.20 0.11
C GLU B 348 13.73 -41.15 -0.93
N LEU B 349 12.92 -42.10 -1.40
CA LEU B 349 13.40 -43.14 -2.29
C LEU B 349 13.22 -42.78 -3.76
N TYR B 350 12.72 -41.59 -4.05
CA TYR B 350 12.32 -41.26 -5.42
C TYR B 350 13.49 -41.36 -6.40
N LYS B 351 14.73 -41.20 -5.93
CA LYS B 351 15.86 -41.11 -6.86
C LYS B 351 16.51 -42.47 -7.11
N TYR B 352 15.98 -43.55 -6.54
CA TYR B 352 16.65 -44.83 -6.54
C TYR B 352 15.83 -45.87 -7.28
N LYS B 353 16.53 -46.82 -7.91
CA LYS B 353 15.91 -47.96 -8.56
C LYS B 353 16.84 -49.17 -8.43
N VAL B 354 16.27 -50.37 -8.34
CA VAL B 354 17.07 -51.59 -8.25
C VAL B 354 17.20 -52.18 -9.64
N VAL B 355 18.38 -52.70 -9.96
CA VAL B 355 18.63 -53.08 -11.33
C VAL B 355 19.49 -54.35 -11.37
N GLU B 356 19.23 -55.16 -12.39
CA GLU B 356 20.05 -56.29 -12.84
C GLU B 356 19.90 -57.53 -11.99
N LYS C 6 -25.50 29.00 18.60
CA LYS C 6 -26.52 29.93 19.08
C LYS C 6 -26.14 31.35 18.64
N THR C 7 -24.84 31.55 18.40
CA THR C 7 -24.28 32.84 18.02
C THR C 7 -23.10 32.59 17.10
N THR C 8 -22.48 33.67 16.61
CA THR C 8 -21.34 33.56 15.72
C THR C 8 -20.06 33.69 16.53
N LEU C 9 -19.28 32.63 16.53
CA LEU C 9 -17.98 32.45 17.13
C LEU C 9 -16.86 33.09 16.31
N PHE C 10 -15.70 33.24 16.95
CA PHE C 10 -14.56 33.84 16.28
C PHE C 10 -13.38 32.89 16.50
N CYS C 11 -12.36 32.98 15.63
CA CYS C 11 -11.25 32.05 15.74
C CYS C 11 -10.02 32.76 16.28
N ALA C 12 -9.23 32.01 17.05
CA ALA C 12 -7.95 32.43 17.58
C ALA C 12 -6.88 31.45 17.10
N SER C 13 -5.66 31.95 16.86
CA SER C 13 -4.59 31.09 16.35
C SER C 13 -3.23 31.71 16.66
N ASP C 14 -2.21 30.86 16.70
CA ASP C 14 -0.79 31.18 16.51
C ASP C 14 -0.37 31.52 15.11
N ALA C 15 -1.26 31.91 14.21
CA ALA C 15 -0.66 32.10 12.90
C ALA C 15 0.32 33.27 12.93
N LYS C 16 0.98 33.45 11.80
CA LYS C 16 2.19 34.23 11.70
C LYS C 16 2.06 35.09 10.48
N ALA C 17 2.05 36.41 10.67
CA ALA C 17 1.84 37.20 9.48
C ALA C 17 2.97 36.97 8.49
N TYR C 18 4.16 36.59 8.99
CA TYR C 18 5.28 36.16 8.15
C TYR C 18 5.27 34.78 7.57
N GLU C 19 4.58 33.81 8.13
CA GLU C 19 4.54 32.56 7.40
C GLU C 19 3.74 32.83 6.13
N LYS C 20 4.32 32.42 5.02
CA LYS C 20 3.59 32.31 3.77
C LYS C 20 2.90 30.95 3.65
N GLU C 21 2.90 30.14 4.71
CA GLU C 21 2.07 28.94 4.65
C GLU C 21 0.61 29.38 4.71
N VAL C 22 -0.22 28.76 3.88
CA VAL C 22 -1.51 29.39 3.59
C VAL C 22 -2.48 29.34 4.77
N HIS C 23 -2.40 28.30 5.61
CA HIS C 23 -3.20 28.35 6.84
C HIS C 23 -2.81 29.57 7.69
N ASN C 24 -1.51 29.83 7.81
CA ASN C 24 -1.05 31.00 8.55
C ASN C 24 -1.58 32.30 7.94
N VAL C 25 -1.45 32.45 6.62
CA VAL C 25 -1.98 33.66 5.97
C VAL C 25 -3.46 33.84 6.27
N TRP C 26 -4.25 32.77 6.05
CA TRP C 26 -5.67 32.92 6.24
C TRP C 26 -5.98 33.30 7.68
N ALA C 27 -5.32 32.65 8.63
CA ALA C 27 -5.62 32.91 10.03
C ALA C 27 -5.19 34.31 10.46
N THR C 28 -4.14 34.86 9.85
CA THR C 28 -3.75 36.22 10.21
C THR C 28 -4.86 37.20 9.82
N HIS C 29 -5.44 36.96 8.64
CA HIS C 29 -6.57 37.77 8.18
C HIS C 29 -7.83 37.51 9.02
N ALA C 30 -8.06 36.27 9.44
CA ALA C 30 -9.39 35.88 9.90
C ALA C 30 -9.50 35.63 11.39
N CYS C 31 -8.39 35.41 12.08
CA CYS C 31 -8.41 35.02 13.48
C CYS C 31 -7.70 36.07 14.32
N VAL C 32 -7.96 36.04 15.63
CA VAL C 32 -7.29 36.95 16.55
C VAL C 32 -6.23 36.14 17.28
N PRO C 33 -5.24 36.75 17.92
CA PRO C 33 -4.25 35.95 18.63
C PRO C 33 -4.86 35.24 19.82
N THR C 34 -4.24 34.11 20.16
CA THR C 34 -4.70 33.31 21.28
C THR C 34 -4.24 33.88 22.60
N ASP C 35 -5.07 33.68 23.62
CA ASP C 35 -4.80 34.25 24.91
C ASP C 35 -3.86 33.34 25.68
N PRO C 36 -2.73 33.88 26.17
CA PRO C 36 -1.59 33.04 26.59
C PRO C 36 -1.87 32.16 27.79
N ASN C 37 -2.65 32.61 28.76
CA ASN C 37 -3.25 31.72 29.75
C ASN C 37 -4.76 31.87 29.70
N PRO C 38 -5.49 30.82 29.35
CA PRO C 38 -6.95 30.92 29.32
C PRO C 38 -7.60 30.45 30.61
N GLN C 39 -8.77 31.00 30.89
CA GLN C 39 -9.54 30.64 32.07
C GLN C 39 -10.40 29.41 31.77
N GLU C 40 -10.29 28.36 32.57
CA GLU C 40 -11.26 27.28 32.49
C GLU C 40 -12.14 27.45 33.74
N MET C 41 -13.43 27.28 33.79
CA MET C 41 -13.87 26.86 35.12
C MET C 41 -14.41 25.47 35.19
N VAL C 42 -14.33 24.88 36.34
CA VAL C 42 -14.90 23.55 36.53
C VAL C 42 -16.25 23.64 37.24
N LEU C 43 -17.10 22.64 36.96
CA LEU C 43 -18.47 22.57 37.50
C LEU C 43 -19.02 21.14 37.54
N ALA C 44 -18.49 20.29 38.41
CA ALA C 44 -18.83 18.87 38.40
C ALA C 44 -20.24 18.58 38.89
N ASN C 45 -20.86 19.51 39.59
CA ASN C 45 -22.23 19.30 40.04
C ASN C 45 -23.22 19.44 38.90
N VAL C 46 -22.85 20.16 37.83
CA VAL C 46 -23.84 20.74 36.93
C VAL C 46 -24.55 19.69 36.10
N THR C 47 -23.80 18.76 35.49
CA THR C 47 -24.29 17.85 34.45
C THR C 47 -25.12 18.57 33.38
N GLU C 48 -24.65 18.68 32.13
CA GLU C 48 -25.59 19.19 31.15
C GLU C 48 -25.66 18.20 29.99
N ASN C 49 -26.49 18.51 28.99
CA ASN C 49 -26.62 17.66 27.82
C ASN C 49 -25.86 18.20 26.62
N PHE C 50 -25.48 17.26 25.75
CA PHE C 50 -24.63 17.57 24.61
C PHE C 50 -25.08 16.71 23.44
N ASN C 51 -24.90 17.20 22.21
CA ASN C 51 -25.14 16.34 21.07
C ASN C 51 -24.19 16.72 19.93
N MET C 52 -23.11 15.93 19.79
CA MET C 52 -22.09 16.23 18.80
C MET C 52 -22.63 16.21 17.38
N TRP C 53 -23.76 15.54 17.15
CA TRP C 53 -24.29 15.40 15.80
C TRP C 53 -25.15 16.57 15.37
N LYS C 54 -25.44 17.48 16.29
CA LYS C 54 -26.19 18.70 16.01
C LYS C 54 -25.57 19.81 16.85
N ASN C 55 -24.52 20.40 16.29
CA ASN C 55 -23.64 21.37 16.93
C ASN C 55 -23.32 22.48 15.94
N ASP C 56 -23.88 23.68 16.18
CA ASP C 56 -23.59 24.86 15.38
C ASP C 56 -22.09 25.11 15.22
N MET C 57 -21.28 24.76 16.21
CA MET C 57 -19.84 24.97 16.05
C MET C 57 -19.33 24.22 14.83
N VAL C 58 -19.89 23.05 14.55
CA VAL C 58 -19.43 22.28 13.41
C VAL C 58 -19.69 23.05 12.11
N GLU C 59 -20.90 23.61 11.96
CA GLU C 59 -21.21 24.40 10.77
C GLU C 59 -20.31 25.61 10.63
N GLN C 60 -20.11 26.34 11.73
CA GLN C 60 -19.26 27.54 11.65
C GLN C 60 -17.85 27.18 11.23
N MET C 61 -17.27 26.12 11.82
CA MET C 61 -15.95 25.65 11.39
C MET C 61 -15.95 25.23 9.92
N HIS C 62 -16.96 24.46 9.52
CA HIS C 62 -17.01 23.99 8.14
C HIS C 62 -16.90 25.17 7.18
N GLU C 63 -17.74 26.17 7.41
CA GLU C 63 -17.70 27.43 6.68
C GLU C 63 -16.31 28.04 6.69
N ASP C 64 -15.66 28.12 7.85
CA ASP C 64 -14.31 28.69 7.86
C ASP C 64 -13.36 27.90 6.97
N ILE C 65 -13.37 26.58 7.08
CA ILE C 65 -12.38 25.79 6.33
C ILE C 65 -12.65 25.85 4.84
N ILE C 66 -13.94 25.88 4.46
CA ILE C 66 -14.27 26.14 3.05
C ILE C 66 -13.65 27.45 2.59
N SER C 67 -13.81 28.50 3.39
CA SER C 67 -13.24 29.78 3.01
C SER C 67 -11.73 29.70 2.91
N LEU C 68 -11.10 29.00 3.86
CA LEU C 68 -9.65 28.88 3.87
C LEU C 68 -9.16 28.15 2.63
N TRP C 69 -9.92 27.15 2.17
CA TRP C 69 -9.52 26.43 0.97
C TRP C 69 -9.73 27.26 -0.32
N ASP C 70 -10.83 28.06 -0.46
CA ASP C 70 -10.81 29.15 -1.48
C ASP C 70 -9.60 30.04 -1.45
N GLU C 71 -9.41 30.79 -0.37
CA GLU C 71 -8.14 31.53 -0.29
C GLU C 71 -6.93 30.72 -0.72
N SER C 72 -6.82 29.48 -0.28
CA SER C 72 -5.48 28.88 -0.24
C SER C 72 -5.17 27.89 -1.35
N LEU C 73 -6.07 26.95 -1.65
CA LEU C 73 -5.84 25.96 -2.70
C LEU C 73 -6.80 26.24 -3.85
N LYS C 74 -6.49 27.28 -4.60
CA LYS C 74 -7.26 27.59 -5.78
C LYS C 74 -7.03 26.52 -6.85
N PRO C 75 -8.08 25.91 -7.39
CA PRO C 75 -7.95 25.03 -8.55
C PRO C 75 -7.73 25.83 -9.81
N CYS C 76 -7.01 25.22 -10.75
CA CYS C 76 -6.90 25.81 -12.06
C CYS C 76 -8.27 25.86 -12.71
N VAL C 77 -9.09 24.83 -12.52
CA VAL C 77 -10.43 24.85 -13.07
C VAL C 77 -11.37 24.30 -12.00
N LYS C 78 -12.53 24.93 -11.81
CA LYS C 78 -13.57 24.35 -10.97
C LYS C 78 -14.83 24.20 -11.81
N LEU C 79 -15.38 22.98 -11.88
CA LEU C 79 -16.68 22.74 -12.49
C LEU C 79 -17.74 22.46 -11.45
N THR C 80 -18.76 23.30 -11.44
CA THR C 80 -19.97 23.09 -10.64
C THR C 80 -21.18 23.38 -11.53
N GLY C 81 -22.12 22.45 -11.53
CA GLY C 81 -23.29 22.61 -12.38
C GLY C 81 -22.86 22.76 -13.82
N GLY C 82 -23.40 23.78 -14.48
CA GLY C 82 -22.99 24.05 -15.84
C GLY C 82 -21.64 24.71 -15.93
N SER C 83 -21.28 25.49 -14.91
CA SER C 83 -20.18 26.44 -15.05
C SER C 83 -18.82 25.79 -14.84
N ALA C 84 -17.83 26.29 -15.58
CA ALA C 84 -16.42 26.13 -15.28
C ALA C 84 -15.81 27.49 -14.95
N ILE C 85 -14.96 27.50 -13.94
CA ILE C 85 -14.41 28.70 -13.33
C ILE C 85 -12.92 28.48 -13.45
N THR C 86 -12.22 29.36 -14.11
CA THR C 86 -10.76 29.22 -14.18
C THR C 86 -10.00 30.34 -13.49
N GLN C 87 -8.88 29.99 -12.85
CA GLN C 87 -8.11 30.98 -12.12
C GLN C 87 -6.73 30.46 -11.84
N ALA C 88 -5.82 31.35 -11.45
CA ALA C 88 -4.45 30.93 -11.24
C ALA C 88 -4.38 29.90 -10.13
N CYS C 89 -3.53 28.88 -10.30
CA CYS C 89 -3.44 27.79 -9.33
C CYS C 89 -1.98 27.55 -8.94
N PRO C 90 -1.34 28.54 -8.32
CA PRO C 90 0.08 28.38 -7.94
C PRO C 90 0.24 27.26 -6.94
N LYS C 91 1.43 26.67 -6.92
CA LYS C 91 1.79 25.76 -5.85
C LYS C 91 2.07 26.56 -4.57
N VAL C 92 1.65 26.04 -3.41
CA VAL C 92 1.73 26.81 -2.17
C VAL C 92 2.37 25.97 -1.08
N SER C 93 2.79 26.62 0.01
CA SER C 93 3.16 25.84 1.18
C SER C 93 1.93 25.64 2.03
N PHE C 94 1.72 24.40 2.43
CA PHE C 94 0.46 23.93 2.97
C PHE C 94 0.74 22.92 4.06
N ASP C 95 0.42 23.33 5.29
CA ASP C 95 0.57 22.56 6.52
C ASP C 95 -0.41 23.06 7.56
N PRO C 96 -1.46 22.29 7.88
CA PRO C 96 -2.52 22.80 8.76
C PRO C 96 -1.99 23.23 10.12
N ILE C 97 -2.55 24.31 10.63
CA ILE C 97 -2.21 24.84 11.95
C ILE C 97 -3.45 24.74 12.81
N PRO C 98 -3.31 24.68 14.13
CA PRO C 98 -4.48 24.57 15.00
C PRO C 98 -5.26 25.86 15.05
N LEU C 99 -6.58 25.73 15.13
CA LEU C 99 -7.49 26.87 15.20
C LEU C 99 -8.35 26.69 16.45
N HIS C 100 -8.54 27.78 17.20
CA HIS C 100 -9.40 27.74 18.38
C HIS C 100 -10.68 28.48 18.07
N TYR C 101 -11.81 27.89 18.46
CA TYR C 101 -13.10 28.57 18.30
C TYR C 101 -13.54 29.14 19.63
N CYS C 102 -13.92 30.42 19.62
CA CYS C 102 -14.09 31.24 20.81
C CYS C 102 -15.49 31.85 20.82
N ALA C 103 -16.10 31.82 22.01
CA ALA C 103 -17.42 32.40 22.25
C ALA C 103 -17.30 33.91 22.41
N PRO C 104 -18.15 34.68 21.75
CA PRO C 104 -18.05 36.14 21.85
C PRO C 104 -18.51 36.64 23.22
N ALA C 105 -18.46 37.95 23.45
CA ALA C 105 -18.86 38.49 24.74
C ALA C 105 -20.33 38.18 25.04
N GLY C 106 -20.59 37.69 26.26
CA GLY C 106 -21.93 37.31 26.69
C GLY C 106 -22.24 35.84 26.48
N PHE C 107 -21.31 35.12 25.91
CA PHE C 107 -21.46 33.75 25.48
C PHE C 107 -20.31 32.95 26.06
N ALA C 108 -20.56 31.68 26.37
CA ALA C 108 -19.47 30.86 26.83
C ALA C 108 -19.47 29.55 26.07
N ILE C 109 -18.41 28.76 26.25
CA ILE C 109 -18.36 27.44 25.66
C ILE C 109 -18.25 26.46 26.81
N LEU C 110 -19.20 25.55 26.93
CA LEU C 110 -19.06 24.48 27.91
C LEU C 110 -18.33 23.30 27.30
N LYS C 111 -17.41 22.75 28.09
CA LYS C 111 -16.67 21.56 27.72
C LYS C 111 -17.08 20.41 28.62
N CYS C 112 -17.36 19.25 28.01
CA CYS C 112 -17.63 18.03 28.75
C CYS C 112 -16.31 17.40 29.17
N ASN C 113 -16.11 17.25 30.49
CA ASN C 113 -14.86 16.73 31.03
C ASN C 113 -14.89 15.21 31.25
N ASN C 114 -16.03 14.54 31.02
CA ASN C 114 -16.06 13.09 31.21
C ASN C 114 -15.23 12.44 30.12
N LYS C 115 -14.24 11.67 30.53
CA LYS C 115 -13.20 11.22 29.61
C LYS C 115 -13.74 10.21 28.60
N THR C 116 -14.86 9.56 28.93
CA THR C 116 -15.48 8.50 28.15
C THR C 116 -16.76 8.94 27.49
N PHE C 117 -17.09 10.22 27.54
CA PHE C 117 -18.27 10.73 26.85
C PHE C 117 -18.29 10.39 25.38
N ASN C 118 -19.43 9.86 24.93
CA ASN C 118 -19.54 9.36 23.57
C ASN C 118 -20.05 10.40 22.58
N GLY C 119 -20.28 11.64 23.03
CA GLY C 119 -20.74 12.73 22.18
C GLY C 119 -22.20 13.07 22.32
N THR C 120 -22.96 12.23 23.01
CA THR C 120 -24.41 12.29 23.15
C THR C 120 -24.86 12.17 24.59
N GLY C 121 -25.83 12.99 24.97
CA GLY C 121 -26.54 12.81 26.21
C GLY C 121 -25.98 13.66 27.32
N PRO C 122 -26.17 13.22 28.57
CA PRO C 122 -25.73 13.99 29.73
C PRO C 122 -24.29 13.71 30.13
N CYS C 123 -23.63 14.78 30.58
CA CYS C 123 -22.23 14.79 31.01
C CYS C 123 -22.17 15.41 32.39
N ARG C 124 -21.57 14.69 33.36
CA ARG C 124 -21.63 15.15 34.74
C ARG C 124 -20.66 16.28 35.02
N ASN C 125 -19.38 16.08 34.69
CA ASN C 125 -18.36 17.08 34.99
C ASN C 125 -18.28 18.02 33.78
N VAL C 126 -18.52 19.31 34.00
CA VAL C 126 -18.59 20.29 32.92
C VAL C 126 -17.73 21.51 33.30
N SER C 127 -17.15 22.14 32.28
CA SER C 127 -16.36 23.35 32.43
C SER C 127 -16.93 24.46 31.56
N THR C 128 -16.57 25.71 31.88
CA THR C 128 -16.77 26.84 30.98
C THR C 128 -15.43 27.36 30.50
N VAL C 129 -15.35 27.73 29.22
CA VAL C 129 -14.12 28.22 28.61
C VAL C 129 -14.43 29.30 27.59
N GLN C 130 -13.44 30.18 27.40
CA GLN C 130 -13.40 31.08 26.25
C GLN C 130 -13.50 30.33 24.93
N CYS C 131 -12.59 29.39 24.74
CA CYS C 131 -12.25 28.85 23.44
C CYS C 131 -12.04 27.35 23.55
N THR C 132 -12.26 26.66 22.44
CA THR C 132 -11.90 25.26 22.32
C THR C 132 -10.40 25.10 22.34
N HIS C 133 -9.96 23.86 22.48
CA HIS C 133 -8.56 23.58 22.24
C HIS C 133 -8.23 23.85 20.78
N GLY C 134 -6.95 23.70 20.45
CA GLY C 134 -6.51 24.00 19.11
C GLY C 134 -6.82 22.82 18.21
N ILE C 135 -7.59 23.03 17.14
CA ILE C 135 -8.00 21.95 16.25
C ILE C 135 -7.37 22.19 14.89
N LYS C 136 -6.53 21.22 14.42
CA LYS C 136 -6.05 21.37 13.05
C LYS C 136 -7.13 20.93 12.07
N PRO C 137 -7.47 21.76 11.10
CA PRO C 137 -8.54 21.41 10.15
C PRO C 137 -8.06 20.48 9.03
N VAL C 138 -7.89 19.20 9.37
CA VAL C 138 -7.29 18.23 8.46
C VAL C 138 -8.39 17.57 7.65
N VAL C 139 -8.34 17.75 6.33
CA VAL C 139 -9.32 17.18 5.42
C VAL C 139 -8.84 15.80 4.99
N SER C 140 -9.67 14.77 5.21
CA SER C 140 -9.34 13.40 4.82
C SER C 140 -10.61 12.53 4.85
N THR C 141 -10.51 11.33 4.25
CA THR C 141 -11.53 10.29 4.35
C THR C 141 -10.89 9.07 5.00
N GLN C 142 -11.73 8.11 5.46
CA GLN C 142 -11.25 6.86 6.08
C GLN C 142 -10.47 7.04 7.37
N LEU C 143 -9.34 7.71 7.35
CA LEU C 143 -8.59 7.88 8.58
C LEU C 143 -8.64 9.33 9.03
N LEU C 144 -8.87 9.54 10.32
CA LEU C 144 -8.73 10.88 10.90
C LEU C 144 -7.27 11.05 11.32
N LEU C 145 -6.65 12.14 10.87
CA LEU C 145 -5.21 12.35 11.00
C LEU C 145 -4.95 13.51 11.93
N ASN C 146 -3.93 13.38 12.78
CA ASN C 146 -3.42 14.51 13.54
C ASN C 146 -4.46 15.09 14.48
N GLY C 147 -5.45 14.29 14.89
CA GLY C 147 -6.41 14.76 15.87
C GLY C 147 -5.87 14.61 17.28
N SER C 148 -6.75 14.75 18.25
CA SER C 148 -6.39 14.56 19.65
C SER C 148 -6.94 13.21 20.11
N LEU C 149 -6.14 12.46 20.84
CA LEU C 149 -6.52 11.11 21.23
C LEU C 149 -7.46 11.13 22.43
N ALA C 150 -8.32 10.10 22.52
CA ALA C 150 -9.15 9.94 23.72
C ALA C 150 -8.26 9.58 24.90
N GLU C 151 -8.60 10.06 26.11
CA GLU C 151 -7.59 10.00 27.16
C GLU C 151 -7.60 8.66 27.89
N GLU C 152 -8.75 7.97 27.90
CA GLU C 152 -8.93 6.65 28.50
C GLU C 152 -9.26 5.55 27.50
N GLU C 153 -10.50 5.22 27.21
CA GLU C 153 -10.61 4.12 26.27
C GLU C 153 -10.92 4.60 24.86
N ILE C 154 -10.79 3.69 23.89
CA ILE C 154 -11.31 3.93 22.55
C ILE C 154 -12.79 4.22 22.66
N ILE C 155 -13.26 5.31 22.04
CA ILE C 155 -14.67 5.70 22.11
C ILE C 155 -15.31 5.45 20.75
N ILE C 156 -16.55 4.94 20.77
CA ILE C 156 -17.33 4.73 19.55
C ILE C 156 -18.43 5.79 19.55
N ARG C 157 -18.46 6.63 18.52
CA ARG C 157 -19.48 7.66 18.40
C ARG C 157 -20.32 7.45 17.15
N SER C 158 -21.62 7.63 17.29
CA SER C 158 -22.51 7.53 16.15
C SER C 158 -23.79 8.27 16.52
N GLU C 159 -24.40 8.90 15.52
CA GLU C 159 -25.68 9.53 15.76
C GLU C 159 -26.71 8.48 16.17
N ASN C 160 -26.55 7.26 15.64
CA ASN C 160 -27.46 6.14 15.80
C ASN C 160 -26.83 4.83 15.34
N LEU C 161 -26.25 4.06 16.26
CA LEU C 161 -25.54 2.85 15.86
C LEU C 161 -26.45 1.84 15.18
N THR C 162 -27.74 1.86 15.45
CA THR C 162 -28.63 0.89 14.83
C THR C 162 -28.87 1.21 13.37
N ASN C 163 -28.71 2.48 13.00
CA ASN C 163 -28.86 2.93 11.62
C ASN C 163 -27.54 2.79 10.87
N ASN C 164 -27.47 1.82 9.98
CA ASN C 164 -26.21 1.51 9.32
C ASN C 164 -25.73 2.62 8.40
N ALA C 165 -26.63 3.51 7.97
CA ALA C 165 -26.35 4.68 7.15
C ALA C 165 -25.67 5.81 7.92
N LYS C 166 -25.64 5.76 9.26
CA LYS C 166 -24.99 6.82 10.03
C LYS C 166 -23.52 6.49 10.26
N THR C 167 -22.67 7.46 9.94
CA THR C 167 -21.23 7.31 10.07
C THR C 167 -20.85 7.01 11.51
N ILE C 168 -19.90 6.09 11.70
CA ILE C 168 -19.32 5.81 13.02
C ILE C 168 -17.95 6.47 13.09
N ILE C 169 -17.70 7.19 14.18
CA ILE C 169 -16.38 7.75 14.45
C ILE C 169 -15.75 6.92 15.56
N VAL C 170 -14.60 6.35 15.27
CA VAL C 170 -13.80 5.67 16.29
C VAL C 170 -12.75 6.65 16.76
N HIS C 171 -12.76 6.97 18.05
CA HIS C 171 -11.76 7.83 18.68
C HIS C 171 -10.74 6.95 19.39
N LEU C 172 -9.53 6.97 18.90
CA LEU C 172 -8.45 6.11 19.35
C LEU C 172 -7.76 6.71 20.56
N ASN C 173 -7.30 5.86 21.49
CA ASN C 173 -6.54 6.35 22.65
C ASN C 173 -5.04 6.26 22.41
N GLU C 174 -4.64 5.56 21.38
CA GLU C 174 -3.27 5.46 20.94
C GLU C 174 -3.16 5.62 19.45
N SER C 175 -2.29 6.54 19.03
CA SER C 175 -2.13 6.91 17.63
C SER C 175 -1.33 5.86 16.89
N VAL C 176 -1.56 5.79 15.58
CA VAL C 176 -0.88 4.86 14.71
C VAL C 176 -0.17 5.68 13.64
N ASN C 177 1.14 5.56 13.57
CA ASN C 177 1.90 6.35 12.61
C ASN C 177 1.57 5.90 11.19
N ILE C 178 1.42 6.86 10.27
CA ILE C 178 1.33 6.55 8.86
C ILE C 178 2.26 7.51 8.13
N VAL C 179 3.20 6.95 7.36
CA VAL C 179 4.15 7.77 6.62
C VAL C 179 3.87 7.64 5.15
N CYS C 180 3.50 8.74 4.50
CA CYS C 180 3.17 8.70 3.08
C CYS C 180 4.17 9.55 2.32
N THR C 181 4.63 9.04 1.19
CA THR C 181 5.69 9.70 0.46
C THR C 181 5.54 9.40 -1.02
N ARG C 182 5.76 10.44 -1.82
CA ARG C 182 6.02 10.32 -3.23
C ARG C 182 7.52 10.56 -3.36
N PRO C 183 8.30 9.57 -3.77
CA PRO C 183 9.75 9.73 -3.71
C PRO C 183 10.30 10.59 -4.84
N ASN C 184 11.33 11.33 -4.49
CA ASN C 184 12.27 11.83 -5.47
C ASN C 184 13.38 10.81 -5.54
N ASN C 193 6.93 6.77 -12.48
CA ASN C 193 5.72 7.61 -12.58
C ASN C 193 5.61 8.47 -11.33
N ILE C 194 5.18 9.72 -11.51
CA ILE C 194 5.59 10.72 -10.56
C ILE C 194 4.36 11.19 -9.77
N ARG C 195 3.17 10.69 -10.17
CA ARG C 195 1.95 10.39 -9.41
C ARG C 195 2.08 9.24 -8.40
N GLN C 196 3.06 8.34 -8.56
CA GLN C 196 3.10 7.14 -7.71
C GLN C 196 3.56 7.48 -6.29
N ALA C 197 2.91 6.90 -5.29
CA ALA C 197 3.37 7.13 -3.92
C ALA C 197 3.01 5.93 -3.07
N HIS C 198 3.38 5.99 -1.79
CA HIS C 198 3.03 4.86 -0.94
C HIS C 198 3.03 5.33 0.50
N CYS C 199 2.28 4.60 1.34
CA CYS C 199 2.24 4.84 2.77
C CYS C 199 2.67 3.59 3.52
N ASN C 200 3.41 3.76 4.60
CA ASN C 200 3.80 2.65 5.46
C ASN C 200 3.17 2.80 6.83
N ILE C 201 2.59 1.70 7.31
CA ILE C 201 2.03 1.58 8.65
C ILE C 201 2.64 0.32 9.29
N ASN C 202 3.07 0.44 10.54
CA ASN C 202 3.60 -0.73 11.25
C ASN C 202 2.49 -1.74 11.53
N GLU C 203 2.60 -2.95 11.00
CA GLU C 203 1.53 -3.93 11.18
C GLU C 203 1.26 -4.27 12.65
N SER C 204 2.28 -4.24 13.52
CA SER C 204 2.02 -4.54 14.94
C SER C 204 0.98 -3.59 15.52
N LYS C 205 1.25 -2.28 15.54
CA LYS C 205 0.19 -1.33 15.89
C LYS C 205 -1.10 -1.48 15.14
N TRP C 206 -1.08 -1.55 13.82
CA TRP C 206 -2.40 -1.60 13.21
C TRP C 206 -3.17 -2.76 13.78
N ASN C 207 -2.44 -3.81 14.12
CA ASN C 207 -2.97 -5.11 14.49
C ASN C 207 -3.59 -5.01 15.89
N ASN C 208 -2.81 -4.49 16.84
CA ASN C 208 -3.31 -4.11 18.16
C ASN C 208 -4.58 -3.29 18.04
N THR C 209 -4.48 -2.13 17.38
CA THR C 209 -5.58 -1.18 17.45
C THR C 209 -6.85 -1.77 16.88
N LEU C 210 -6.78 -2.56 15.80
CA LEU C 210 -8.03 -3.15 15.38
C LEU C 210 -8.54 -4.23 16.33
N GLN C 211 -7.65 -4.93 17.02
CA GLN C 211 -8.14 -5.81 18.08
C GLN C 211 -8.92 -5.02 19.13
N LYS C 212 -8.46 -3.82 19.44
CA LYS C 212 -9.04 -3.06 20.55
C LYS C 212 -10.35 -2.37 20.10
N VAL C 213 -10.33 -1.89 18.85
CA VAL C 213 -11.53 -1.37 18.20
C VAL C 213 -12.57 -2.46 18.07
N GLY C 214 -12.15 -3.65 17.64
CA GLY C 214 -13.07 -4.77 17.56
C GLY C 214 -13.68 -5.13 18.89
N GLU C 215 -12.90 -5.01 19.97
CA GLU C 215 -13.45 -5.32 21.30
C GLU C 215 -14.60 -4.35 21.62
N GLU C 216 -14.35 -3.04 21.46
CA GLU C 216 -15.40 -2.04 21.71
C GLU C 216 -16.62 -2.23 20.80
N LEU C 217 -16.36 -2.45 19.52
CA LEU C 217 -17.46 -2.67 18.60
C LEU C 217 -18.24 -3.92 18.98
N ALA C 218 -17.57 -4.90 19.60
CA ALA C 218 -18.26 -6.10 20.07
C ALA C 218 -19.15 -5.79 21.26
N LYS C 219 -18.65 -4.94 22.17
CA LYS C 219 -19.52 -4.46 23.24
C LYS C 219 -20.82 -3.92 22.69
N HIS C 220 -20.79 -3.23 21.54
CA HIS C 220 -22.07 -2.71 21.03
C HIS C 220 -22.82 -3.68 20.13
N PHE C 221 -22.16 -4.71 19.60
CA PHE C 221 -22.82 -5.77 18.81
C PHE C 221 -22.30 -7.11 19.30
N PRO C 222 -22.89 -7.67 20.36
CA PRO C 222 -22.18 -8.75 21.08
C PRO C 222 -22.26 -10.13 20.44
N SER C 223 -23.41 -10.53 19.90
CA SER C 223 -23.49 -11.88 19.33
C SER C 223 -22.57 -12.02 18.13
N LYS C 224 -22.43 -10.95 17.36
CA LYS C 224 -21.87 -11.02 16.02
C LYS C 224 -20.34 -11.13 16.02
N THR C 225 -19.82 -11.77 14.96
CA THR C 225 -18.41 -11.67 14.61
C THR C 225 -18.16 -10.30 13.97
N ILE C 226 -17.00 -9.68 14.24
CA ILE C 226 -16.75 -8.30 13.78
C ILE C 226 -15.74 -8.34 12.64
N LYS C 227 -16.14 -8.06 11.39
CA LYS C 227 -15.09 -7.93 10.37
C LYS C 227 -14.91 -6.52 9.82
N PHE C 228 -13.69 -6.28 9.37
CA PHE C 228 -13.23 -5.07 8.71
C PHE C 228 -12.91 -5.42 7.27
N GLU C 229 -13.52 -4.70 6.32
CA GLU C 229 -13.34 -4.98 4.90
C GLU C 229 -13.20 -3.63 4.16
N PRO C 230 -12.62 -3.63 2.97
CA PRO C 230 -12.41 -2.37 2.26
C PRO C 230 -13.71 -1.72 1.81
N SER C 231 -13.60 -0.45 1.48
CA SER C 231 -14.75 0.29 0.95
C SER C 231 -15.26 -0.37 -0.32
N SER C 232 -16.56 -0.63 -0.35
CA SER C 232 -17.16 -1.34 -1.47
C SER C 232 -17.09 -0.50 -2.74
N GLY C 233 -17.68 0.70 -2.71
CA GLY C 233 -17.74 1.49 -3.92
C GLY C 233 -17.98 2.96 -3.63
N GLY C 234 -18.00 3.74 -4.70
CA GLY C 234 -18.17 5.17 -4.61
C GLY C 234 -17.06 5.88 -5.33
N ASP C 235 -17.01 7.20 -5.18
CA ASP C 235 -15.91 7.94 -5.77
C ASP C 235 -14.60 7.57 -5.10
N LEU C 236 -13.52 7.81 -5.82
CA LEU C 236 -12.21 7.40 -5.39
C LEU C 236 -11.82 8.09 -4.08
N GLU C 237 -12.33 9.31 -3.85
CA GLU C 237 -12.02 10.02 -2.62
C GLU C 237 -12.48 9.27 -1.38
N ILE C 238 -13.53 8.45 -1.48
CA ILE C 238 -14.00 7.72 -0.30
C ILE C 238 -13.70 6.24 -0.37
N THR C 239 -13.36 5.69 -1.53
CA THR C 239 -12.94 4.30 -1.56
C THR C 239 -11.47 4.13 -1.28
N THR C 240 -10.73 5.22 -1.23
CA THR C 240 -9.35 5.25 -0.77
C THR C 240 -9.23 6.25 0.37
N HIS C 241 -8.12 6.15 1.08
CA HIS C 241 -7.78 7.12 2.11
C HIS C 241 -7.21 8.31 1.36
N SER C 242 -7.99 9.37 1.24
CA SER C 242 -7.60 10.55 0.48
C SER C 242 -7.32 11.70 1.43
N PHE C 243 -6.31 12.50 1.10
CA PHE C 243 -5.90 13.58 1.99
C PHE C 243 -4.98 14.50 1.19
N ASN C 244 -4.67 15.66 1.77
CA ASN C 244 -3.78 16.61 1.07
C ASN C 244 -2.43 16.66 1.78
N CYS C 245 -1.36 16.30 1.07
CA CYS C 245 -0.02 16.43 1.69
C CYS C 245 0.76 17.54 0.98
N ARG C 246 1.11 18.61 1.70
CA ARG C 246 1.96 19.68 1.12
C ARG C 246 1.34 20.17 -0.19
N GLY C 247 0.02 20.37 -0.22
CA GLY C 247 -0.66 20.82 -1.45
C GLY C 247 -1.13 19.75 -2.41
N GLU C 248 -0.51 18.56 -2.40
CA GLU C 248 -0.87 17.54 -3.38
C GLU C 248 -1.94 16.60 -2.84
N PHE C 249 -2.86 16.16 -3.70
CA PHE C 249 -3.96 15.28 -3.26
C PHE C 249 -3.56 13.82 -3.44
N PHE C 250 -3.36 13.13 -2.30
CA PHE C 250 -3.03 11.70 -2.27
C PHE C 250 -4.29 10.87 -2.12
N TYR C 251 -4.35 9.78 -2.89
CA TYR C 251 -5.37 8.74 -2.85
C TYR C 251 -4.69 7.41 -2.58
N CYS C 252 -4.92 6.83 -1.41
CA CYS C 252 -4.14 5.69 -0.93
C CYS C 252 -5.03 4.47 -0.70
N ASN C 253 -4.73 3.39 -1.42
CA ASN C 253 -5.51 2.16 -1.31
C ASN C 253 -5.40 1.54 0.08
N THR C 254 -6.55 1.26 0.69
CA THR C 254 -6.57 0.69 2.03
C THR C 254 -7.07 -0.76 2.06
N SER C 255 -7.04 -1.46 0.92
CA SER C 255 -7.47 -2.85 0.88
C SER C 255 -6.70 -3.73 1.87
N ASP C 256 -5.45 -3.41 2.12
CA ASP C 256 -4.67 -4.20 3.06
C ASP C 256 -4.82 -3.70 4.48
N LEU C 257 -5.51 -2.59 4.68
CA LEU C 257 -5.68 -2.03 6.02
C LEU C 257 -6.99 -2.45 6.65
N PHE C 258 -8.11 -2.27 5.94
CA PHE C 258 -9.41 -2.68 6.46
C PHE C 258 -9.70 -4.06 5.89
N ASN C 259 -9.14 -5.06 6.56
CA ASN C 259 -9.02 -6.43 6.03
C ASN C 259 -8.66 -7.31 7.24
N GLY C 260 -9.69 -7.79 7.92
CA GLY C 260 -9.42 -8.54 9.13
C GLY C 260 -10.71 -9.00 9.77
N THR C 261 -10.56 -9.98 10.67
CA THR C 261 -11.69 -10.52 11.41
C THR C 261 -11.40 -10.56 12.90
N TYR C 262 -12.38 -10.15 13.69
CA TYR C 262 -12.31 -10.20 15.15
C TYR C 262 -13.37 -11.24 15.51
N ARG C 263 -12.92 -12.47 15.81
CA ARG C 263 -13.84 -13.60 15.97
C ARG C 263 -14.31 -13.75 17.40
N ASN C 264 -13.37 -14.03 18.29
CA ASN C 264 -13.77 -14.70 19.51
C ASN C 264 -12.77 -14.22 20.54
N GLY C 265 -12.89 -12.92 20.88
CA GLY C 265 -11.91 -12.22 21.69
C GLY C 265 -10.59 -11.92 20.99
N THR C 266 -10.41 -12.34 19.73
CA THR C 266 -9.12 -12.22 19.05
C THR C 266 -9.29 -11.63 17.65
N TYR C 267 -8.35 -10.77 17.27
CA TYR C 267 -8.30 -10.20 15.92
C TYR C 267 -7.25 -10.91 15.07
N ASN C 268 -7.65 -11.36 13.88
CA ASN C 268 -6.81 -11.86 12.81
C ASN C 268 -6.70 -10.82 11.71
N HIS C 269 -5.49 -10.47 11.28
CA HIS C 269 -5.37 -9.53 10.18
C HIS C 269 -5.28 -10.31 8.85
N THR C 270 -6.32 -10.15 8.02
CA THR C 270 -6.40 -10.73 6.69
C THR C 270 -5.61 -9.96 5.63
N GLY C 271 -5.29 -8.69 5.86
CA GLY C 271 -4.56 -7.94 4.86
C GLY C 271 -3.13 -8.40 4.76
N ARG C 272 -2.51 -8.15 3.60
CA ARG C 272 -1.19 -8.72 3.38
C ARG C 272 -0.15 -7.69 3.79
N SER C 273 0.94 -8.16 4.41
CA SER C 273 2.02 -7.29 4.85
C SER C 273 3.35 -7.98 4.54
N SER C 274 4.43 -7.19 4.57
CA SER C 274 5.77 -7.74 4.41
C SER C 274 6.75 -6.95 5.27
N ASN C 275 7.62 -7.72 5.94
CA ASN C 275 8.55 -7.25 6.96
C ASN C 275 7.80 -6.57 8.10
N GLY C 276 6.56 -6.99 8.34
CA GLY C 276 5.77 -6.42 9.41
C GLY C 276 5.39 -4.98 9.17
N THR C 277 5.15 -4.63 7.91
CA THR C 277 4.83 -3.28 7.49
C THR C 277 3.75 -3.41 6.45
N ILE C 278 2.63 -2.71 6.64
CA ILE C 278 1.60 -2.63 5.62
C ILE C 278 1.95 -1.45 4.74
N THR C 279 1.94 -1.66 3.44
CA THR C 279 2.25 -0.61 2.49
C THR C 279 1.07 -0.36 1.58
N LEU C 280 0.67 0.90 1.50
CA LEU C 280 -0.48 1.35 0.75
C LEU C 280 0.01 1.99 -0.53
N GLN C 281 -0.49 1.52 -1.66
CA GLN C 281 -0.19 2.16 -2.93
C GLN C 281 -1.08 3.37 -3.14
N CYS C 282 -0.46 4.52 -3.39
CA CYS C 282 -1.13 5.80 -3.53
C CYS C 282 -0.90 6.36 -4.93
N LYS C 283 -1.82 7.24 -5.34
CA LYS C 283 -1.65 8.00 -6.55
C LYS C 283 -1.88 9.47 -6.17
N ILE C 284 -1.12 10.39 -6.75
CA ILE C 284 -1.42 11.81 -6.62
C ILE C 284 -2.29 12.21 -7.78
N LYS C 285 -3.44 12.82 -7.51
CA LYS C 285 -4.38 13.07 -8.59
C LYS C 285 -4.56 14.56 -8.85
N GLN C 286 -5.06 14.89 -10.05
CA GLN C 286 -5.27 16.30 -10.34
C GLN C 286 -6.74 16.64 -10.49
N ILE C 287 -7.58 15.68 -10.86
CA ILE C 287 -9.03 15.89 -10.91
C ILE C 287 -9.62 15.39 -9.60
N ILE C 288 -10.20 16.32 -8.83
CA ILE C 288 -10.64 16.09 -7.46
C ILE C 288 -12.14 16.29 -7.41
N ASN C 289 -12.85 15.31 -6.85
CA ASN C 289 -14.23 15.53 -6.43
C ASN C 289 -14.22 16.31 -5.12
N MET C 290 -14.91 17.44 -5.08
CA MET C 290 -14.72 18.40 -4.02
C MET C 290 -15.49 17.97 -2.78
N TRP C 291 -14.90 18.24 -1.60
CA TRP C 291 -15.64 18.02 -0.37
C TRP C 291 -16.49 19.21 0.03
N GLN C 292 -16.19 20.41 -0.52
CA GLN C 292 -16.93 21.62 -0.16
C GLN C 292 -18.32 21.67 -0.79
N GLU C 293 -18.46 21.23 -2.04
CA GLU C 293 -19.73 21.28 -2.74
C GLU C 293 -19.73 20.14 -3.74
N VAL C 294 -20.87 19.89 -4.36
CA VAL C 294 -20.88 18.89 -5.42
C VAL C 294 -20.20 19.51 -6.63
N GLY C 295 -19.01 19.01 -6.99
CA GLY C 295 -18.28 19.61 -8.08
C GLY C 295 -16.91 18.98 -8.21
N ARG C 296 -16.28 19.27 -9.35
CA ARG C 296 -14.89 18.89 -9.66
C ARG C 296 -13.94 20.07 -9.68
N ALA C 297 -12.72 19.83 -9.19
CA ALA C 297 -11.63 20.80 -9.21
C ALA C 297 -10.43 20.16 -9.88
N ILE C 298 -9.72 20.94 -10.69
CA ILE C 298 -8.55 20.47 -11.43
C ILE C 298 -7.37 21.33 -11.03
N TYR C 299 -6.28 20.66 -10.63
CA TYR C 299 -5.07 21.25 -10.09
C TYR C 299 -3.91 20.91 -11.02
N ALA C 300 -2.80 21.62 -10.85
CA ALA C 300 -1.62 21.40 -11.69
C ALA C 300 -0.86 20.15 -11.27
N PRO C 301 0.05 19.66 -12.10
CA PRO C 301 0.77 18.40 -11.78
C PRO C 301 1.66 18.57 -10.56
N PRO C 302 2.25 17.49 -10.04
CA PRO C 302 2.89 17.57 -8.73
C PRO C 302 4.17 18.39 -8.76
N ILE C 303 4.39 19.13 -7.69
CA ILE C 303 5.70 19.71 -7.42
C ILE C 303 6.77 18.64 -7.41
N GLU C 304 8.02 19.08 -7.59
CA GLU C 304 9.08 18.13 -7.79
C GLU C 304 9.76 17.73 -6.47
N GLY C 305 10.53 16.66 -6.53
CA GLY C 305 11.18 16.23 -5.31
C GLY C 305 10.31 15.30 -4.48
N GLU C 306 10.72 15.11 -3.23
CA GLU C 306 10.04 14.18 -2.34
C GLU C 306 8.89 14.88 -1.62
N ILE C 307 7.68 14.34 -1.76
CA ILE C 307 6.55 14.84 -1.00
C ILE C 307 6.30 13.83 0.10
N THR C 308 6.50 14.23 1.36
CA THR C 308 6.28 13.29 2.46
C THR C 308 5.50 13.93 3.58
N CYS C 309 4.52 13.18 4.12
CA CYS C 309 3.77 13.57 5.30
C CYS C 309 3.89 12.44 6.31
N ASN C 310 4.25 12.79 7.55
CA ASN C 310 4.38 11.84 8.64
C ASN C 310 3.22 12.14 9.57
N SER C 311 2.21 11.28 9.63
CA SER C 311 0.99 11.66 10.31
C SER C 311 0.66 10.65 11.39
N ASN C 312 -0.14 11.07 12.37
CA ASN C 312 -0.72 10.14 13.34
C ASN C 312 -2.18 9.88 12.97
N ILE C 313 -2.51 8.62 12.70
CA ILE C 313 -3.91 8.21 12.74
C ILE C 313 -4.39 8.30 14.18
N THR C 314 -5.39 9.16 14.41
CA THR C 314 -6.01 9.28 15.72
C THR C 314 -7.48 8.87 15.74
N GLY C 315 -8.06 8.51 14.61
CA GLY C 315 -9.46 8.07 14.62
C GLY C 315 -9.79 7.43 13.31
N LEU C 316 -10.94 6.77 13.27
CA LEU C 316 -11.40 6.12 12.05
C LEU C 316 -12.81 6.57 11.72
N LEU C 317 -13.16 6.56 10.44
CA LEU C 317 -14.54 6.75 10.00
C LEU C 317 -15.00 5.44 9.39
N LEU C 318 -16.08 4.85 9.93
CA LEU C 318 -16.54 3.52 9.54
C LEU C 318 -18.02 3.56 9.19
N LEU C 319 -18.44 2.59 8.39
CA LEU C 319 -19.84 2.39 8.02
C LEU C 319 -20.14 0.90 8.15
N ARG C 320 -21.23 0.59 8.84
CA ARG C 320 -21.72 -0.78 8.98
C ARG C 320 -22.58 -1.19 7.79
N ASP C 321 -22.39 -2.42 7.35
CA ASP C 321 -23.29 -3.06 6.39
C ASP C 321 -24.65 -3.42 7.00
N ASP C 330 -24.57 -14.21 13.87
CA ASP C 330 -24.31 -13.76 12.50
C ASP C 330 -23.11 -12.81 12.52
N THR C 331 -22.96 -11.95 11.50
CA THR C 331 -21.76 -11.13 11.39
C THR C 331 -22.13 -9.67 11.12
N GLU C 332 -21.41 -8.75 11.77
CA GLU C 332 -21.46 -7.33 11.44
C GLU C 332 -20.13 -6.95 10.81
N THR C 333 -20.19 -6.17 9.73
CA THR C 333 -19.00 -6.00 8.92
C THR C 333 -18.82 -4.50 8.68
N PHE C 334 -17.62 -3.97 8.96
CA PHE C 334 -17.37 -2.54 8.95
C PHE C 334 -16.38 -2.13 7.87
N ARG C 335 -16.75 -1.11 7.08
CA ARG C 335 -15.91 -0.62 6.01
C ARG C 335 -15.57 0.86 6.24
N PRO C 336 -14.44 1.31 5.76
CA PRO C 336 -14.08 2.72 5.98
C PRO C 336 -15.02 3.65 5.23
N GLY C 337 -15.34 4.78 5.87
CA GLY C 337 -16.19 5.78 5.26
C GLY C 337 -15.55 7.15 5.13
N GLY C 338 -16.39 8.17 5.12
CA GLY C 338 -15.95 9.54 4.96
C GLY C 338 -16.64 10.20 3.79
N GLY C 339 -16.33 11.48 3.59
CA GLY C 339 -16.86 12.20 2.46
C GLY C 339 -17.46 13.51 2.89
N ASP C 340 -18.02 13.53 4.10
CA ASP C 340 -18.63 14.71 4.69
C ASP C 340 -17.65 15.25 5.73
N MET C 341 -16.97 16.35 5.40
CA MET C 341 -15.87 16.81 6.24
C MET C 341 -16.38 17.32 7.59
N ARG C 342 -17.67 17.60 7.72
CA ARG C 342 -18.18 17.99 9.03
C ARG C 342 -17.96 16.90 10.08
N ASP C 343 -18.00 15.63 9.68
CA ASP C 343 -17.68 14.56 10.62
C ASP C 343 -16.25 14.73 11.16
N ASN C 344 -15.31 15.11 10.30
CA ASN C 344 -13.98 15.38 10.83
C ASN C 344 -14.02 16.47 11.90
N TRP C 345 -14.77 17.54 11.66
CA TRP C 345 -14.83 18.59 12.68
C TRP C 345 -15.54 18.07 13.93
N ARG C 346 -16.65 17.32 13.73
CA ARG C 346 -17.29 16.67 14.88
C ARG C 346 -16.30 15.93 15.76
N SER C 347 -15.34 15.24 15.14
CA SER C 347 -14.55 14.33 15.96
C SER C 347 -13.72 15.10 16.96
N GLU C 348 -13.56 16.40 16.73
CA GLU C 348 -12.82 17.26 17.64
C GLU C 348 -13.75 18.12 18.48
N LEU C 349 -14.91 18.49 17.93
CA LEU C 349 -15.79 19.43 18.61
C LEU C 349 -16.84 18.75 19.47
N TYR C 350 -16.80 17.42 19.58
CA TYR C 350 -17.88 16.68 20.22
C TYR C 350 -18.08 17.10 21.67
N LYS C 351 -17.04 17.61 22.34
CA LYS C 351 -17.13 17.86 23.78
C LYS C 351 -17.59 19.28 24.08
N TYR C 352 -17.89 20.10 23.08
CA TYR C 352 -18.11 21.52 23.27
C TYR C 352 -19.53 21.91 22.88
N LYS C 353 -20.05 22.92 23.57
CA LYS C 353 -21.34 23.50 23.23
C LYS C 353 -21.30 25.00 23.56
N VAL C 354 -22.03 25.80 22.79
CA VAL C 354 -22.10 27.24 23.03
C VAL C 354 -23.33 27.54 23.85
N VAL C 355 -23.20 28.46 24.81
CA VAL C 355 -24.29 28.63 25.77
C VAL C 355 -24.42 30.11 26.12
N GLU C 356 -25.67 30.50 26.37
CA GLU C 356 -26.09 31.76 26.99
C GLU C 356 -26.06 32.95 26.05
N LYS D 6 -4.31 7.85 -51.73
CA LYS D 6 -3.43 8.36 -52.77
C LYS D 6 -3.74 9.83 -53.03
N THR D 7 -4.96 10.23 -52.68
CA THR D 7 -5.47 11.58 -52.88
C THR D 7 -6.44 11.90 -51.76
N THR D 8 -6.96 13.13 -51.76
CA THR D 8 -7.90 13.56 -50.74
C THR D 8 -9.32 13.38 -51.26
N LEU D 9 -10.06 12.52 -50.59
CA LEU D 9 -11.46 12.17 -50.77
C LEU D 9 -12.40 13.22 -50.18
N PHE D 10 -13.67 13.13 -50.58
CA PHE D 10 -14.67 14.07 -50.09
C PHE D 10 -15.84 13.24 -49.59
N CYS D 11 -16.66 13.81 -48.72
CA CYS D 11 -17.76 13.05 -48.15
C CYS D 11 -19.10 13.50 -48.73
N ALA D 12 -20.00 12.54 -48.88
CA ALA D 12 -21.37 12.75 -49.29
C ALA D 12 -22.30 12.21 -48.21
N SER D 13 -23.46 12.86 -48.03
CA SER D 13 -24.39 12.45 -46.97
C SER D 13 -25.80 12.95 -47.28
N ASP D 14 -26.79 12.27 -46.71
CA ASP D 14 -28.14 12.75 -46.44
C ASP D 14 -28.28 13.75 -45.33
N ALA D 15 -27.24 14.45 -44.92
CA ALA D 15 -27.56 15.31 -43.78
C ALA D 15 -28.55 16.40 -44.20
N LYS D 16 -28.98 17.15 -43.21
CA LYS D 16 -30.16 17.97 -43.29
C LYS D 16 -29.80 19.30 -42.68
N ALA D 17 -29.86 20.35 -43.49
CA ALA D 17 -29.43 21.60 -42.90
C ALA D 17 -30.34 21.96 -41.74
N TYR D 18 -31.59 21.49 -41.75
CA TYR D 18 -32.52 21.62 -40.64
C TYR D 18 -32.36 20.69 -39.46
N GLU D 19 -31.77 19.52 -39.58
CA GLU D 19 -31.56 18.77 -38.37
C GLU D 19 -30.54 19.56 -37.57
N LYS D 20 -30.87 19.78 -36.30
CA LYS D 20 -29.91 20.23 -35.33
C LYS D 20 -29.19 19.05 -34.68
N GLU D 21 -29.37 17.83 -35.19
CA GLU D 21 -28.52 16.75 -34.71
C GLU D 21 -27.11 16.99 -35.24
N VAL D 22 -26.12 16.77 -34.39
CA VAL D 22 -24.81 17.36 -34.69
C VAL D 22 -24.11 16.67 -35.85
N HIS D 23 -24.31 15.37 -36.04
CA HIS D 23 -23.79 14.75 -37.26
C HIS D 23 -24.36 15.44 -38.50
N ASN D 24 -25.66 15.72 -38.50
CA ASN D 24 -26.29 16.42 -39.61
C ASN D 24 -25.67 17.79 -39.82
N VAL D 25 -25.53 18.58 -38.76
CA VAL D 25 -24.92 19.90 -38.89
C VAL D 25 -23.53 19.79 -39.50
N TRP D 26 -22.70 18.91 -38.94
CA TRP D 26 -21.34 18.83 -39.45
C TRP D 26 -21.33 18.45 -40.91
N ALA D 27 -22.16 17.47 -41.28
CA ALA D 27 -22.14 17.00 -42.67
C ALA D 27 -22.69 18.05 -43.64
N THR D 28 -23.60 18.90 -43.18
CA THR D 28 -24.09 19.94 -44.08
C THR D 28 -22.95 20.90 -44.42
N HIS D 29 -22.13 21.21 -43.42
CA HIS D 29 -20.94 22.05 -43.62
C HIS D 29 -19.88 21.32 -44.46
N ALA D 30 -19.72 20.02 -44.25
CA ALA D 30 -18.50 19.35 -44.70
C ALA D 30 -18.67 18.41 -45.86
N CYS D 31 -19.91 17.97 -46.14
CA CYS D 31 -20.15 16.96 -47.15
C CYS D 31 -21.04 17.52 -48.25
N VAL D 32 -21.04 16.83 -49.39
CA VAL D 32 -21.90 17.24 -50.50
C VAL D 32 -23.08 16.27 -50.52
N PRO D 33 -24.18 16.57 -51.19
CA PRO D 33 -25.28 15.61 -51.22
C PRO D 33 -24.90 14.36 -52.00
N THR D 34 -25.56 13.27 -51.64
CA THR D 34 -25.31 11.99 -52.27
C THR D 34 -26.04 11.88 -53.60
N ASP D 35 -25.43 11.15 -54.52
CA ASP D 35 -25.97 11.06 -55.85
C ASP D 35 -27.02 9.95 -55.89
N PRO D 36 -28.23 10.29 -56.36
CA PRO D 36 -29.43 9.45 -56.08
C PRO D 36 -29.37 8.07 -56.74
N ASN D 37 -28.80 7.95 -57.94
CA ASN D 37 -28.40 6.63 -58.45
C ASN D 37 -26.91 6.66 -58.76
N PRO D 38 -26.11 5.87 -58.09
CA PRO D 38 -24.68 5.84 -58.38
C PRO D 38 -24.28 4.77 -59.37
N GLN D 39 -23.21 5.01 -60.10
CA GLN D 39 -22.68 4.07 -61.07
C GLN D 39 -21.75 3.08 -60.37
N GLU D 40 -22.00 1.77 -60.52
CA GLU D 40 -21.01 0.79 -60.10
C GLU D 40 -20.41 0.28 -61.41
N MET D 41 -19.14 -0.01 -61.60
CA MET D 41 -18.97 -1.05 -62.62
C MET D 41 -18.42 -2.33 -62.09
N VAL D 42 -18.73 -3.40 -62.77
CA VAL D 42 -18.18 -4.69 -62.40
C VAL D 42 -17.00 -5.07 -63.29
N LEU D 43 -16.09 -5.87 -62.73
CA LEU D 43 -14.86 -6.30 -63.41
C LEU D 43 -14.29 -7.61 -62.84
N ALA D 44 -14.98 -8.73 -63.07
CA ALA D 44 -14.60 -10.00 -62.42
C ALA D 44 -13.32 -10.60 -62.97
N ASN D 45 -12.87 -10.17 -64.14
CA ASN D 45 -11.61 -10.68 -64.67
C ASN D 45 -10.42 -10.08 -63.94
N VAL D 46 -10.59 -8.92 -63.32
CA VAL D 46 -9.44 -8.05 -63.02
C VAL D 46 -8.56 -8.63 -61.93
N THR D 47 -9.16 -9.08 -60.82
CA THR D 47 -8.44 -9.41 -59.57
C THR D 47 -7.43 -8.33 -59.17
N GLU D 48 -7.65 -7.61 -58.07
CA GLU D 48 -6.53 -6.76 -57.65
C GLU D 48 -6.22 -7.07 -56.19
N ASN D 49 -5.22 -6.38 -55.65
CA ASN D 49 -4.84 -6.58 -54.26
C ASN D 49 -5.34 -5.46 -53.36
N PHE D 50 -5.51 -5.82 -52.08
CA PHE D 50 -6.13 -4.95 -51.11
C PHE D 50 -5.44 -5.17 -49.77
N ASN D 51 -5.38 -4.13 -48.94
CA ASN D 51 -4.90 -4.35 -47.58
C ASN D 51 -5.61 -3.40 -46.62
N MET D 52 -6.62 -3.93 -45.92
CA MET D 52 -7.43 -3.11 -45.03
C MET D 52 -6.61 -2.48 -43.91
N TRP D 53 -5.44 -3.04 -43.60
CA TRP D 53 -4.65 -2.56 -42.47
C TRP D 53 -3.75 -1.41 -42.84
N LYS D 54 -3.67 -1.08 -44.12
CA LYS D 54 -2.90 0.06 -44.61
C LYS D 54 -3.70 0.69 -45.76
N ASN D 55 -4.64 1.55 -45.38
CA ASN D 55 -5.64 2.16 -46.24
C ASN D 55 -5.77 3.63 -45.87
N ASP D 56 -5.31 4.51 -46.76
CA ASP D 56 -5.45 5.96 -46.60
C ASP D 56 -6.90 6.37 -46.32
N MET D 57 -7.88 5.64 -46.84
CA MET D 57 -9.26 6.02 -46.54
C MET D 57 -9.51 6.00 -45.04
N VAL D 58 -8.87 5.08 -44.34
CA VAL D 58 -9.09 4.98 -42.89
C VAL D 58 -8.57 6.25 -42.21
N GLU D 59 -7.38 6.73 -42.59
CA GLU D 59 -6.86 7.97 -42.01
C GLU D 59 -7.73 9.17 -42.32
N GLN D 60 -8.17 9.29 -43.58
CA GLN D 60 -9.00 10.44 -43.94
C GLN D 60 -10.29 10.44 -43.14
N MET D 61 -10.95 9.27 -43.02
CA MET D 61 -12.15 9.18 -42.18
C MET D 61 -11.85 9.51 -40.72
N HIS D 62 -10.77 8.97 -40.18
CA HIS D 62 -10.42 9.21 -38.79
C HIS D 62 -10.36 10.71 -38.53
N GLU D 63 -9.61 11.41 -39.38
CA GLU D 63 -9.53 12.86 -39.36
C GLU D 63 -10.91 13.51 -39.40
N ASP D 64 -11.78 13.06 -40.31
CA ASP D 64 -13.11 13.66 -40.36
C ASP D 64 -13.84 13.49 -39.04
N ILE D 65 -13.83 12.28 -38.47
CA ILE D 65 -14.64 12.02 -37.27
C ILE D 65 -14.07 12.78 -36.09
N ILE D 66 -12.74 12.89 -36.00
CA ILE D 66 -12.14 13.76 -35.00
C ILE D 66 -12.68 15.17 -35.12
N SER D 67 -12.70 15.70 -36.35
CA SER D 67 -13.21 17.05 -36.55
C SER D 67 -14.67 17.14 -36.15
N LEU D 68 -15.46 16.12 -36.50
CA LEU D 68 -16.88 16.13 -36.19
C LEU D 68 -17.09 16.13 -34.68
N TRP D 69 -16.24 15.42 -33.94
CA TRP D 69 -16.38 15.41 -32.49
C TRP D 69 -15.93 16.73 -31.84
N ASP D 70 -14.84 17.41 -32.30
CA ASP D 70 -14.67 18.85 -31.97
C ASP D 70 -15.89 19.71 -32.21
N GLU D 71 -16.32 19.86 -33.45
CA GLU D 71 -17.58 20.56 -33.65
C GLU D 71 -18.67 20.17 -32.65
N SER D 72 -18.85 18.89 -32.41
CA SER D 72 -20.14 18.45 -31.90
C SER D 72 -20.20 18.14 -30.41
N LEU D 73 -19.25 17.39 -29.86
CA LEU D 73 -19.24 17.06 -28.45
C LEU D 73 -18.08 17.78 -27.78
N LYS D 74 -18.24 19.07 -27.60
CA LYS D 74 -17.26 19.85 -26.88
C LYS D 74 -17.25 19.46 -25.40
N PRO D 75 -16.10 19.10 -24.85
CA PRO D 75 -15.98 18.90 -23.40
C PRO D 75 -15.94 20.22 -22.66
N CYS D 76 -16.46 20.20 -21.44
CA CYS D 76 -16.31 21.36 -20.58
C CYS D 76 -14.85 21.61 -20.31
N VAL D 77 -14.07 20.55 -20.12
CA VAL D 77 -12.63 20.72 -19.91
C VAL D 77 -11.92 19.66 -20.73
N LYS D 78 -10.84 20.03 -21.40
CA LYS D 78 -9.98 19.03 -22.05
C LYS D 78 -8.57 19.19 -21.48
N LEU D 79 -8.00 18.12 -20.92
CA LEU D 79 -6.59 18.11 -20.54
C LEU D 79 -5.76 17.28 -21.47
N THR D 80 -4.76 17.92 -22.09
CA THR D 80 -3.74 17.26 -22.88
C THR D 80 -2.39 17.83 -22.50
N GLY D 81 -1.44 16.96 -22.21
CA GLY D 81 -0.13 17.41 -21.78
C GLY D 81 -0.27 18.26 -20.55
N GLY D 82 0.37 19.43 -20.59
CA GLY D 82 0.24 20.35 -19.47
C GLY D 82 -1.09 21.08 -19.48
N SER D 83 -1.65 21.31 -20.66
CA SER D 83 -2.72 22.28 -20.81
C SER D 83 -4.08 21.73 -20.42
N ALA D 84 -4.91 22.61 -19.85
CA ALA D 84 -6.35 22.43 -19.76
C ALA D 84 -7.04 23.50 -20.59
N ILE D 85 -8.09 23.10 -21.30
CA ILE D 85 -8.76 23.89 -22.31
C ILE D 85 -10.20 23.88 -21.82
N THR D 86 -10.77 25.02 -21.56
CA THR D 86 -12.18 25.05 -21.17
C THR D 86 -13.08 25.74 -22.15
N GLN D 87 -14.31 25.23 -22.32
CA GLN D 87 -15.22 25.81 -23.30
C GLN D 87 -16.63 25.32 -23.01
N ALA D 88 -17.61 25.98 -23.62
CA ALA D 88 -18.99 25.63 -23.34
C ALA D 88 -19.26 24.20 -23.77
N CYS D 89 -20.02 23.46 -22.97
CA CYS D 89 -20.30 22.04 -23.24
C CYS D 89 -21.80 21.76 -23.19
N PRO D 90 -22.57 22.38 -24.08
CA PRO D 90 -24.03 22.18 -24.06
C PRO D 90 -24.36 20.73 -24.34
N LYS D 91 -25.53 20.30 -23.85
CA LYS D 91 -26.07 19.02 -24.26
C LYS D 91 -26.62 19.12 -25.69
N VAL D 92 -26.43 18.08 -26.50
CA VAL D 92 -26.79 18.16 -27.91
C VAL D 92 -27.61 16.94 -28.31
N SER D 93 -28.24 17.01 -29.49
CA SER D 93 -28.84 15.80 -30.03
C SER D 93 -27.78 15.13 -30.88
N PHE D 94 -27.63 13.83 -30.66
CA PHE D 94 -26.49 13.05 -31.12
C PHE D 94 -26.97 11.67 -31.52
N ASP D 95 -26.91 11.41 -32.81
CA ASP D 95 -27.29 10.16 -33.46
C ASP D 95 -26.55 10.01 -34.78
N PRO D 96 -25.57 9.11 -34.86
CA PRO D 96 -24.71 9.04 -36.06
C PRO D 96 -25.52 8.80 -37.33
N ILE D 97 -25.10 9.46 -38.40
CA ILE D 97 -25.71 9.30 -39.72
C ILE D 97 -24.66 8.70 -40.63
N PRO D 98 -25.06 8.03 -41.70
CA PRO D 98 -24.09 7.41 -42.60
C PRO D 98 -23.37 8.46 -43.43
N LEU D 99 -22.08 8.20 -43.68
CA LEU D 99 -21.22 9.08 -44.46
C LEU D 99 -20.64 8.26 -45.60
N HIS D 100 -20.62 8.82 -46.80
CA HIS D 100 -20.01 8.16 -47.95
C HIS D 100 -18.71 8.85 -48.29
N TYR D 101 -17.67 8.06 -48.54
CA TYR D 101 -16.39 8.62 -48.96
C TYR D 101 -16.24 8.44 -50.46
N CYS D 102 -15.90 9.54 -51.15
CA CYS D 102 -15.97 9.65 -52.60
C CYS D 102 -14.63 10.08 -53.16
N ALA D 103 -14.27 9.43 -54.29
CA ALA D 103 -13.03 9.70 -55.01
C ALA D 103 -13.21 10.95 -55.86
N PRO D 104 -12.26 11.87 -55.84
CA PRO D 104 -12.42 13.12 -56.61
C PRO D 104 -12.25 12.86 -58.10
N ALA D 105 -12.37 13.89 -58.94
CA ALA D 105 -12.25 13.70 -60.37
C ALA D 105 -10.86 13.18 -60.75
N GLY D 106 -10.84 12.14 -61.61
CA GLY D 106 -9.61 11.49 -62.02
C GLY D 106 -9.23 10.29 -61.19
N PHE D 107 -10.02 10.00 -60.17
CA PHE D 107 -9.75 9.01 -59.17
C PHE D 107 -10.97 8.13 -59.07
N ALA D 108 -10.77 6.85 -58.76
CA ALA D 108 -11.92 5.99 -58.54
C ALA D 108 -11.74 5.22 -57.25
N ILE D 109 -12.79 4.53 -56.82
CA ILE D 109 -12.69 3.66 -55.66
C ILE D 109 -13.01 2.26 -56.15
N LEU D 110 -12.07 1.33 -55.99
CA LEU D 110 -12.39 -0.06 -56.27
C LEU D 110 -12.96 -0.74 -55.04
N LYS D 111 -14.02 -1.52 -55.27
CA LYS D 111 -14.64 -2.32 -54.23
C LYS D 111 -14.39 -3.80 -54.52
N CYS D 112 -13.97 -4.53 -53.49
CA CYS D 112 -13.83 -5.98 -53.58
C CYS D 112 -15.20 -6.62 -53.37
N ASN D 113 -15.65 -7.38 -54.38
CA ASN D 113 -16.98 -7.99 -54.37
C ASN D 113 -16.96 -9.41 -53.82
N ASN D 114 -15.79 -9.98 -53.51
CA ASN D 114 -15.75 -11.34 -52.97
C ASN D 114 -16.33 -11.31 -51.57
N LYS D 115 -17.38 -12.11 -51.35
CA LYS D 115 -18.20 -11.98 -50.16
C LYS D 115 -17.45 -12.41 -48.90
N THR D 116 -16.40 -13.23 -49.08
CA THR D 116 -15.62 -13.82 -48.00
C THR D 116 -14.24 -13.23 -47.89
N PHE D 117 -13.95 -12.17 -48.63
CA PHE D 117 -12.66 -11.48 -48.51
C PHE D 117 -12.34 -11.07 -47.08
N ASN D 118 -11.13 -11.41 -46.66
CA ASN D 118 -10.74 -11.20 -45.27
C ASN D 118 -10.05 -9.85 -45.03
N GLY D 119 -9.95 -9.00 -46.07
CA GLY D 119 -9.36 -7.69 -45.96
C GLY D 119 -7.96 -7.57 -46.51
N THR D 120 -7.34 -8.70 -46.83
CA THR D 120 -5.95 -8.82 -47.25
C THR D 120 -5.80 -9.67 -48.50
N GLY D 121 -4.93 -9.21 -49.40
CA GLY D 121 -4.49 -10.02 -50.50
C GLY D 121 -5.27 -9.77 -51.77
N PRO D 122 -5.33 -10.77 -52.64
CA PRO D 122 -6.01 -10.62 -53.93
C PRO D 122 -7.49 -10.95 -53.87
N CYS D 123 -8.26 -10.18 -54.66
CA CYS D 123 -9.70 -10.25 -54.76
C CYS D 123 -10.07 -10.39 -56.24
N ARG D 124 -10.83 -11.43 -56.59
CA ARG D 124 -11.05 -11.70 -58.01
C ARG D 124 -12.09 -10.77 -58.61
N ASN D 125 -13.26 -10.69 -58.01
CA ASN D 125 -14.35 -9.88 -58.56
C ASN D 125 -14.20 -8.46 -57.97
N VAL D 126 -14.03 -7.46 -58.83
CA VAL D 126 -13.78 -6.08 -58.41
C VAL D 126 -14.71 -5.14 -59.16
N SER D 127 -15.09 -4.06 -58.51
CA SER D 127 -15.92 -3.01 -59.07
C SER D 127 -15.21 -1.66 -58.98
N THR D 128 -15.65 -0.70 -59.80
CA THR D 128 -15.30 0.71 -59.62
C THR D 128 -16.53 1.49 -59.20
N VAL D 129 -16.36 2.45 -58.29
CA VAL D 129 -17.46 3.26 -57.78
C VAL D 129 -16.96 4.67 -57.50
N GLN D 130 -17.91 5.61 -57.58
CA GLN D 130 -17.75 6.96 -57.03
C GLN D 130 -17.36 6.92 -55.56
N CYS D 131 -18.19 6.27 -54.76
CA CYS D 131 -18.26 6.45 -53.33
C CYS D 131 -18.47 5.11 -52.66
N THR D 132 -18.01 5.02 -51.42
CA THR D 132 -18.30 3.89 -50.57
C THR D 132 -19.78 3.86 -50.23
N HIS D 133 -20.21 2.74 -49.66
CA HIS D 133 -21.52 2.73 -49.05
C HIS D 133 -21.57 3.70 -47.88
N GLY D 134 -22.75 3.83 -47.29
CA GLY D 134 -22.91 4.78 -46.21
C GLY D 134 -22.41 4.16 -44.92
N ILE D 135 -21.44 4.79 -44.25
CA ILE D 135 -20.83 4.25 -43.04
C ILE D 135 -21.18 5.15 -41.89
N LYS D 136 -21.89 4.61 -40.86
CA LYS D 136 -22.11 5.44 -39.68
C LYS D 136 -20.82 5.44 -38.84
N PRO D 137 -20.32 6.60 -38.46
CA PRO D 137 -19.07 6.68 -37.67
C PRO D 137 -19.30 6.44 -36.19
N VAL D 138 -19.52 5.18 -35.82
CA VAL D 138 -19.89 4.83 -34.46
C VAL D 138 -18.64 4.54 -33.64
N VAL D 139 -18.43 5.35 -32.60
CA VAL D 139 -17.27 5.21 -31.73
C VAL D 139 -17.63 4.24 -30.60
N SER D 140 -16.85 3.17 -30.43
CA SER D 140 -17.05 2.19 -29.37
C SER D 140 -15.81 1.32 -29.20
N THR D 141 -15.75 0.57 -28.09
CA THR D 141 -14.75 -0.47 -27.86
C THR D 141 -15.47 -1.80 -27.70
N GLN D 142 -14.72 -2.92 -27.78
CA GLN D 142 -15.30 -4.27 -27.60
C GLN D 142 -16.32 -4.68 -28.64
N LEU D 143 -17.44 -4.00 -28.74
CA LEU D 143 -18.43 -4.37 -29.74
C LEU D 143 -18.50 -3.33 -30.84
N LEU D 144 -18.55 -3.78 -32.09
CA LEU D 144 -18.82 -2.89 -33.21
C LEU D 144 -20.33 -2.82 -33.38
N LEU D 145 -20.88 -1.61 -33.41
CA LEU D 145 -22.32 -1.37 -33.36
C LEU D 145 -22.79 -0.78 -34.67
N ASN D 146 -23.95 -1.23 -35.14
CA ASN D 146 -24.63 -0.56 -36.25
C ASN D 146 -23.80 -0.61 -37.54
N GLY D 147 -22.91 -1.57 -37.68
CA GLY D 147 -22.17 -1.72 -38.92
C GLY D 147 -22.98 -2.49 -39.94
N SER D 148 -22.31 -2.90 -41.01
CA SER D 148 -22.94 -3.72 -42.03
C SER D 148 -22.46 -5.16 -41.88
N LEU D 149 -23.38 -6.10 -41.98
CA LEU D 149 -23.07 -7.49 -41.72
C LEU D 149 -22.37 -8.14 -42.93
N ALA D 150 -21.54 -9.14 -42.67
CA ALA D 150 -20.95 -9.93 -43.75
C ALA D 150 -22.06 -10.74 -44.42
N GLU D 151 -21.98 -10.92 -45.75
CA GLU D 151 -23.17 -11.41 -46.44
C GLU D 151 -23.28 -12.94 -46.40
N GLU D 152 -22.15 -13.63 -46.29
CA GLU D 152 -22.06 -15.08 -46.19
C GLU D 152 -21.52 -15.58 -44.86
N GLU D 153 -20.24 -15.84 -44.68
CA GLU D 153 -19.92 -16.36 -43.36
C GLU D 153 -19.35 -15.27 -42.45
N ILE D 154 -19.26 -15.59 -41.15
CA ILE D 154 -18.49 -14.77 -40.23
C ILE D 154 -17.06 -14.70 -40.74
N ILE D 155 -16.50 -13.48 -40.83
CA ILE D 155 -15.14 -13.29 -41.33
C ILE D 155 -14.23 -12.91 -40.17
N ILE D 156 -13.01 -13.45 -40.17
CA ILE D 156 -12.01 -13.12 -39.18
C ILE D 156 -10.95 -12.29 -39.88
N ARG D 157 -10.73 -11.05 -39.42
CA ARG D 157 -9.73 -10.17 -40.02
C ARG D 157 -8.65 -9.82 -39.01
N SER D 158 -7.40 -9.83 -39.46
CA SER D 158 -6.30 -9.45 -38.61
C SER D 158 -5.14 -9.08 -39.50
N GLU D 159 -4.35 -8.09 -39.08
CA GLU D 159 -3.16 -7.77 -39.83
C GLU D 159 -2.22 -8.96 -39.86
N ASN D 160 -2.25 -9.76 -38.78
CA ASN D 160 -1.35 -10.89 -38.54
C ASN D 160 -1.85 -11.75 -37.39
N LEU D 161 -2.59 -12.82 -37.69
CA LEU D 161 -3.18 -13.63 -36.62
C LEU D 161 -2.14 -14.26 -35.71
N THR D 162 -0.93 -14.46 -36.20
CA THR D 162 0.10 -15.09 -35.36
C THR D 162 0.62 -14.13 -34.32
N ASN D 163 0.50 -12.84 -34.60
CA ASN D 163 0.92 -11.78 -33.67
C ASN D 163 -0.22 -11.44 -32.72
N ASN D 164 -0.08 -11.85 -31.46
CA ASN D 164 -1.18 -11.70 -30.52
C ASN D 164 -1.49 -10.25 -30.17
N ALA D 165 -0.53 -9.35 -30.41
CA ALA D 165 -0.69 -7.90 -30.25
C ALA D 165 -1.52 -7.24 -31.34
N LYS D 166 -1.82 -7.92 -32.44
CA LYS D 166 -2.64 -7.32 -33.49
C LYS D 166 -4.11 -7.59 -33.25
N THR D 167 -4.89 -6.51 -33.29
CA THR D 167 -6.33 -6.61 -33.07
C THR D 167 -6.98 -7.53 -34.08
N ILE D 168 -7.94 -8.35 -33.62
CA ILE D 168 -8.78 -9.18 -34.49
C ILE D 168 -10.13 -8.52 -34.63
N ILE D 169 -10.62 -8.40 -35.86
CA ILE D 169 -11.97 -7.95 -36.13
C ILE D 169 -12.80 -9.15 -36.54
N VAL D 170 -13.85 -9.42 -35.81
CA VAL D 170 -14.82 -10.44 -36.20
C VAL D 170 -15.98 -9.72 -36.88
N HIS D 171 -16.24 -10.08 -38.13
CA HIS D 171 -17.34 -9.55 -38.91
C HIS D 171 -18.48 -10.57 -38.90
N LEU D 172 -19.56 -10.22 -38.27
CA LEU D 172 -20.69 -11.10 -38.03
C LEU D 172 -21.62 -11.11 -39.24
N ASN D 173 -22.23 -12.27 -39.52
CA ASN D 173 -23.22 -12.32 -40.61
C ASN D 173 -24.64 -12.17 -40.09
N GLU D 174 -24.81 -12.25 -38.80
CA GLU D 174 -26.08 -12.03 -38.11
C GLU D 174 -25.87 -11.16 -36.90
N SER D 175 -26.66 -10.08 -36.83
CA SER D 175 -26.55 -9.06 -35.79
C SER D 175 -27.16 -9.56 -34.49
N VAL D 176 -26.67 -9.01 -33.39
CA VAL D 176 -27.14 -9.35 -32.06
C VAL D 176 -27.64 -8.07 -31.42
N ASN D 177 -28.91 -8.02 -31.06
CA ASN D 177 -29.47 -6.81 -30.49
C ASN D 177 -28.86 -6.55 -29.11
N ILE D 178 -28.56 -5.28 -28.83
CA ILE D 178 -28.17 -4.87 -27.49
C ILE D 178 -28.97 -3.62 -27.16
N VAL D 179 -29.71 -3.65 -26.06
CA VAL D 179 -30.52 -2.50 -25.66
C VAL D 179 -29.94 -1.93 -24.38
N CYS D 180 -29.47 -0.69 -24.45
CA CYS D 180 -28.86 -0.06 -23.28
C CYS D 180 -29.70 1.13 -22.87
N THR D 181 -29.92 1.26 -21.56
CA THR D 181 -30.83 2.28 -21.07
C THR D 181 -30.38 2.71 -19.69
N ARG D 182 -30.45 4.03 -19.47
CA ARG D 182 -30.42 4.63 -18.15
C ARG D 182 -31.87 5.01 -17.89
N PRO D 183 -32.53 4.42 -16.92
CA PRO D 183 -33.97 4.64 -16.77
C PRO D 183 -34.29 5.98 -16.13
N ASN D 184 -35.40 6.54 -16.60
CA ASN D 184 -36.12 7.52 -15.83
C ASN D 184 -37.17 6.76 -15.07
N ASN D 193 -29.38 6.07 -8.37
CA ASN D 193 -28.20 6.75 -8.92
C ASN D 193 -28.36 6.89 -10.43
N ILE D 194 -27.93 8.02 -10.96
CA ILE D 194 -28.54 8.47 -12.19
C ILE D 194 -27.51 8.40 -13.32
N ARG D 195 -26.25 8.07 -12.94
CA ARG D 195 -25.20 7.34 -13.67
C ARG D 195 -25.50 5.86 -13.95
N GLN D 196 -26.40 5.22 -13.19
CA GLN D 196 -26.60 3.77 -13.32
C GLN D 196 -27.34 3.43 -14.61
N ALA D 197 -26.89 2.39 -15.32
CA ALA D 197 -27.62 1.96 -16.50
C ALA D 197 -27.41 0.47 -16.71
N HIS D 198 -28.03 -0.06 -17.76
CA HIS D 198 -27.83 -1.48 -18.00
C HIS D 198 -28.14 -1.77 -19.46
N CYS D 199 -27.56 -2.88 -19.94
CA CYS D 199 -27.81 -3.36 -21.30
C CYS D 199 -28.36 -4.77 -21.24
N ASN D 200 -29.29 -5.08 -22.12
CA ASN D 200 -29.83 -6.43 -22.23
C ASN D 200 -29.49 -7.01 -23.59
N ILE D 201 -28.98 -8.26 -23.57
CA ILE D 201 -28.72 -9.05 -24.76
C ILE D 201 -29.41 -10.41 -24.58
N ASN D 202 -30.09 -10.88 -25.61
CA ASN D 202 -30.73 -12.19 -25.56
C ASN D 202 -29.67 -13.30 -25.51
N GLU D 203 -29.65 -14.09 -24.45
CA GLU D 203 -28.61 -15.12 -24.32
C GLU D 203 -28.63 -16.15 -25.45
N SER D 204 -29.80 -16.46 -26.03
CA SER D 204 -29.83 -17.42 -27.13
C SER D 204 -28.95 -16.97 -28.28
N LYS D 205 -29.25 -15.81 -28.89
CA LYS D 205 -28.30 -15.23 -29.85
C LYS D 205 -26.88 -15.11 -29.38
N TRP D 206 -26.63 -14.53 -28.21
CA TRP D 206 -25.21 -14.38 -27.91
C TRP D 206 -24.55 -15.73 -27.96
N ASN D 207 -25.31 -16.75 -27.61
CA ASN D 207 -24.85 -18.10 -27.39
C ASN D 207 -24.53 -18.74 -28.75
N ASN D 208 -25.49 -18.69 -29.67
CA ASN D 208 -25.27 -19.04 -31.07
C ASN D 208 -24.02 -18.36 -31.61
N THR D 209 -24.01 -17.02 -31.59
CA THR D 209 -22.96 -16.30 -32.32
C THR D 209 -21.59 -16.66 -31.79
N LEU D 210 -21.44 -16.82 -30.46
CA LEU D 210 -20.10 -17.23 -30.05
C LEU D 210 -19.78 -18.67 -30.41
N GLN D 211 -20.78 -19.54 -30.52
CA GLN D 211 -20.49 -20.86 -31.07
C GLN D 211 -19.95 -20.74 -32.50
N LYS D 212 -20.48 -19.81 -33.26
CA LYS D 212 -20.16 -19.73 -34.68
C LYS D 212 -18.80 -19.02 -34.86
N VAL D 213 -18.58 -17.99 -34.05
CA VAL D 213 -17.29 -17.32 -33.96
C VAL D 213 -16.22 -18.30 -33.52
N GLY D 214 -16.51 -19.09 -32.49
CA GLY D 214 -15.57 -20.10 -32.04
C GLY D 214 -15.24 -21.11 -33.12
N GLU D 215 -16.22 -21.46 -33.96
CA GLU D 215 -15.94 -22.41 -35.03
C GLU D 215 -14.90 -21.82 -36.00
N GLU D 216 -15.15 -20.58 -36.46
CA GLU D 216 -14.19 -19.91 -37.35
C GLU D 216 -12.81 -19.74 -36.70
N LEU D 217 -12.79 -19.29 -35.46
CA LEU D 217 -11.53 -19.12 -34.77
C LEU D 217 -10.81 -20.46 -34.64
N ALA D 218 -11.58 -21.56 -34.55
CA ALA D 218 -10.97 -22.88 -34.49
C ALA D 218 -10.34 -23.25 -35.82
N LYS D 219 -11.02 -22.93 -36.92
CA LYS D 219 -10.41 -23.09 -38.23
C LYS D 219 -9.03 -22.44 -38.27
N HIS D 220 -8.85 -21.29 -37.62
CA HIS D 220 -7.51 -20.70 -37.68
C HIS D 220 -6.56 -21.18 -36.57
N PHE D 221 -7.07 -21.76 -35.50
CA PHE D 221 -6.26 -22.35 -34.43
C PHE D 221 -6.84 -23.72 -34.10
N PRO D 222 -6.47 -24.77 -34.83
CA PRO D 222 -7.28 -26.00 -34.79
C PRO D 222 -7.05 -26.91 -33.59
N SER D 223 -5.80 -27.08 -33.14
CA SER D 223 -5.57 -27.99 -32.01
C SER D 223 -6.24 -27.46 -30.74
N LYS D 224 -6.25 -26.15 -30.59
CA LYS D 224 -6.52 -25.52 -29.30
C LYS D 224 -8.01 -25.49 -28.96
N THR D 225 -8.29 -25.49 -27.66
CA THR D 225 -9.62 -25.12 -27.15
C THR D 225 -9.76 -23.60 -27.23
N ILE D 226 -10.96 -23.09 -27.55
CA ILE D 226 -11.14 -21.65 -27.78
C ILE D 226 -11.90 -21.05 -26.60
N LYS D 227 -11.27 -20.24 -25.74
CA LYS D 227 -12.08 -19.55 -24.75
C LYS D 227 -12.18 -18.04 -24.93
N PHE D 228 -13.30 -17.52 -24.44
CA PHE D 228 -13.64 -16.10 -24.38
C PHE D 228 -13.65 -15.69 -22.92
N GLU D 229 -12.88 -14.65 -22.58
CA GLU D 229 -12.77 -14.19 -21.21
C GLU D 229 -12.78 -12.66 -21.20
N PRO D 230 -13.13 -12.04 -20.08
CA PRO D 230 -13.21 -10.57 -20.05
C PRO D 230 -11.86 -9.90 -20.22
N SER D 231 -11.92 -8.61 -20.54
CA SER D 231 -10.71 -7.81 -20.66
C SER D 231 -9.95 -7.81 -19.35
N SER D 232 -8.65 -8.13 -19.44
CA SER D 232 -7.82 -8.25 -18.26
C SER D 232 -7.65 -6.91 -17.56
N GLY D 233 -7.12 -5.92 -18.28
CA GLY D 233 -6.82 -4.65 -17.65
C GLY D 233 -6.68 -3.53 -18.66
N GLY D 234 -6.46 -2.34 -18.13
CA GLY D 234 -6.34 -1.14 -18.95
C GLY D 234 -7.31 -0.08 -18.47
N ASP D 235 -7.41 1.00 -19.24
CA ASP D 235 -8.38 2.01 -18.88
C ASP D 235 -9.79 1.47 -19.04
N LEU D 236 -10.70 2.12 -18.34
CA LEU D 236 -12.07 1.65 -18.27
C LEU D 236 -12.73 1.66 -19.64
N GLU D 237 -12.30 2.57 -20.53
CA GLU D 237 -12.86 2.63 -21.87
C GLU D 237 -12.64 1.33 -22.65
N ILE D 238 -11.59 0.58 -22.36
CA ILE D 238 -11.34 -0.66 -23.09
C ILE D 238 -11.60 -1.91 -22.25
N THR D 239 -11.68 -1.80 -20.94
CA THR D 239 -12.06 -2.95 -20.14
C THR D 239 -13.55 -3.13 -20.03
N THR D 240 -14.32 -2.13 -20.48
CA THR D 240 -15.75 -2.22 -20.63
C THR D 240 -16.12 -1.89 -22.06
N HIS D 241 -17.35 -2.23 -22.42
CA HIS D 241 -17.91 -1.85 -23.70
C HIS D 241 -18.34 -0.40 -23.54
N SER D 242 -17.58 0.52 -24.11
CA SER D 242 -17.83 1.94 -23.95
C SER D 242 -18.31 2.51 -25.28
N PHE D 243 -19.25 3.45 -25.20
CA PHE D 243 -19.86 4.00 -26.41
C PHE D 243 -20.62 5.25 -26.01
N ASN D 244 -21.07 6.01 -27.00
CA ASN D 244 -21.81 7.25 -26.71
C ASN D 244 -23.28 7.05 -27.09
N CYS D 245 -24.18 7.17 -26.11
CA CYS D 245 -25.62 7.10 -26.45
C CYS D 245 -26.25 8.48 -26.26
N ARG D 246 -26.77 9.07 -27.33
CA ARG D 246 -27.50 10.36 -27.20
C ARG D 246 -26.64 11.37 -26.43
N GLY D 247 -25.35 11.46 -26.74
CA GLY D 247 -24.45 12.39 -26.05
C GLY D 247 -23.78 11.88 -24.78
N GLU D 248 -24.36 10.89 -24.10
CA GLU D 248 -23.79 10.44 -22.83
C GLU D 248 -22.83 9.27 -23.04
N PHE D 249 -21.74 9.23 -22.26
CA PHE D 249 -20.75 8.17 -22.40
C PHE D 249 -21.07 7.01 -21.47
N PHE D 250 -21.48 5.87 -22.06
CA PHE D 250 -21.78 4.65 -21.33
C PHE D 250 -20.55 3.74 -21.28
N TYR D 251 -20.32 3.16 -20.11
CA TYR D 251 -19.30 2.15 -19.82
C TYR D 251 -20.00 0.92 -19.27
N CYS D 252 -20.00 -0.18 -20.04
CA CYS D 252 -20.83 -1.34 -19.73
C CYS D 252 -19.98 -2.58 -19.50
N ASN D 253 -20.11 -3.17 -18.31
CA ASN D 253 -19.34 -4.34 -17.94
C ASN D 253 -19.71 -5.54 -18.81
N THR D 254 -18.70 -6.19 -19.40
CA THR D 254 -18.94 -7.33 -20.28
C THR D 254 -18.43 -8.64 -19.69
N SER D 255 -18.22 -8.70 -18.36
CA SER D 255 -17.75 -9.93 -17.73
C SER D 255 -18.68 -11.11 -17.99
N ASP D 256 -19.97 -10.85 -18.13
CA ASP D 256 -20.92 -11.93 -18.41
C ASP D 256 -21.06 -12.20 -19.88
N LEU D 257 -20.45 -11.37 -20.73
CA LEU D 257 -20.56 -11.54 -22.18
C LEU D 257 -19.39 -12.33 -22.76
N PHE D 258 -18.16 -11.92 -22.44
CA PHE D 258 -16.97 -12.63 -22.92
C PHE D 258 -16.55 -13.58 -21.81
N ASN D 259 -17.22 -14.73 -21.80
CA ASN D 259 -17.20 -15.66 -20.65
C ASN D 259 -17.76 -16.98 -21.18
N GLY D 260 -16.89 -17.81 -21.72
CA GLY D 260 -17.38 -19.02 -22.35
C GLY D 260 -16.24 -19.85 -22.90
N THR D 261 -16.55 -21.11 -23.16
CA THR D 261 -15.58 -22.04 -23.73
C THR D 261 -16.16 -22.77 -24.94
N TYR D 262 -15.38 -22.87 -25.99
CA TYR D 262 -15.73 -23.62 -27.19
C TYR D 262 -14.74 -24.78 -27.19
N ARG D 263 -15.21 -25.96 -26.76
CA ARG D 263 -14.32 -27.09 -26.52
C ARG D 263 -14.15 -27.96 -27.76
N ASN D 264 -15.23 -28.56 -28.20
CA ASN D 264 -15.08 -29.76 -28.98
C ASN D 264 -16.28 -29.74 -29.92
N GLY D 265 -16.25 -28.80 -30.85
CA GLY D 265 -17.40 -28.49 -31.70
C GLY D 265 -18.55 -27.80 -31.01
N THR D 266 -18.46 -27.53 -29.71
CA THR D 266 -19.59 -27.00 -28.95
C THR D 266 -19.16 -25.83 -28.07
N TYR D 267 -20.02 -24.81 -27.99
CA TYR D 267 -19.80 -23.66 -27.11
C TYR D 267 -20.65 -23.80 -25.84
N ASN D 268 -19.99 -23.63 -24.69
CA ASN D 268 -20.62 -23.49 -23.37
C ASN D 268 -20.52 -22.04 -22.92
N HIS D 269 -21.63 -21.44 -22.50
CA HIS D 269 -21.54 -20.07 -22.00
C HIS D 269 -21.34 -20.11 -20.48
N THR D 270 -20.17 -19.64 -20.03
CA THR D 270 -19.80 -19.52 -18.62
C THR D 270 -20.39 -18.27 -17.95
N GLY D 271 -20.77 -17.25 -18.71
CA GLY D 271 -21.30 -16.06 -18.10
C GLY D 271 -22.67 -16.29 -17.52
N ARG D 272 -23.06 -15.47 -16.53
CA ARG D 272 -24.28 -15.74 -15.83
C ARG D 272 -25.41 -14.96 -16.49
N SER D 273 -26.59 -15.58 -16.58
CA SER D 273 -27.76 -14.96 -17.18
C SER D 273 -28.99 -15.29 -16.34
N SER D 274 -30.06 -14.54 -16.55
CA SER D 274 -31.33 -14.83 -15.90
C SER D 274 -32.48 -14.49 -16.83
N ASN D 275 -33.45 -15.40 -16.87
CA ASN D 275 -34.58 -15.41 -17.80
C ASN D 275 -34.08 -15.43 -19.24
N GLY D 276 -32.92 -16.01 -19.46
CA GLY D 276 -32.36 -16.11 -20.81
C GLY D 276 -31.97 -14.76 -21.37
N THR D 277 -31.49 -13.86 -20.51
CA THR D 277 -31.12 -12.51 -20.88
C THR D 277 -29.85 -12.20 -20.12
N ILE D 278 -28.81 -11.78 -20.84
CA ILE D 278 -27.59 -11.30 -20.20
C ILE D 278 -27.78 -9.82 -19.97
N THR D 279 -27.52 -9.37 -18.75
CA THR D 279 -27.65 -7.97 -18.39
C THR D 279 -26.31 -7.41 -17.96
N LEU D 280 -25.94 -6.30 -18.59
CA LEU D 280 -24.66 -5.64 -18.37
C LEU D 280 -24.90 -4.43 -17.50
N GLN D 281 -24.18 -4.34 -16.39
CA GLN D 281 -24.23 -3.14 -15.58
C GLN D 281 -23.34 -2.05 -16.15
N CYS D 282 -23.93 -0.88 -16.39
CA CYS D 282 -23.27 0.26 -17.02
C CYS D 282 -23.21 1.43 -16.06
N LYS D 283 -22.25 2.32 -16.31
CA LYS D 283 -22.20 3.59 -15.62
C LYS D 283 -22.08 4.66 -16.70
N ILE D 284 -22.72 5.81 -16.51
CA ILE D 284 -22.49 6.96 -17.38
C ILE D 284 -21.41 7.80 -16.74
N LYS D 285 -20.35 8.11 -17.48
CA LYS D 285 -19.22 8.78 -16.86
C LYS D 285 -19.02 10.19 -17.40
N GLN D 286 -18.29 11.01 -16.63
CA GLN D 286 -18.06 12.37 -17.10
C GLN D 286 -16.59 12.61 -17.42
N ILE D 287 -15.67 11.89 -16.78
CA ILE D 287 -14.25 11.98 -17.11
C ILE D 287 -13.93 10.87 -18.11
N ILE D 288 -13.54 11.26 -19.32
CA ILE D 288 -13.38 10.37 -20.46
C ILE D 288 -11.92 10.39 -20.87
N ASN D 289 -11.30 9.21 -21.01
CA ASN D 289 -10.05 9.09 -21.73
C ASN D 289 -10.35 9.13 -23.21
N MET D 290 -9.70 10.05 -23.92
CA MET D 290 -10.13 10.39 -25.27
C MET D 290 -9.61 9.35 -26.26
N TRP D 291 -10.42 9.07 -27.29
CA TRP D 291 -9.95 8.22 -28.37
C TRP D 291 -9.21 9.01 -29.44
N GLN D 292 -9.41 10.34 -29.51
CA GLN D 292 -8.79 11.16 -30.54
C GLN D 292 -7.31 11.40 -30.29
N GLU D 293 -6.91 11.60 -29.03
CA GLU D 293 -5.52 11.87 -28.69
C GLU D 293 -5.30 11.37 -27.28
N VAL D 294 -4.05 11.36 -26.85
CA VAL D 294 -3.81 11.00 -25.46
C VAL D 294 -4.25 12.18 -24.59
N GLY D 295 -5.33 12.02 -23.84
CA GLY D 295 -5.84 13.12 -23.06
C GLY D 295 -7.15 12.74 -22.39
N ARG D 296 -7.55 13.59 -21.44
CA ARG D 296 -8.82 13.53 -20.74
C ARG D 296 -9.78 14.65 -21.10
N ALA D 297 -11.07 14.29 -21.19
CA ALA D 297 -12.15 15.23 -21.46
C ALA D 297 -13.19 15.10 -20.34
N ILE D 298 -13.73 16.23 -19.90
CA ILE D 298 -14.71 16.26 -18.82
C ILE D 298 -15.97 16.92 -19.36
N TYR D 299 -17.10 16.22 -19.18
CA TYR D 299 -18.41 16.57 -19.70
C TYR D 299 -19.36 16.82 -18.53
N ALA D 300 -20.50 17.45 -18.81
CA ALA D 300 -21.47 17.76 -17.78
C ALA D 300 -22.27 16.52 -17.39
N PRO D 301 -22.98 16.57 -16.26
CA PRO D 301 -23.74 15.38 -15.78
C PRO D 301 -24.85 15.01 -16.75
N PRO D 302 -25.51 13.86 -16.55
CA PRO D 302 -26.40 13.36 -17.59
C PRO D 302 -27.67 14.19 -17.72
N ILE D 303 -28.12 14.32 -18.96
CA ILE D 303 -29.46 14.81 -19.24
C ILE D 303 -30.50 13.96 -18.53
N GLU D 304 -31.68 14.53 -18.36
CA GLU D 304 -32.67 13.88 -17.51
C GLU D 304 -33.60 12.96 -18.32
N GLY D 305 -34.30 12.10 -17.61
CA GLY D 305 -35.18 11.19 -18.33
C GLY D 305 -34.47 9.91 -18.73
N GLU D 306 -35.12 9.18 -19.63
CA GLU D 306 -34.62 7.88 -20.06
C GLU D 306 -33.65 8.06 -21.22
N ILE D 307 -32.43 7.56 -21.07
CA ILE D 307 -31.48 7.53 -22.17
C ILE D 307 -31.43 6.10 -22.67
N THR D 308 -31.88 5.85 -23.90
CA THR D 308 -31.87 4.50 -24.41
C THR D 308 -31.34 4.44 -25.83
N CYS D 309 -30.49 3.45 -26.09
CA CYS D 309 -29.99 3.17 -27.44
C CYS D 309 -30.29 1.71 -27.72
N ASN D 310 -30.90 1.44 -28.88
CA ASN D 310 -31.23 0.08 -29.32
C ASN D 310 -30.28 -0.19 -30.49
N SER D 311 -29.30 -1.05 -30.30
CA SER D 311 -28.24 -1.14 -31.30
C SER D 311 -28.11 -2.57 -31.78
N ASN D 312 -27.53 -2.74 -32.97
CA ASN D 312 -27.13 -4.06 -33.45
C ASN D 312 -25.63 -4.24 -33.28
N ILE D 313 -25.22 -5.23 -32.49
CA ILE D 313 -23.86 -5.73 -32.59
C ILE D 313 -23.67 -6.37 -33.94
N THR D 314 -22.76 -5.82 -34.75
CA THR D 314 -22.41 -6.38 -36.03
C THR D 314 -20.97 -6.88 -36.13
N GLY D 315 -20.16 -6.70 -35.08
CA GLY D 315 -18.80 -7.19 -35.15
C GLY D 315 -18.19 -7.14 -33.77
N LEU D 316 -17.04 -7.80 -33.63
CA LEU D 316 -16.34 -7.82 -32.35
C LEU D 316 -14.89 -7.38 -32.55
N LEU D 317 -14.29 -6.79 -31.53
CA LEU D 317 -12.87 -6.53 -31.49
C LEU D 317 -12.26 -7.41 -30.41
N LEU D 318 -11.31 -8.27 -30.80
CA LEU D 318 -10.74 -9.28 -29.90
C LEU D 318 -9.22 -9.19 -29.90
N LEU D 319 -8.63 -9.68 -28.82
CA LEU D 319 -7.19 -9.80 -28.66
C LEU D 319 -6.88 -11.18 -28.10
N ARG D 320 -5.94 -11.87 -28.73
CA ARG D 320 -5.47 -13.17 -28.27
C ARG D 320 -4.39 -13.03 -27.23
N ASP D 321 -4.45 -13.88 -26.21
CA ASP D 321 -3.37 -14.04 -25.24
C ASP D 321 -2.15 -14.76 -25.84
N ASP D 330 -3.39 -27.47 -26.41
CA ASP D 330 -3.37 -26.41 -25.41
C ASP D 330 -4.57 -25.49 -25.67
N THR D 331 -4.52 -24.24 -25.20
CA THR D 331 -5.69 -23.36 -25.28
C THR D 331 -5.31 -21.99 -25.83
N GLU D 332 -6.16 -21.45 -26.70
CA GLU D 332 -6.08 -20.05 -27.13
C GLU D 332 -7.27 -19.30 -26.53
N THR D 333 -7.00 -18.12 -26.00
CA THR D 333 -8.01 -17.48 -25.18
C THR D 333 -8.18 -16.04 -25.68
N PHE D 334 -9.42 -15.63 -25.95
CA PHE D 334 -9.69 -14.34 -26.60
C PHE D 334 -10.44 -13.38 -25.67
N ARG D 335 -9.95 -12.16 -25.58
CA ARG D 335 -10.56 -11.13 -24.75
C ARG D 335 -10.97 -9.94 -25.60
N PRO D 336 -11.99 -9.21 -25.21
CA PRO D 336 -12.41 -8.06 -26.01
C PRO D 336 -11.37 -6.96 -26.01
N GLY D 337 -11.21 -6.31 -27.16
CA GLY D 337 -10.28 -5.22 -27.29
C GLY D 337 -10.90 -3.90 -27.72
N GLY D 338 -10.11 -3.08 -28.38
CA GLY D 338 -10.53 -1.77 -28.82
C GLY D 338 -9.63 -0.69 -28.27
N GLY D 339 -9.93 0.54 -28.68
CA GLY D 339 -9.19 1.68 -28.17
C GLY D 339 -8.71 2.57 -29.28
N ASP D 340 -8.41 1.96 -30.43
CA ASP D 340 -7.96 2.66 -31.62
C ASP D 340 -9.13 2.71 -32.59
N MET D 341 -9.76 3.88 -32.71
CA MET D 341 -11.01 3.96 -33.45
C MET D 341 -10.80 3.72 -34.94
N ARG D 342 -9.57 3.79 -35.43
CA ARG D 342 -9.33 3.45 -36.84
C ARG D 342 -9.74 2.01 -37.16
N ASP D 343 -9.60 1.10 -36.20
CA ASP D 343 -10.08 -0.26 -36.43
C ASP D 343 -11.58 -0.26 -36.71
N ASN D 344 -12.34 0.57 -35.99
CA ASN D 344 -13.76 0.65 -36.32
C ASN D 344 -13.96 1.09 -37.76
N TRP D 345 -13.20 2.07 -38.24
CA TRP D 345 -13.36 2.49 -39.62
C TRP D 345 -12.90 1.38 -40.56
N ARG D 346 -11.76 0.73 -40.24
CA ARG D 346 -11.36 -0.45 -41.02
C ARG D 346 -12.48 -1.43 -41.22
N SER D 347 -13.29 -1.67 -40.19
CA SER D 347 -14.20 -2.79 -40.28
C SER D 347 -15.23 -2.53 -41.37
N GLU D 348 -15.37 -1.28 -41.78
CA GLU D 348 -16.29 -0.90 -42.83
C GLU D 348 -15.57 -0.63 -44.13
N LEU D 349 -14.33 -0.14 -44.07
CA LEU D 349 -13.63 0.29 -45.26
C LEU D 349 -12.76 -0.81 -45.86
N TYR D 350 -12.79 -2.01 -45.29
CA TYR D 350 -11.85 -3.06 -45.68
C TYR D 350 -11.94 -3.41 -47.17
N LYS D 351 -13.11 -3.20 -47.79
CA LYS D 351 -13.32 -3.68 -49.16
C LYS D 351 -12.95 -2.63 -50.20
N TYR D 352 -12.48 -1.46 -49.79
CA TYR D 352 -12.33 -0.32 -50.69
C TYR D 352 -10.87 0.08 -50.80
N LYS D 353 -10.52 0.59 -51.99
CA LYS D 353 -9.20 1.17 -52.22
C LYS D 353 -9.34 2.31 -53.22
N VAL D 354 -8.48 3.32 -53.09
CA VAL D 354 -8.50 4.47 -54.02
C VAL D 354 -7.47 4.23 -55.10
N VAL D 355 -7.80 4.58 -56.34
CA VAL D 355 -6.94 4.18 -57.43
C VAL D 355 -6.90 5.29 -58.48
N GLU D 356 -5.74 5.41 -59.12
CA GLU D 356 -5.47 6.18 -60.35
C GLU D 356 -5.34 7.65 -60.12
C1 NAG E . 32.20 11.73 8.15
C2 NAG E . 32.97 10.98 9.23
C3 NAG E . 34.46 10.97 8.89
C4 NAG E . 34.68 10.42 7.49
C5 NAG E . 33.80 11.17 6.50
C6 NAG E . 33.86 10.60 5.10
C7 NAG E . 31.80 11.13 11.36
C8 NAG E . 31.65 11.87 12.66
N2 NAG E . 32.74 11.58 10.53
O3 NAG E . 35.17 10.15 9.82
O4 NAG E . 36.04 10.60 7.11
O5 NAG E . 32.43 11.12 6.91
O6 NAG E . 33.03 11.36 4.24
O7 NAG E . 31.08 10.18 11.06
C1 NAG F . 9.40 26.43 18.53
C2 NAG F . 9.39 27.48 19.61
C3 NAG F . 7.99 27.63 20.17
C4 NAG F . 7.02 27.99 19.07
C5 NAG F . 7.06 26.89 18.01
C6 NAG F . 6.20 27.20 16.80
C7 NAG F . 11.36 28.01 20.96
C8 NAG F . 12.20 27.62 22.14
N2 NAG F . 10.32 27.21 20.69
O3 NAG F . 7.97 28.61 21.21
O4 NAG F . 5.69 28.05 19.59
O5 NAG F . 8.41 26.75 17.52
O6 NAG F . 6.72 28.29 16.05
O7 NAG F . 11.63 28.98 20.27
C1 NAG G . 15.78 7.06 11.66
C2 NAG G . 15.06 5.97 10.88
C3 NAG G . 15.01 4.68 11.69
C4 NAG G . 16.45 4.28 12.03
C5 NAG G . 17.20 5.45 12.69
C6 NAG G . 18.67 5.16 12.93
C7 NAG G . 12.67 6.81 11.06
C8 NAG G . 12.72 6.77 12.57
N2 NAG G . 13.75 6.38 10.38
O3 NAG G . 14.37 3.66 10.95
O4 NAG G . 16.43 3.15 12.92
O5 NAG G . 17.13 6.64 11.89
O6 NAG G . 19.52 5.89 12.04
O7 NAG G . 11.67 7.18 10.47
C1 NAG H . 18.80 17.96 38.70
C2 NAG H . 19.97 18.67 39.37
C3 NAG H . 20.79 17.69 40.19
C4 NAG H . 19.89 16.96 41.18
C5 NAG H . 18.75 16.30 40.44
C6 NAG H . 17.78 15.61 41.36
C7 NAG H . 20.97 20.63 38.30
C8 NAG H . 21.91 21.13 37.25
N2 NAG H . 20.83 19.31 38.38
O3 NAG H . 21.82 18.36 40.90
O4 NAG H . 20.65 15.97 41.88
O5 NAG H . 18.01 17.29 39.71
O6 NAG H . 16.46 16.14 41.20
O7 NAG H . 20.34 21.39 39.03
C1 NAG I . 18.37 8.56 36.86
C2 NAG I . 19.57 9.15 37.59
C3 NAG I . 19.57 8.71 39.07
C4 NAG I . 18.24 9.00 39.73
C5 NAG I . 17.09 8.43 38.91
C6 NAG I . 15.74 8.82 39.46
C7 NAG I . 21.93 9.44 36.96
C8 NAG I . 23.11 8.81 36.29
N2 NAG I . 20.81 8.72 36.96
O3 NAG I . 20.60 9.40 39.75
O4 NAG I . 18.21 8.41 41.03
O5 NAG I . 17.15 8.91 37.57
O6 NAG I . 15.00 9.58 38.52
O7 NAG I . 22.00 10.56 37.48
C1 NAG J . 40.94 12.89 15.77
C2 NAG J . 42.13 12.75 14.85
C3 NAG J . 43.38 13.18 15.56
C4 NAG J . 43.64 12.25 16.72
C5 NAG J . 42.43 12.09 17.66
C6 NAG J . 42.37 13.13 18.74
C7 NAG J . 41.49 10.85 13.49
C8 NAG J . 41.61 9.39 13.28
N2 NAG J . 42.23 11.36 14.46
O3 NAG J . 43.22 14.52 16.03
O4 NAG J . 44.02 10.97 16.23
O5 NAG J . 41.16 12.13 16.99
O6 NAG J . 42.53 12.50 20.00
O7 NAG J . 40.77 11.55 12.78
C17 Y2E K . 29.40 29.52 27.57
C20 Y2E K . 25.59 29.85 27.35
C22 Y2E K . 23.21 30.58 27.66
C24 Y2E K . 21.31 29.71 26.56
C26 Y2E K . 20.58 30.81 26.92
C28 Y2E K . 21.16 31.85 27.61
C02 Y2E K . 31.13 30.02 24.36
C04 Y2E K . 31.12 31.62 22.65
C05 Y2E K . 32.48 32.27 22.43
C06 Y2E K . 32.90 33.22 23.56
C11 Y2E K . 30.05 30.45 26.59
C12 Y2E K . 31.06 31.48 27.23
C14 Y2E K . 30.40 32.67 29.32
C19 Y2E K . 27.01 30.03 27.81
C23 Y2E K . 22.64 29.59 26.90
C29 Y2E K . 22.50 31.74 27.99
C32 Y2E K . 30.84 28.22 26.12
C33 Y2E K . 30.06 28.11 27.30
C34 Y2E K . 29.95 26.89 27.95
C35 Y2E K . 30.66 25.78 27.46
C36 Y2E K . 31.45 25.87 26.30
C37 Y2E K . 32.21 24.62 25.79
C39 Y2E K . 31.28 24.01 23.67
C40 Y2E K . 31.53 27.09 25.65
F07 Y2E K . 34.22 33.49 23.40
F08 Y2E K . 32.68 32.63 24.77
F09 Y2E K . 32.26 34.41 23.46
F25 Y2E K . 20.70 28.73 25.85
N10 Y2E K . 30.71 29.58 25.69
N13 Y2E K . 30.27 32.51 27.89
N15 Y2E K . 29.59 33.65 29.99
N16 Y2E K . 31.23 31.98 29.98
N18 Y2E K . 28.08 29.35 27.15
N21 Y2E K . 24.59 30.61 28.04
N38 Y2E K . 31.28 23.74 25.11
O01 Y2E K . 31.58 29.28 23.56
O03 Y2E K . 31.00 31.34 24.03
O30 Y2E K . 25.31 29.10 26.47
O31 Y2E K . 27.23 30.74 28.74
CL27 Y2E K . 18.89 30.91 26.42
C1 NAG L . 7.70 -35.03 -14.24
C2 NAG L . 6.33 -34.45 -14.56
C3 NAG L . 5.71 -35.19 -15.75
C4 NAG L . 6.69 -35.17 -16.93
C5 NAG L . 8.05 -35.69 -16.48
C6 NAG L . 9.09 -35.57 -17.56
C7 NAG L . 5.32 -33.53 -12.54
C8 NAG L . 4.41 -33.78 -11.38
N2 NAG L . 5.45 -34.55 -13.40
O3 NAG L . 4.51 -34.56 -16.15
O4 NAG L . 6.20 -36.02 -17.96
O5 NAG L . 8.52 -34.92 -15.37
O6 NAG L . 10.34 -36.08 -17.09
O7 NAG L . 5.92 -32.46 -12.70
C1 NAG M . 13.77 -35.04 14.16
C2 NAG M . 12.97 -35.68 15.29
C3 NAG M . 13.36 -35.04 16.62
C4 NAG M . 14.85 -35.20 16.85
C5 NAG M . 15.61 -34.55 15.70
C6 NAG M . 17.10 -34.74 15.79
C7 NAG M . 10.76 -36.65 14.94
C8 NAG M . 9.30 -36.39 14.81
N2 NAG M . 11.53 -35.57 15.09
O3 NAG M . 12.61 -35.62 17.67
O4 NAG M . 15.22 -34.54 18.06
O5 NAG M . 15.19 -35.14 14.45
O6 NAG M . 17.46 -36.10 15.58
O7 NAG M . 11.23 -37.78 14.89
C1 NAG N . 14.28 -22.91 -3.60
C2 NAG N . 15.26 -21.85 -4.08
C3 NAG N . 14.55 -20.51 -4.26
C4 NAG N . 13.39 -20.70 -5.24
C5 NAG N . 12.50 -21.88 -4.82
C6 NAG N . 11.42 -22.22 -5.82
C7 NAG N . 16.57 -21.47 -1.94
C8 NAG N . 15.32 -21.08 -1.19
N2 NAG N . 16.45 -21.76 -3.25
O3 NAG N . 15.46 -19.54 -4.75
O4 NAG N . 12.63 -19.51 -5.32
O5 NAG N . 13.26 -23.08 -4.59
O6 NAG N . 11.69 -23.44 -6.51
O7 NAG N . 17.67 -21.51 -1.39
C1 NAG O . -8.56 -26.76 14.38
C2 NAG O . -9.74 -27.73 14.30
C3 NAG O . -10.94 -27.02 13.70
C4 NAG O . -11.26 -25.76 14.47
C5 NAG O . -10.02 -24.87 14.51
C6 NAG O . -10.24 -23.62 15.32
C7 NAG O . -9.34 -30.12 14.04
C8 NAG O . -9.02 -31.23 13.10
N2 NAG O . -9.41 -28.90 13.51
O3 NAG O . -12.08 -27.89 13.72
O4 NAG O . -12.33 -25.06 13.83
O5 NAG O . -8.94 -25.59 15.12
O6 NAG O . -9.30 -23.54 16.38
O7 NAG O . -9.50 -30.32 15.24
C1 NAG P . -7.43 -18.94 8.95
C2 NAG P . -8.69 -19.80 8.83
C3 NAG P . -9.90 -19.05 9.40
C4 NAG P . -9.62 -18.54 10.81
C5 NAG P . -8.33 -17.75 10.85
C6 NAG P . -7.94 -17.36 12.26
C7 NAG P . -9.56 -21.25 7.04
C8 NAG P . -9.76 -21.39 5.56
N2 NAG P . -8.93 -20.13 7.43
O3 NAG P . -11.02 -19.92 9.42
O4 NAG P . -10.69 -17.70 11.22
O5 NAG P . -7.26 -18.53 10.32
O6 NAG P . -6.70 -17.93 12.63
O7 NAG P . -9.94 -22.10 7.84
C1 NAG Q . -3.51 -37.95 -15.47
C2 NAG Q . -3.48 -38.60 -16.84
C3 NAG Q . -4.77 -39.33 -17.09
C4 NAG Q . -5.92 -38.34 -17.11
C5 NAG Q . -5.96 -37.45 -15.87
C6 NAG Q . -6.73 -38.04 -14.72
C7 NAG Q . -2.13 -37.02 -18.10
C8 NAG Q . -2.12 -35.86 -19.02
N2 NAG Q . -3.31 -37.53 -17.81
O3 NAG Q . -4.95 -40.29 -16.05
O4 NAG Q . -5.84 -37.53 -18.27
O5 NAG Q . -4.68 -37.07 -15.36
O6 NAG Q . -7.88 -37.24 -14.47
O7 NAG Q . -1.09 -37.49 -17.63
C17 Y2E R . -5.11 -44.21 7.05
C20 Y2E R . -2.66 -42.87 9.68
C22 Y2E R . -1.46 -42.39 11.82
C24 Y2E R . 0.49 -41.08 12.07
C26 Y2E R . 0.70 -41.61 13.31
C28 Y2E R . -0.14 -42.58 13.82
C02 Y2E R . -3.53 -46.21 4.41
C04 Y2E R . -2.04 -48.02 4.30
C05 Y2E R . -2.62 -49.24 3.59
C06 Y2E R . -3.71 -49.95 4.38
C11 Y2E R . -4.64 -45.55 6.55
C12 Y2E R . -5.68 -46.71 6.73
C14 Y2E R . -6.91 -46.92 8.90
C19 Y2E R . -3.87 -43.54 9.05
C23 Y2E R . -0.57 -41.46 11.29
C29 Y2E R . -1.23 -42.98 13.05
C32 Y2E R . -4.87 -44.09 4.65
C33 Y2E R . -5.37 -43.35 5.74
C34 Y2E R . -5.93 -42.09 5.55
C35 Y2E R . -6.02 -41.57 4.26
C36 Y2E R . -5.54 -42.29 3.14
C37 Y2E R . -5.65 -41.68 1.73
C39 Y2E R . -3.45 -41.28 0.91
C40 Y2E R . -4.98 -43.55 3.35
F07 Y2E R . -4.34 -50.81 3.54
F08 Y2E R . -4.59 -49.05 4.89
F09 Y2E R . -3.18 -50.73 5.37
F25 Y2E R . 1.37 -40.15 11.61
N10 Y2E R . -4.37 -45.31 5.18
N13 Y2E R . -5.69 -47.09 8.14
N15 Y2E R . -6.90 -47.24 10.30
N16 Y2E R . -7.97 -46.52 8.34
N18 Y2E R . -4.01 -43.59 7.62
N21 Y2E R . -2.58 -42.92 11.11
N38 Y2E R . -4.61 -40.67 1.55
O01 Y2E R . -3.20 -45.98 3.30
O03 Y2E R . -3.08 -47.38 4.98
O30 Y2E R . -1.84 -42.34 9.01
O31 Y2E R . -4.69 -44.01 9.76
CL27 Y2E R . 2.12 -41.08 14.24
C1 NAG S . 5.49 -13.10 7.19
C2 NAG S . 4.62 -11.93 6.81
C3 NAG S . 5.20 -10.64 7.38
C4 NAG S . 5.33 -10.79 8.89
C5 NAG S . 6.18 -12.01 9.21
C6 NAG S . 6.33 -12.26 10.68
C7 NAG S . 3.35 -12.09 4.70
C8 NAG S . 2.16 -12.49 5.53
N2 NAG S . 4.48 -11.83 5.36
O3 NAG S . 4.36 -9.55 7.06
O4 NAG S . 5.87 -9.61 9.47
O5 NAG S . 5.58 -13.19 8.64
O6 NAG S . 5.05 -12.24 11.30
O7 NAG S . 3.28 -12.00 3.48
C1 NAG T . -24.15 7.42 23.81
C2 NAG T . -24.82 6.24 23.12
C3 NAG T . -26.34 6.36 23.25
C4 NAG T . -26.73 6.55 24.71
C5 NAG T . -25.94 7.70 25.32
C6 NAG T . -26.19 7.86 26.80
C7 NAG T . -23.41 5.38 21.35
C8 NAG T . -23.09 5.41 19.87
N2 NAG T . -24.42 6.16 21.74
O3 NAG T . -26.97 5.19 22.75
O4 NAG T . -28.12 6.86 24.79
O5 NAG T . -24.54 7.48 25.16
O6 NAG T . -25.43 8.94 27.30
O7 NAG T . -22.77 4.69 22.14
C1 NAG U . 0.27 15.83 10.51
C2 NAG U . 0.44 16.25 9.06
C3 NAG U . 1.91 16.13 8.67
C4 NAG U . 2.76 16.99 9.59
C5 NAG U . 2.55 16.53 11.03
C6 NAG U . 3.29 17.40 12.03
C7 NAG U . -1.34 16.02 7.40
C8 NAG U . -2.05 15.11 6.46
N2 NAG U . -0.37 15.47 8.15
O3 NAG U . 2.08 16.51 7.31
O4 NAG U . 4.14 16.82 9.26
O5 NAG U . 1.15 16.61 11.35
O6 NAG U . 2.72 18.70 12.11
O7 NAG U . -1.63 17.22 7.51
C1 NAG V . -7.64 1.96 24.93
C2 NAG V . -7.06 1.38 26.21
C3 NAG V . -6.97 -0.14 26.12
C4 NAG V . -8.37 -0.68 25.84
C5 NAG V . -9.00 0.02 24.61
C6 NAG V . -10.44 -0.38 24.37
C7 NAG V . -4.64 2.07 25.93
C8 NAG V . -4.52 1.32 24.63
N2 NAG V . -5.80 2.00 26.61
O3 NAG V . -6.46 -0.68 27.33
O4 NAG V . -8.31 -2.09 25.60
O5 NAG V . -8.96 1.44 24.76
O6 NAG V . -11.35 0.67 24.70
O7 NAG V . -3.69 2.70 26.40
C1 NAG W . -7.11 -1.38 -4.20
C2 NAG W . -8.18 -1.09 -5.25
C3 NAG W . -8.94 -2.37 -5.60
C4 NAG W . -7.97 -3.46 -6.01
C5 NAG W . -6.94 -3.66 -4.91
C6 NAG W . -5.90 -4.70 -5.27
C7 NAG W . -9.20 1.12 -5.37
C8 NAG W . -10.24 2.04 -4.80
N2 NAG W . -9.12 -0.08 -4.80
O3 NAG W . -9.85 -2.12 -6.65
O4 NAG W . -8.67 -4.67 -6.24
O5 NAG W . -6.25 -2.43 -4.66
O6 NAG W . -4.60 -4.13 -5.23
O7 NAG W . -8.47 1.45 -6.29
C1 NAG X . -7.28 -8.77 1.92
C2 NAG X . -8.37 -8.62 0.86
C3 NAG X . -8.22 -9.70 -0.21
C4 NAG X . -6.81 -9.73 -0.78
C5 NAG X . -5.78 -9.83 0.34
C6 NAG X . -4.36 -9.72 -0.15
C7 NAG X . -10.77 -8.10 0.99
C8 NAG X . -12.06 -8.36 1.73
N2 NAG X . -9.69 -8.72 1.46
O3 NAG X . -9.14 -9.44 -1.28
O4 NAG X . -6.65 -10.87 -1.62
O5 NAG X . -5.99 -8.77 1.28
O6 NAG X . -3.71 -8.59 0.39
O7 NAG X . -10.73 -7.37 0.00
C1 NAG Y . -31.91 4.67 15.58
C2 NAG Y . -33.20 4.97 16.29
C3 NAG Y . -34.34 4.98 15.32
C4 NAG Y . -34.51 3.61 14.71
C5 NAG Y . -33.21 3.04 14.12
C6 NAG Y . -32.98 3.44 12.70
C7 NAG Y . -32.80 3.96 18.47
C8 NAG Y . -33.00 2.77 19.33
N2 NAG Y . -33.39 3.92 17.27
O3 NAG Y . -34.07 5.93 14.30
O4 NAG Y . -34.99 2.70 15.70
O5 NAG Y . -32.02 3.41 14.85
O6 NAG Y . -33.02 2.29 11.87
O7 NAG Y . -32.13 4.92 18.83
C17 Y2E Z . -18.43 13.88 -1.24
C20 Y2E Z . -14.65 14.36 -0.74
C22 Y2E Z . -12.23 14.90 -1.08
C24 Y2E Z . -10.51 14.69 0.53
C26 Y2E Z . -9.70 15.50 -0.22
C28 Y2E Z . -10.16 16.06 -1.40
C02 Y2E Z . -20.49 15.82 1.13
C04 Y2E Z . -20.62 18.04 1.86
C05 Y2E Z . -21.96 18.69 1.58
C06 Y2E Z . -22.21 18.99 0.10
C11 Y2E Z . -19.15 15.17 -0.90
C12 Y2E Z . -20.04 15.74 -2.05
C14 Y2E Z . -19.10 15.80 -4.37
C19 Y2E Z . -16.02 14.26 -1.40
C23 Y2E Z . -11.80 14.39 0.13
C29 Y2E Z . -11.45 15.77 -1.82
C32 Y2E Z . -20.07 13.41 0.47
C33 Y2E Z . -19.17 12.77 -0.40
C34 Y2E Z . -19.05 11.38 -0.39
C35 Y2E Z . -19.85 10.63 0.48
C36 Y2E Z . -20.77 11.24 1.37
C37 Y2E Z . -21.62 10.37 2.31
C39 Y2E Z . -20.97 10.86 4.55
C40 Y2E Z . -20.87 12.63 1.34
F07 Y2E Z . -23.52 19.28 -0.04
F08 Y2E Z . -21.88 17.90 -0.66
F09 Y2E Z . -21.53 20.10 -0.32
F25 Y2E Z . -10.03 14.18 1.69
N10 Y2E Z . -19.94 14.81 0.23
N13 Y2E Z . -19.13 16.35 -3.04
N15 Y2E Z . -18.18 16.37 -5.32
N16 Y2E Z . -19.87 14.87 -4.72
N18 Y2E Z . -17.18 13.96 -0.62
N21 Y2E Z . -13.55 14.71 -1.59
N38 Y2E Z . -20.80 9.94 3.43
O01 Y2E Z . -21.07 15.54 2.11
O03 Y2E Z . -20.35 17.16 0.81
O30 Y2E Z . -14.52 14.12 0.41
O31 Y2E Z . -16.10 14.44 -2.56
CL27 Y2E Z . -8.07 15.86 0.37
C1 NAG AA . 0.42 -8.30 13.92
C2 NAG AA . 0.46 -9.83 14.01
C3 NAG AA . 1.86 -10.31 14.34
C4 NAG AA . 2.87 -9.81 13.31
C5 NAG AA . 2.84 -8.30 13.31
C6 NAG AA . 3.82 -7.74 12.30
C7 NAG AA . -1.72 -10.72 14.75
C8 NAG AA . -2.11 -10.82 13.30
N2 NAG AA . -0.49 -10.28 15.02
O3 NAG AA . 1.90 -11.73 14.32
O4 NAG AA . 4.16 -10.29 13.61
O5 NAG AA . 1.52 -7.82 12.97
O6 NAG AA . 3.85 -8.54 11.12
O7 NAG AA . -2.48 -11.07 15.65
C1 NAG BA . -6.23 -13.37 -45.38
C2 NAG BA . -5.42 -14.12 -44.35
C3 NAG BA . -3.95 -14.20 -44.79
C4 NAG BA . -3.86 -14.77 -46.20
C5 NAG BA . -4.78 -14.00 -47.14
C6 NAG BA . -4.84 -14.59 -48.52
C7 NAG BA . -6.42 -13.90 -42.14
C8 NAG BA . -6.44 -13.14 -40.85
N2 NAG BA . -5.52 -13.49 -43.04
O3 NAG BA . -3.21 -15.04 -43.91
O4 NAG BA . -2.53 -14.66 -46.68
O5 NAG BA . -6.12 -14.01 -46.63
O6 NAG BA . -5.71 -13.82 -49.34
O7 NAG BA . -7.19 -14.84 -42.37
C1 NAG CA . -27.65 2.34 -33.63
C2 NAG CA . -27.55 3.41 -32.57
C3 NAG CA . -28.91 3.63 -31.91
C4 NAG CA . -29.94 4.00 -32.95
C5 NAG CA . -30.01 2.89 -34.00
C6 NAG CA . -30.95 3.22 -35.14
C7 NAG CA . -25.46 3.88 -31.38
C8 NAG CA . -24.55 3.48 -30.26
N2 NAG CA . -26.55 3.12 -31.56
O3 NAG CA . -28.80 4.63 -30.90
O4 NAG CA . -31.21 4.13 -32.34
O5 NAG CA . -28.71 2.68 -34.57
O6 NAG CA . -30.44 4.27 -35.94
O7 NAG CA . -25.22 4.84 -32.10
C1 NAG DA . -22.52 -17.36 -40.61
C2 NAG DA . -23.33 -18.42 -41.31
C3 NAG DA . -23.35 -19.70 -40.48
C4 NAG DA . -21.93 -20.16 -40.23
C5 NAG DA . -21.08 -19.00 -39.65
C6 NAG DA . -19.61 -19.34 -39.52
C7 NAG DA . -25.66 -17.50 -40.97
C8 NAG DA . -25.50 -17.52 -39.47
N2 NAG DA . -24.66 -17.98 -41.71
O3 NAG DA . -24.09 -20.71 -41.16
O4 NAG DA . -21.91 -21.26 -39.32
O5 NAG DA . -21.17 -17.82 -40.46
O6 NAG DA . -18.81 -18.66 -40.47
O7 NAG DA . -26.69 -17.10 -41.50
C1 NAG EA . -17.12 -6.17 -14.05
C2 NAG EA . -15.87 -5.49 -13.48
C3 NAG EA . -15.03 -6.50 -12.70
C4 NAG EA . -15.87 -7.18 -11.64
C5 NAG EA . -17.10 -7.80 -12.28
C6 NAG EA . -18.03 -8.44 -11.28
C7 NAG EA . -14.89 -3.59 -14.66
C8 NAG EA . -14.01 -3.14 -15.78
N2 NAG EA . -15.06 -4.90 -14.54
O3 NAG EA . -13.93 -5.84 -12.09
O4 NAG EA . -15.12 -8.18 -10.98
O5 NAG EA . -17.86 -6.80 -12.98
O6 NAG EA . -19.33 -7.87 -11.36
O7 NAG EA . -15.43 -2.80 -13.90
C1 NAG FA . -18.02 -15.57 -15.69
C2 NAG FA . -16.74 -15.02 -15.05
C3 NAG FA . -16.66 -15.43 -13.58
C4 NAG FA . -17.93 -15.08 -12.82
C5 NAG FA . -19.16 -15.63 -13.54
C6 NAG FA . -20.45 -15.18 -12.92
C7 NAG FA . -14.44 -14.82 -15.86
C8 NAG FA . -13.33 -15.51 -16.60
N2 NAG FA . -15.58 -15.50 -15.77
O3 NAG FA . -15.55 -14.77 -12.98
O4 NAG FA . -17.89 -15.65 -11.52
O5 NAG FA . -19.16 -15.17 -14.90
O6 NAG FA . -21.23 -14.39 -13.81
O7 NAG FA . -14.30 -13.70 -15.38
C1 NAG GA . 3.08 -12.42 -38.45
C2 NAG GA . 4.19 -12.61 -39.45
C3 NAG GA . 5.50 -12.21 -38.84
C4 NAG GA . 5.81 -13.14 -37.68
C5 NAG GA . 4.68 -13.24 -36.66
C6 NAG GA . 4.74 -12.18 -35.59
C7 NAG GA . 3.38 -14.51 -40.73
C8 NAG GA . 3.44 -15.98 -40.92
N2 NAG GA . 4.20 -14.02 -39.81
O3 NAG GA . 5.42 -10.88 -38.38
O4 NAG GA . 6.12 -14.45 -38.17
O5 NAG GA . 3.36 -13.18 -37.23
O6 NAG GA . 4.95 -12.80 -34.33
O7 NAG GA . 2.64 -13.79 -41.39
C17 Y2E HA . -6.95 4.81 -26.12
C20 Y2E HA . -10.75 5.29 -26.07
C22 Y2E HA . -13.07 6.12 -25.61
C24 Y2E HA . -15.07 5.30 -26.55
C26 Y2E HA . -15.73 6.43 -26.16
C28 Y2E HA . -15.06 7.45 -25.53
C02 Y2E HA . -5.44 5.19 -29.46
C04 Y2E HA . -5.51 6.78 -31.19
C05 Y2E HA . -4.15 7.36 -31.53
C06 Y2E HA . -3.62 8.31 -30.45
C11 Y2E HA . -6.33 5.71 -27.17
C12 Y2E HA . -5.25 6.69 -26.63
C14 Y2E HA . -5.70 7.95 -24.51
C19 Y2E HA . -9.29 5.42 -25.72
C23 Y2E HA . -13.73 5.13 -26.31
C29 Y2E HA . -13.71 7.29 -25.25
C32 Y2E HA . -5.67 3.44 -27.66
C33 Y2E HA . -6.36 3.37 -26.43
C34 Y2E HA . -6.46 2.17 -25.74
C35 Y2E HA . -5.83 1.03 -26.26
C36 Y2E HA . -5.12 1.06 -27.48
C37 Y2E HA . -4.46 -0.22 -28.03
C39 Y2E HA . -5.56 -0.83 -30.05
C40 Y2E HA . -5.06 2.28 -28.17
F07 Y2E HA . -2.31 8.54 -30.72
F08 Y2E HA . -3.77 7.76 -29.22
F09 Y2E HA . -4.22 9.53 -30.52
F25 Y2E HA . -15.77 4.33 -27.21
N10 Y2E HA . -5.78 4.80 -28.10
N13 Y2E HA . -5.95 7.77 -25.93
N15 Y2E HA . -6.43 8.96 -23.81
N16 Y2E HA . -4.86 7.23 -23.89
N18 Y2E HA . -8.29 4.68 -26.46
N21 Y2E HA . -11.66 6.10 -25.33
N38 Y2E HA . -5.47 -1.08 -28.62
O01 Y2E HA . -5.07 4.42 -30.27
O03 Y2E HA . -5.55 6.52 -29.82
O30 Y2E HA . -11.11 4.54 -26.93
O31 Y2E HA . -8.98 6.13 -24.84
CL27 Y2E HA . -17.46 6.59 -26.55
#